data_1Y7X
#
_entry.id   1Y7X
#
_entity_poly.entity_id   1
_entity_poly.type   'polypeptide(L)'
_entity_poly.pdbx_seq_one_letter_code
;GSHMQVVLPNTALHLKALLDFEDKDGDKVVAGDEWLFEGPGTYIPRKEVEVVEIIQATIIRQNQALRLRARKECWDRDGK
ERVTGEEWLVTTVGAYLPAVFEEVLDLVDAVIL
;
_entity_poly.pdbx_strand_id   A
#
# COMPACT_ATOMS: atom_id res chain seq x y z
N GLY A 1 -12.56 16.89 -6.88
CA GLY A 1 -11.38 16.27 -6.23
C GLY A 1 -11.37 16.60 -4.73
N SER A 2 -10.70 15.80 -3.94
CA SER A 2 -10.66 16.09 -2.47
C SER A 2 -9.36 16.79 -2.10
N HIS A 3 -8.47 16.93 -3.04
CA HIS A 3 -7.17 17.61 -2.74
C HIS A 3 -6.50 16.96 -1.52
N MET A 4 -5.33 17.42 -1.17
CA MET A 4 -4.62 16.84 0.00
C MET A 4 -5.57 16.76 1.21
N GLN A 5 -5.50 15.69 1.96
CA GLN A 5 -6.40 15.57 3.15
C GLN A 5 -5.58 15.61 4.44
N VAL A 6 -6.09 15.05 5.50
CA VAL A 6 -5.35 15.05 6.78
C VAL A 6 -5.20 13.62 7.30
N VAL A 7 -4.24 13.37 8.16
CA VAL A 7 -4.04 11.98 8.67
C VAL A 7 -5.39 11.29 8.90
N LEU A 8 -5.73 10.37 8.04
CA LEU A 8 -7.03 9.65 8.19
C LEU A 8 -7.08 8.89 9.51
N PRO A 9 -8.25 8.41 9.82
CA PRO A 9 -8.45 7.64 11.07
C PRO A 9 -7.97 6.20 10.87
N ASN A 10 -6.70 6.03 10.63
CA ASN A 10 -6.15 4.66 10.42
C ASN A 10 -6.74 4.02 9.16
N THR A 11 -6.86 4.78 8.09
CA THR A 11 -7.41 4.20 6.83
C THR A 11 -6.36 4.29 5.72
N ALA A 12 -6.61 3.68 4.58
CA ALA A 12 -5.60 3.75 3.47
C ALA A 12 -6.29 3.79 2.12
N LEU A 13 -5.58 4.21 1.09
CA LEU A 13 -6.20 4.28 -0.27
C LEU A 13 -5.26 3.66 -1.32
N HIS A 14 -5.78 3.21 -2.42
CA HIS A 14 -4.93 2.60 -3.47
C HIS A 14 -4.49 3.66 -4.49
N LEU A 15 -3.20 3.81 -4.69
CA LEU A 15 -2.69 4.82 -5.67
C LEU A 15 -2.07 4.12 -6.88
N LYS A 16 -2.10 4.74 -8.03
CA LYS A 16 -1.47 4.10 -9.23
C LYS A 16 -0.27 4.93 -9.67
N ALA A 17 0.90 4.36 -9.64
CA ALA A 17 2.11 5.12 -10.05
C ALA A 17 2.22 5.16 -11.57
N LEU A 18 2.05 6.31 -12.15
CA LEU A 18 2.13 6.46 -13.62
C LEU A 18 3.46 7.12 -13.99
N LEU A 19 4.43 6.36 -14.44
CA LEU A 19 5.73 6.97 -14.80
C LEU A 19 6.54 6.02 -15.69
N ASP A 20 7.31 6.56 -16.60
CA ASP A 20 8.13 5.69 -17.49
C ASP A 20 9.48 5.42 -16.83
N PHE A 21 9.66 4.26 -16.26
CA PHE A 21 10.95 3.95 -15.61
C PHE A 21 11.67 2.84 -16.36
N GLU A 22 12.63 3.20 -17.18
CA GLU A 22 13.38 2.16 -17.96
C GLU A 22 14.74 1.91 -17.31
N ASP A 23 14.95 0.72 -16.80
CA ASP A 23 16.26 0.42 -16.14
C ASP A 23 16.92 -0.78 -16.83
N LYS A 24 18.20 -0.70 -17.08
CA LYS A 24 18.91 -1.84 -17.73
C LYS A 24 19.25 -2.91 -16.69
N ASP A 25 19.07 -2.61 -15.43
CA ASP A 25 19.39 -3.60 -14.37
C ASP A 25 18.50 -4.84 -14.52
N GLY A 26 17.34 -4.69 -15.08
CA GLY A 26 16.43 -5.86 -15.25
C GLY A 26 15.05 -5.53 -14.70
N ASP A 27 14.88 -4.35 -14.15
CA ASP A 27 13.55 -3.97 -13.59
C ASP A 27 13.13 -2.60 -14.10
N LYS A 28 12.01 -2.50 -14.74
CA LYS A 28 11.55 -1.18 -15.28
C LYS A 28 10.02 -1.12 -15.32
N VAL A 29 9.46 0.04 -15.06
CA VAL A 29 7.97 0.15 -15.09
C VAL A 29 7.54 1.05 -16.25
N VAL A 30 6.33 0.89 -16.72
CA VAL A 30 5.85 1.75 -17.84
C VAL A 30 4.45 2.26 -17.55
N ALA A 31 4.33 3.30 -16.78
CA ALA A 31 2.99 3.84 -16.44
C ALA A 31 1.99 2.71 -16.18
N GLY A 32 2.08 2.07 -15.05
CA GLY A 32 1.15 0.95 -14.75
C GLY A 32 1.40 0.38 -13.35
N ASP A 33 1.92 1.16 -12.44
CA ASP A 33 2.16 0.62 -11.07
C ASP A 33 1.02 1.03 -10.13
N GLU A 34 0.71 0.23 -9.15
CA GLU A 34 -0.38 0.59 -8.21
C GLU A 34 -0.13 -0.03 -6.82
N TRP A 35 -0.55 0.63 -5.77
CA TRP A 35 -0.32 0.07 -4.41
C TRP A 35 -1.24 0.72 -3.38
N LEU A 36 -1.27 0.19 -2.18
CA LEU A 36 -2.14 0.76 -1.11
C LEU A 36 -1.37 1.81 -0.30
N PHE A 37 -2.05 2.73 0.32
CA PHE A 37 -1.34 3.77 1.12
C PHE A 37 -2.03 3.95 2.48
N GLU A 38 -1.39 3.54 3.54
CA GLU A 38 -2.00 3.69 4.89
C GLU A 38 -1.73 5.09 5.45
N GLY A 39 -2.74 5.73 5.95
CA GLY A 39 -2.56 7.11 6.51
C GLY A 39 -2.19 8.10 5.40
N PRO A 40 -2.86 7.99 4.28
CA PRO A 40 -2.60 8.90 3.14
C PRO A 40 -3.23 10.28 3.37
N GLY A 41 -3.46 10.66 4.60
CA GLY A 41 -4.07 11.99 4.86
C GLY A 41 -3.30 13.06 4.10
N THR A 42 -2.00 13.02 4.12
CA THR A 42 -1.20 14.06 3.41
C THR A 42 -0.88 13.60 1.98
N TYR A 43 -1.74 12.80 1.40
CA TYR A 43 -1.48 12.33 0.00
C TYR A 43 -2.05 13.33 -1.00
N ILE A 44 -1.29 13.70 -2.00
CA ILE A 44 -1.79 14.65 -3.02
C ILE A 44 -1.68 14.02 -4.40
N PRO A 45 -2.61 14.36 -5.25
CA PRO A 45 -2.62 13.81 -6.63
C PRO A 45 -1.48 14.40 -7.46
N ARG A 46 -0.44 13.65 -7.67
CA ARG A 46 0.71 14.16 -8.47
C ARG A 46 0.83 13.38 -9.78
N LYS A 47 1.14 14.05 -10.86
CA LYS A 47 1.26 13.34 -12.17
C LYS A 47 2.00 11.99 -11.99
N GLU A 48 2.94 11.93 -11.09
CA GLU A 48 3.68 10.67 -10.88
C GLU A 48 2.71 9.51 -10.61
N VAL A 49 1.66 9.75 -9.88
CA VAL A 49 0.67 8.67 -9.60
C VAL A 49 -0.74 9.27 -9.54
N GLU A 50 -1.74 8.44 -9.43
CA GLU A 50 -3.14 8.99 -9.37
C GLU A 50 -3.99 8.18 -8.40
N VAL A 51 -4.82 8.84 -7.62
CA VAL A 51 -5.68 8.11 -6.65
C VAL A 51 -6.50 7.04 -7.39
N VAL A 52 -6.46 5.82 -6.93
CA VAL A 52 -7.23 4.74 -7.60
C VAL A 52 -8.43 4.36 -6.75
N GLU A 53 -8.20 3.94 -5.53
CA GLU A 53 -9.33 3.54 -4.65
C GLU A 53 -9.09 4.03 -3.22
N ILE A 54 -10.07 3.92 -2.37
CA ILE A 54 -9.89 4.38 -0.95
C ILE A 54 -10.42 3.29 -0.01
N ILE A 55 -9.87 3.19 1.18
CA ILE A 55 -10.35 2.13 2.12
C ILE A 55 -10.37 2.68 3.56
N GLN A 56 -11.45 2.47 4.26
CA GLN A 56 -11.55 2.97 5.67
C GLN A 56 -11.01 1.92 6.65
N ALA A 57 -11.01 2.23 7.93
CA ALA A 57 -10.50 1.25 8.93
C ALA A 57 -11.66 0.57 9.67
N THR A 58 -11.61 -0.74 9.81
CA THR A 58 -12.70 -1.45 10.52
C THR A 58 -12.52 -2.97 10.43
N ILE A 59 -11.45 -3.51 10.98
CA ILE A 59 -11.27 -4.99 10.91
C ILE A 59 -10.09 -5.46 11.79
N ILE A 60 -9.06 -4.67 11.95
CA ILE A 60 -7.91 -5.12 12.79
C ILE A 60 -8.19 -4.80 14.27
N ARG A 61 -7.27 -5.15 15.13
CA ARG A 61 -7.48 -4.87 16.59
C ARG A 61 -6.49 -3.82 17.08
N GLN A 62 -6.17 -3.84 18.35
CA GLN A 62 -5.21 -2.83 18.91
C GLN A 62 -3.77 -3.35 18.82
N ASN A 63 -3.59 -4.61 18.55
CA ASN A 63 -2.21 -5.17 18.46
C ASN A 63 -2.08 -6.12 17.27
N GLN A 64 -3.15 -6.71 16.83
CA GLN A 64 -3.06 -7.65 15.68
C GLN A 64 -2.39 -6.97 14.48
N ALA A 65 -1.46 -7.64 13.86
CA ALA A 65 -0.77 -7.05 12.68
C ALA A 65 -0.97 -7.97 11.47
N LEU A 66 -0.84 -7.44 10.28
CA LEU A 66 -1.05 -8.29 9.08
C LEU A 66 0.15 -8.21 8.14
N ARG A 67 0.88 -9.28 7.99
CA ARG A 67 2.05 -9.28 7.07
C ARG A 67 1.61 -9.73 5.68
N LEU A 68 1.81 -8.92 4.68
CA LEU A 68 1.38 -9.31 3.31
C LEU A 68 2.58 -9.38 2.36
N ARG A 69 2.48 -10.21 1.35
CA ARG A 69 3.61 -10.33 0.37
C ARG A 69 3.11 -10.01 -1.04
N ALA A 70 3.98 -9.58 -1.91
CA ALA A 70 3.53 -9.25 -3.30
C ALA A 70 3.05 -10.50 -4.04
N ARG A 71 2.16 -10.32 -4.98
CA ARG A 71 1.63 -11.49 -5.75
C ARG A 71 2.06 -11.39 -7.22
N LYS A 72 2.28 -10.19 -7.69
CA LYS A 72 2.71 -10.02 -9.11
C LYS A 72 4.18 -9.58 -9.15
N GLU A 73 4.43 -8.30 -9.22
CA GLU A 73 5.85 -7.80 -9.26
C GLU A 73 5.89 -6.34 -9.73
N CYS A 74 4.85 -5.58 -9.46
CA CYS A 74 4.84 -4.15 -9.91
C CYS A 74 4.26 -3.25 -8.82
N TRP A 75 3.75 -3.81 -7.76
CA TRP A 75 3.16 -2.98 -6.67
C TRP A 75 4.28 -2.38 -5.80
N ASP A 76 4.48 -1.09 -5.88
CA ASP A 76 5.54 -0.44 -5.07
C ASP A 76 4.96 0.07 -3.74
N ARG A 77 5.60 -0.21 -2.65
CA ARG A 77 5.07 0.25 -1.33
C ARG A 77 5.43 1.73 -1.10
N ASP A 78 6.70 2.04 -1.10
CA ASP A 78 7.13 3.45 -0.86
C ASP A 78 7.42 4.14 -2.19
N GLY A 79 6.97 3.59 -3.29
CA GLY A 79 7.22 4.21 -4.61
C GLY A 79 8.36 3.48 -5.32
N LYS A 80 8.68 2.29 -4.87
CA LYS A 80 9.78 1.51 -5.51
C LYS A 80 9.22 0.24 -6.15
N GLU A 81 8.85 0.30 -7.39
CA GLU A 81 8.30 -0.91 -8.07
C GLU A 81 9.14 -2.14 -7.70
N ARG A 82 8.66 -2.95 -6.80
CA ARG A 82 9.42 -4.18 -6.41
C ARG A 82 8.84 -5.41 -7.11
N VAL A 83 9.42 -6.56 -6.87
CA VAL A 83 8.91 -7.80 -7.52
C VAL A 83 8.00 -8.58 -6.57
N THR A 84 7.51 -9.71 -7.00
CA THR A 84 6.61 -10.52 -6.13
C THR A 84 7.32 -10.90 -4.83
N GLY A 85 8.63 -10.96 -4.85
CA GLY A 85 9.38 -11.33 -3.62
C GLY A 85 9.27 -10.22 -2.58
N GLU A 86 8.92 -9.04 -2.99
CA GLU A 86 8.80 -7.92 -2.02
C GLU A 86 7.53 -8.09 -1.18
N GLU A 87 7.61 -7.72 0.09
CA GLU A 87 6.41 -7.86 0.97
C GLU A 87 6.43 -6.77 2.05
N TRP A 88 5.28 -6.44 2.58
CA TRP A 88 5.24 -5.38 3.64
C TRP A 88 4.30 -5.80 4.77
N LEU A 89 4.51 -5.29 5.96
CA LEU A 89 3.65 -5.68 7.11
C LEU A 89 2.84 -4.47 7.61
N VAL A 90 1.57 -4.64 7.85
CA VAL A 90 0.75 -3.50 8.34
C VAL A 90 0.56 -3.60 9.86
N THR A 91 0.82 -2.53 10.56
CA THR A 91 0.66 -2.56 12.05
C THR A 91 -0.36 -1.51 12.48
N THR A 92 -1.54 -1.53 11.92
CA THR A 92 -2.57 -0.52 12.30
C THR A 92 -3.34 -0.99 13.53
N VAL A 93 -3.99 -0.07 14.21
CA VAL A 93 -4.76 -0.46 15.43
C VAL A 93 -6.26 -0.33 15.14
N GLY A 94 -6.85 -1.34 14.56
CA GLY A 94 -8.31 -1.26 14.25
C GLY A 94 -8.50 -0.60 12.88
N ALA A 95 -8.30 -1.34 11.82
CA ALA A 95 -8.45 -0.76 10.46
C ALA A 95 -8.61 -1.87 9.42
N TYR A 96 -8.05 -1.68 8.25
CA TYR A 96 -8.15 -2.70 7.17
C TYR A 96 -7.46 -2.17 5.91
N LEU A 97 -6.29 -2.66 5.61
CA LEU A 97 -5.57 -2.16 4.40
C LEU A 97 -5.38 -3.29 3.37
N PRO A 98 -6.36 -3.43 2.51
CA PRO A 98 -6.29 -4.47 1.46
C PRO A 98 -5.38 -4.00 0.32
N ALA A 99 -4.22 -4.57 0.20
CA ALA A 99 -3.29 -4.14 -0.89
C ALA A 99 -3.87 -4.46 -2.26
N VAL A 100 -3.09 -4.30 -3.30
CA VAL A 100 -3.60 -4.60 -4.68
C VAL A 100 -2.89 -5.84 -5.22
N PHE A 101 -1.58 -5.84 -5.26
CA PHE A 101 -0.85 -7.04 -5.76
C PHE A 101 -0.31 -7.85 -4.58
N GLU A 102 -0.29 -7.25 -3.41
CA GLU A 102 0.24 -7.98 -2.23
C GLU A 102 -0.89 -8.67 -1.45
N GLU A 103 -0.77 -9.95 -1.26
CA GLU A 103 -1.83 -10.69 -0.50
C GLU A 103 -1.35 -10.95 0.93
N VAL A 104 -2.24 -11.31 1.82
CA VAL A 104 -1.84 -11.57 3.23
C VAL A 104 -1.40 -13.03 3.39
N LEU A 105 -0.45 -13.27 4.24
CA LEU A 105 0.03 -14.67 4.46
C LEU A 105 -0.54 -15.22 5.78
N ASP A 106 -0.70 -14.38 6.76
CA ASP A 106 -1.24 -14.86 8.07
C ASP A 106 -1.50 -13.68 9.00
N LEU A 107 -1.72 -13.93 10.27
CA LEU A 107 -1.98 -12.82 11.23
C LEU A 107 -0.93 -12.84 12.35
N VAL A 108 -0.67 -11.72 12.95
CA VAL A 108 0.35 -11.69 14.05
C VAL A 108 -0.11 -10.79 15.21
N ASP A 109 -0.49 -11.40 16.31
CA ASP A 109 -0.93 -10.58 17.48
C ASP A 109 0.25 -9.83 18.10
N ALA A 110 0.21 -8.52 18.09
CA ALA A 110 1.34 -7.74 18.67
C ALA A 110 1.29 -7.79 20.20
N VAL A 111 2.35 -7.39 20.86
CA VAL A 111 2.36 -7.40 22.34
C VAL A 111 1.78 -6.10 22.89
N ILE A 112 0.87 -6.19 23.83
CA ILE A 112 0.27 -4.96 24.40
C ILE A 112 0.97 -4.59 25.71
N LEU A 113 1.48 -5.55 26.42
CA LEU A 113 2.18 -5.25 27.70
C LEU A 113 3.59 -5.82 27.68
N GLY A 1 -11.45 24.87 -1.51
CA GLY A 1 -10.91 23.80 -0.64
C GLY A 1 -9.64 23.23 -1.28
N SER A 2 -8.59 23.09 -0.52
CA SER A 2 -7.33 22.54 -1.09
C SER A 2 -7.62 21.24 -1.85
N HIS A 3 -6.65 20.71 -2.55
CA HIS A 3 -6.88 19.45 -3.31
C HIS A 3 -6.39 18.25 -2.50
N MET A 4 -6.12 18.45 -1.24
CA MET A 4 -5.64 17.31 -0.40
C MET A 4 -6.51 17.15 0.85
N GLN A 5 -6.04 16.41 1.82
CA GLN A 5 -6.83 16.23 3.07
C GLN A 5 -5.88 16.06 4.27
N VAL A 6 -6.38 15.58 5.37
CA VAL A 6 -5.50 15.41 6.57
C VAL A 6 -5.35 13.92 6.90
N VAL A 7 -4.54 13.60 7.88
CA VAL A 7 -4.34 12.17 8.26
C VAL A 7 -5.69 11.48 8.54
N LEU A 8 -5.81 10.24 8.16
CA LEU A 8 -7.09 9.51 8.42
C LEU A 8 -6.99 8.70 9.70
N PRO A 9 -8.10 8.22 10.16
CA PRO A 9 -8.13 7.39 11.38
C PRO A 9 -7.58 5.99 11.07
N ASN A 10 -6.30 5.90 10.82
CA ASN A 10 -5.69 4.58 10.48
C ASN A 10 -6.32 3.98 9.23
N THR A 11 -6.15 4.62 8.09
CA THR A 11 -6.73 4.09 6.83
C THR A 11 -5.76 4.28 5.67
N ALA A 12 -6.05 3.73 4.53
CA ALA A 12 -5.13 3.90 3.36
C ALA A 12 -5.94 4.00 2.06
N LEU A 13 -5.31 4.36 0.98
CA LEU A 13 -6.06 4.47 -0.31
C LEU A 13 -5.26 3.79 -1.44
N HIS A 14 -5.94 3.21 -2.40
CA HIS A 14 -5.21 2.54 -3.52
C HIS A 14 -4.97 3.53 -4.66
N LEU A 15 -3.74 3.66 -5.09
CA LEU A 15 -3.45 4.61 -6.21
C LEU A 15 -2.49 3.97 -7.21
N LYS A 16 -2.53 4.42 -8.44
CA LYS A 16 -1.62 3.85 -9.47
C LYS A 16 -0.47 4.81 -9.76
N ALA A 17 0.75 4.36 -9.60
CA ALA A 17 1.90 5.27 -9.87
C ALA A 17 2.22 5.28 -11.36
N LEU A 18 2.10 6.43 -11.97
CA LEU A 18 2.38 6.53 -13.43
C LEU A 18 3.71 7.25 -13.68
N LEU A 19 4.75 6.51 -13.96
CA LEU A 19 6.07 7.17 -14.22
C LEU A 19 7.03 6.15 -14.83
N ASP A 20 8.12 6.61 -15.38
CA ASP A 20 9.10 5.68 -16.02
C ASP A 20 10.23 5.34 -15.04
N PHE A 21 10.28 4.13 -14.56
CA PHE A 21 11.36 3.74 -13.62
C PHE A 21 12.16 2.57 -14.19
N GLU A 22 13.45 2.72 -14.31
CA GLU A 22 14.28 1.62 -14.86
C GLU A 22 15.49 1.37 -13.95
N ASP A 23 15.55 0.22 -13.34
CA ASP A 23 16.71 -0.08 -12.45
C ASP A 23 17.69 -1.02 -13.16
N LYS A 24 18.96 -0.76 -13.07
CA LYS A 24 19.97 -1.63 -13.74
C LYS A 24 19.90 -3.05 -13.19
N ASP A 25 19.41 -3.20 -11.99
CA ASP A 25 19.31 -4.57 -11.39
C ASP A 25 18.30 -5.41 -12.16
N GLY A 26 17.57 -4.80 -13.05
CA GLY A 26 16.56 -5.58 -13.84
C GLY A 26 15.18 -4.96 -13.65
N ASP A 27 14.82 -4.64 -12.43
CA ASP A 27 13.48 -4.03 -12.18
C ASP A 27 13.26 -2.84 -13.12
N LYS A 28 12.02 -2.46 -13.33
CA LYS A 28 11.75 -1.30 -14.23
C LYS A 28 10.23 -1.16 -14.44
N VAL A 29 9.67 -0.03 -14.09
CA VAL A 29 8.21 0.16 -14.27
C VAL A 29 7.95 1.18 -15.39
N VAL A 30 6.87 1.05 -16.10
CA VAL A 30 6.57 2.01 -17.19
C VAL A 30 5.13 2.53 -17.06
N ALA A 31 4.93 3.53 -16.25
CA ALA A 31 3.55 4.08 -16.07
C ALA A 31 2.56 2.94 -15.90
N GLY A 32 2.61 2.25 -14.80
CA GLY A 32 1.64 1.14 -14.58
C GLY A 32 1.81 0.55 -13.17
N ASP A 33 2.27 1.33 -12.24
CA ASP A 33 2.43 0.79 -10.85
C ASP A 33 1.15 1.00 -10.06
N GLU A 34 0.81 0.08 -9.18
CA GLU A 34 -0.43 0.23 -8.39
C GLU A 34 -0.21 -0.29 -6.97
N TRP A 35 -0.58 0.48 -5.97
CA TRP A 35 -0.38 0.01 -4.57
C TRP A 35 -1.27 0.80 -3.60
N LEU A 36 -1.28 0.41 -2.36
CA LEU A 36 -2.11 1.13 -1.36
C LEU A 36 -1.29 2.19 -0.65
N PHE A 37 -1.93 3.13 -0.03
CA PHE A 37 -1.17 4.20 0.69
C PHE A 37 -1.73 4.39 2.10
N GLU A 38 -0.97 4.01 3.10
CA GLU A 38 -1.47 4.15 4.51
C GLU A 38 -1.23 5.58 5.01
N GLY A 39 -2.13 6.11 5.78
CA GLY A 39 -1.96 7.49 6.29
C GLY A 39 -1.76 8.46 5.12
N PRO A 40 -2.56 8.31 4.10
CA PRO A 40 -2.46 9.19 2.91
C PRO A 40 -3.11 10.55 3.19
N GLY A 41 -3.37 10.88 4.42
CA GLY A 41 -4.00 12.20 4.72
C GLY A 41 -3.19 13.31 4.08
N THR A 42 -1.92 13.12 3.94
CA THR A 42 -1.06 14.18 3.33
C THR A 42 -0.70 13.81 1.88
N TYR A 43 -1.43 12.89 1.29
CA TYR A 43 -1.15 12.50 -0.11
C TYR A 43 -1.90 13.42 -1.07
N ILE A 44 -1.22 14.02 -1.99
CA ILE A 44 -1.91 14.92 -2.97
C ILE A 44 -1.96 14.25 -4.35
N PRO A 45 -3.06 14.43 -5.01
CA PRO A 45 -3.25 13.83 -6.36
C PRO A 45 -2.35 14.52 -7.40
N ARG A 46 -1.21 13.94 -7.68
CA ARG A 46 -0.30 14.56 -8.69
C ARG A 46 -0.10 13.62 -9.88
N LYS A 47 0.31 14.14 -11.00
CA LYS A 47 0.52 13.29 -12.21
C LYS A 47 1.34 12.05 -11.87
N GLU A 48 2.25 12.16 -10.92
CA GLU A 48 3.07 10.97 -10.56
C GLU A 48 2.20 9.72 -10.47
N VAL A 49 1.02 9.84 -9.91
CA VAL A 49 0.14 8.65 -9.81
C VAL A 49 -1.34 9.08 -9.86
N GLU A 50 -2.24 8.15 -10.02
CA GLU A 50 -3.68 8.50 -10.07
C GLU A 50 -4.44 7.75 -8.99
N VAL A 51 -5.15 8.46 -8.14
CA VAL A 51 -5.91 7.77 -7.06
C VAL A 51 -6.83 6.72 -7.67
N VAL A 52 -6.86 5.54 -7.13
CA VAL A 52 -7.73 4.48 -7.70
C VAL A 52 -8.87 4.15 -6.72
N GLU A 53 -8.56 3.92 -5.48
CA GLU A 53 -9.63 3.58 -4.49
C GLU A 53 -9.23 4.08 -3.10
N ILE A 54 -10.15 4.09 -2.17
CA ILE A 54 -9.82 4.54 -0.79
C ILE A 54 -10.31 3.48 0.21
N ILE A 55 -9.48 3.09 1.13
CA ILE A 55 -9.90 2.05 2.12
C ILE A 55 -9.82 2.58 3.56
N GLN A 56 -10.82 2.30 4.34
CA GLN A 56 -10.81 2.76 5.76
C GLN A 56 -10.33 1.63 6.67
N ALA A 57 -10.20 1.90 7.95
CA ALA A 57 -9.74 0.83 8.89
C ALA A 57 -10.95 0.08 9.45
N THR A 58 -10.86 -1.22 9.60
CA THR A 58 -12.02 -1.97 10.14
C THR A 58 -11.72 -3.46 10.25
N ILE A 59 -10.53 -3.85 10.63
CA ILE A 59 -10.26 -5.32 10.74
C ILE A 59 -9.04 -5.60 11.64
N ILE A 60 -7.84 -5.35 11.20
CA ILE A 60 -6.66 -5.64 12.07
C ILE A 60 -6.70 -4.77 13.33
N ARG A 61 -6.00 -5.17 14.36
CA ARG A 61 -5.99 -4.37 15.62
C ARG A 61 -4.61 -3.76 15.87
N GLN A 62 -4.39 -3.27 17.06
CA GLN A 62 -3.06 -2.66 17.38
C GLN A 62 -2.01 -3.76 17.59
N ASN A 63 -2.11 -4.48 18.67
CA ASN A 63 -1.10 -5.55 18.94
C ASN A 63 -1.12 -6.60 17.82
N GLN A 64 -2.27 -6.85 17.26
CA GLN A 64 -2.37 -7.86 16.16
C GLN A 64 -1.46 -7.47 14.98
N ALA A 65 -0.82 -8.44 14.37
CA ALA A 65 0.07 -8.13 13.22
C ALA A 65 -0.38 -8.94 12.00
N LEU A 66 -0.35 -8.36 10.83
CA LEU A 66 -0.78 -9.11 9.61
C LEU A 66 0.32 -9.07 8.54
N ARG A 67 0.97 -10.17 8.31
CA ARG A 67 2.04 -10.20 7.27
C ARG A 67 1.44 -10.59 5.93
N LEU A 68 1.80 -9.91 4.87
CA LEU A 68 1.22 -10.26 3.53
C LEU A 68 2.32 -10.31 2.46
N ARG A 69 2.13 -11.14 1.46
CA ARG A 69 3.15 -11.24 0.37
C ARG A 69 2.61 -10.56 -0.89
N ALA A 70 3.47 -10.27 -1.84
CA ALA A 70 2.98 -9.61 -3.09
C ALA A 70 2.39 -10.64 -4.05
N ARG A 71 1.13 -10.50 -4.36
CA ARG A 71 0.49 -11.47 -5.30
C ARG A 71 0.91 -11.13 -6.74
N LYS A 72 1.16 -9.88 -7.00
CA LYS A 72 1.59 -9.45 -8.35
C LYS A 72 2.78 -8.50 -8.23
N GLU A 73 3.57 -8.37 -9.27
CA GLU A 73 4.75 -7.46 -9.18
C GLU A 73 4.35 -6.01 -9.50
N CYS A 74 5.30 -5.12 -9.49
CA CYS A 74 5.01 -3.68 -9.78
C CYS A 74 4.30 -2.98 -8.59
N TRP A 75 3.76 -3.72 -7.67
CA TRP A 75 3.07 -3.08 -6.51
C TRP A 75 4.10 -2.50 -5.54
N ASP A 76 4.27 -1.21 -5.53
CA ASP A 76 5.25 -0.60 -4.59
C ASP A 76 4.59 -0.37 -3.22
N ARG A 77 5.17 -0.89 -2.18
CA ARG A 77 4.56 -0.71 -0.83
C ARG A 77 4.93 0.65 -0.26
N ASP A 78 6.20 0.91 -0.09
CA ASP A 78 6.62 2.23 0.47
C ASP A 78 7.16 3.13 -0.64
N GLY A 79 6.98 2.74 -1.87
CA GLY A 79 7.48 3.58 -2.99
C GLY A 79 8.54 2.80 -3.79
N LYS A 80 8.68 1.53 -3.52
CA LYS A 80 9.69 0.72 -4.25
C LYS A 80 9.01 -0.37 -5.09
N GLU A 81 9.06 -0.25 -6.39
CA GLU A 81 8.42 -1.29 -7.25
C GLU A 81 9.22 -2.59 -7.19
N ARG A 82 8.76 -3.55 -6.45
CA ARG A 82 9.50 -4.84 -6.34
C ARG A 82 8.75 -5.95 -7.07
N VAL A 83 9.28 -7.14 -7.09
CA VAL A 83 8.61 -8.26 -7.78
C VAL A 83 7.45 -8.80 -6.93
N THR A 84 6.69 -9.71 -7.46
CA THR A 84 5.55 -10.27 -6.67
C THR A 84 6.09 -11.13 -5.52
N GLY A 85 7.33 -11.51 -5.59
CA GLY A 85 7.91 -12.34 -4.49
C GLY A 85 8.10 -11.48 -3.25
N GLU A 86 8.21 -10.19 -3.43
CA GLU A 86 8.40 -9.29 -2.26
C GLU A 86 7.18 -9.37 -1.32
N GLU A 87 7.34 -8.97 -0.09
CA GLU A 87 6.19 -9.02 0.86
C GLU A 87 6.33 -7.91 1.90
N TRP A 88 5.24 -7.51 2.50
CA TRP A 88 5.32 -6.44 3.53
C TRP A 88 4.44 -6.81 4.73
N LEU A 89 4.83 -6.40 5.91
CA LEU A 89 4.02 -6.74 7.11
C LEU A 89 3.17 -5.55 7.55
N VAL A 90 1.90 -5.77 7.73
CA VAL A 90 0.99 -4.66 8.15
C VAL A 90 0.94 -4.58 9.67
N THR A 91 1.24 -3.45 10.23
CA THR A 91 1.20 -3.29 11.72
C THR A 91 0.39 -2.06 12.10
N THR A 92 -0.63 -1.74 11.34
CA THR A 92 -1.45 -0.55 11.65
C THR A 92 -2.38 -0.86 12.82
N VAL A 93 -2.76 0.13 13.58
CA VAL A 93 -3.66 -0.11 14.74
C VAL A 93 -5.12 0.08 14.33
N GLY A 94 -5.87 -0.98 14.26
CA GLY A 94 -7.31 -0.86 13.85
C GLY A 94 -7.38 -0.48 12.38
N ALA A 95 -7.16 -1.42 11.51
CA ALA A 95 -7.21 -1.12 10.04
C ALA A 95 -7.02 -2.39 9.21
N TYR A 96 -6.95 -2.24 7.92
CA TYR A 96 -6.77 -3.43 7.05
C TYR A 96 -5.44 -3.35 6.28
N LEU A 97 -5.28 -2.35 5.46
CA LEU A 97 -4.00 -2.22 4.69
C LEU A 97 -3.79 -3.48 3.84
N PRO A 98 -4.80 -3.82 3.08
CA PRO A 98 -4.74 -5.02 2.22
C PRO A 98 -3.87 -4.77 0.98
N ALA A 99 -3.36 -3.59 0.81
CA ALA A 99 -2.51 -3.31 -0.38
C ALA A 99 -3.26 -3.71 -1.66
N VAL A 100 -2.64 -3.54 -2.80
CA VAL A 100 -3.32 -3.93 -4.07
C VAL A 100 -2.85 -5.32 -4.49
N PHE A 101 -1.58 -5.49 -4.80
CA PHE A 101 -1.08 -6.83 -5.20
C PHE A 101 -0.52 -7.55 -3.97
N GLU A 102 -1.36 -7.91 -3.04
CA GLU A 102 -0.85 -8.59 -1.82
C GLU A 102 -1.79 -9.73 -1.38
N GLU A 103 -1.22 -10.78 -0.87
CA GLU A 103 -2.05 -11.93 -0.40
C GLU A 103 -1.58 -12.35 1.00
N VAL A 104 -2.43 -12.32 1.97
CA VAL A 104 -2.02 -12.70 3.35
C VAL A 104 -1.90 -14.21 3.50
N LEU A 105 -0.94 -14.66 4.27
CA LEU A 105 -0.78 -16.12 4.48
C LEU A 105 -1.41 -16.52 5.80
N ASP A 106 -1.51 -15.61 6.73
CA ASP A 106 -2.12 -15.93 8.05
C ASP A 106 -2.15 -14.68 8.93
N LEU A 107 -2.64 -14.80 10.13
CA LEU A 107 -2.69 -13.61 11.05
C LEU A 107 -1.91 -13.90 12.34
N VAL A 108 -1.34 -12.89 12.93
CA VAL A 108 -0.58 -13.11 14.20
C VAL A 108 -0.99 -12.07 15.25
N ASP A 109 -0.81 -12.38 16.51
CA ASP A 109 -1.19 -11.41 17.56
C ASP A 109 0.06 -10.84 18.25
N ALA A 110 0.32 -9.57 18.09
CA ALA A 110 1.50 -8.92 18.72
C ALA A 110 2.63 -9.92 19.00
N VAL A 111 2.94 -10.77 18.07
CA VAL A 111 4.03 -11.76 18.30
C VAL A 111 4.62 -12.24 16.96
N ILE A 112 5.85 -12.67 16.98
CA ILE A 112 6.50 -13.16 15.72
C ILE A 112 7.13 -14.54 15.95
N LEU A 113 6.61 -15.55 15.31
CA LEU A 113 7.19 -16.91 15.49
C LEU A 113 8.29 -17.17 14.45
N GLY A 1 -13.12 15.49 0.86
CA GLY A 1 -12.45 15.24 -0.46
C GLY A 1 -12.29 16.55 -1.21
N SER A 2 -12.03 16.48 -2.48
CA SER A 2 -11.86 17.73 -3.29
C SER A 2 -10.63 18.51 -2.81
N HIS A 3 -10.69 19.07 -1.64
CA HIS A 3 -9.53 19.85 -1.12
C HIS A 3 -8.43 18.89 -0.63
N MET A 4 -7.42 19.41 -0.01
CA MET A 4 -6.32 18.52 0.49
C MET A 4 -6.84 17.66 1.65
N GLN A 5 -6.16 16.59 1.95
CA GLN A 5 -6.63 15.70 3.05
C GLN A 5 -5.67 15.76 4.25
N VAL A 6 -6.19 15.88 5.44
CA VAL A 6 -5.31 15.93 6.64
C VAL A 6 -4.78 14.52 6.93
N VAL A 7 -4.84 14.07 8.16
CA VAL A 7 -4.34 12.70 8.48
C VAL A 7 -5.54 11.77 8.73
N LEU A 8 -5.39 10.51 8.47
CA LEU A 8 -6.51 9.56 8.70
C LEU A 8 -6.29 8.76 9.98
N PRO A 9 -7.36 8.26 10.51
CA PRO A 9 -7.28 7.45 11.76
C PRO A 9 -6.70 6.07 11.47
N ASN A 10 -7.22 5.39 10.47
CA ASN A 10 -6.70 4.03 10.14
C ASN A 10 -7.15 3.62 8.74
N THR A 11 -7.38 4.56 7.87
CA THR A 11 -7.83 4.20 6.50
C THR A 11 -6.68 4.37 5.49
N ALA A 12 -6.72 3.60 4.43
CA ALA A 12 -5.66 3.70 3.40
C ALA A 12 -6.33 3.76 2.02
N LEU A 13 -5.60 4.14 1.01
CA LEU A 13 -6.24 4.21 -0.34
C LEU A 13 -5.34 3.56 -1.39
N HIS A 14 -5.92 3.06 -2.44
CA HIS A 14 -5.11 2.41 -3.51
C HIS A 14 -4.75 3.46 -4.58
N LEU A 15 -3.53 3.47 -5.03
CA LEU A 15 -3.13 4.47 -6.06
C LEU A 15 -2.23 3.83 -7.11
N LYS A 16 -2.23 4.35 -8.30
CA LYS A 16 -1.38 3.77 -9.39
C LYS A 16 -0.30 4.77 -9.77
N ALA A 17 0.94 4.42 -9.59
CA ALA A 17 2.05 5.36 -9.95
C ALA A 17 2.26 5.35 -11.46
N LEU A 18 2.09 6.49 -12.08
CA LEU A 18 2.30 6.58 -13.55
C LEU A 18 3.65 7.24 -13.84
N LEU A 19 4.65 6.47 -14.16
CA LEU A 19 5.98 7.07 -14.44
C LEU A 19 6.88 6.06 -15.16
N ASP A 20 7.70 6.52 -16.06
CA ASP A 20 8.61 5.58 -16.79
C ASP A 20 9.87 5.35 -15.96
N PHE A 21 10.13 4.13 -15.57
CA PHE A 21 11.34 3.85 -14.75
C PHE A 21 11.99 2.53 -15.18
N GLU A 22 13.29 2.47 -15.14
CA GLU A 22 13.99 1.20 -15.53
C GLU A 22 14.57 0.53 -14.28
N ASP A 23 14.35 -0.74 -14.11
CA ASP A 23 14.90 -1.44 -12.91
C ASP A 23 16.36 -1.84 -13.15
N LYS A 24 17.04 -2.24 -12.11
CA LYS A 24 18.47 -2.65 -12.27
C LYS A 24 18.56 -4.16 -12.52
N ASP A 25 17.53 -4.89 -12.21
CA ASP A 25 17.56 -6.37 -12.43
C ASP A 25 17.30 -6.69 -13.90
N GLY A 26 16.77 -5.75 -14.63
CA GLY A 26 16.48 -6.00 -16.07
C GLY A 26 15.04 -5.62 -16.39
N ASP A 27 14.17 -5.73 -15.43
CA ASP A 27 12.75 -5.36 -15.68
C ASP A 27 12.63 -3.86 -15.97
N LYS A 28 11.48 -3.29 -15.75
CA LYS A 28 11.31 -1.83 -16.03
C LYS A 28 9.86 -1.42 -15.80
N VAL A 29 9.62 -0.36 -15.08
CA VAL A 29 8.21 0.09 -14.84
C VAL A 29 7.84 1.12 -15.91
N VAL A 30 6.63 1.09 -16.39
CA VAL A 30 6.22 2.07 -17.43
C VAL A 30 4.77 2.54 -17.19
N ALA A 31 4.61 3.57 -16.41
CA ALA A 31 3.24 4.08 -16.13
C ALA A 31 2.29 2.92 -15.84
N GLY A 32 2.54 2.20 -14.77
CA GLY A 32 1.65 1.05 -14.44
C GLY A 32 1.94 0.54 -13.02
N ASP A 33 2.51 1.35 -12.16
CA ASP A 33 2.78 0.87 -10.77
C ASP A 33 1.55 1.13 -9.90
N GLU A 34 1.32 0.31 -8.91
CA GLU A 34 0.13 0.52 -8.04
C GLU A 34 0.38 -0.05 -6.64
N TRP A 35 -0.15 0.57 -5.62
CA TRP A 35 0.06 0.05 -4.25
C TRP A 35 -0.88 0.75 -3.25
N LEU A 36 -0.98 0.24 -2.05
CA LEU A 36 -1.89 0.85 -1.05
C LEU A 36 -1.16 1.90 -0.21
N PHE A 37 -1.89 2.83 0.35
CA PHE A 37 -1.24 3.88 1.19
C PHE A 37 -2.01 4.02 2.51
N GLU A 38 -1.40 3.63 3.60
CA GLU A 38 -2.08 3.75 4.92
C GLU A 38 -1.98 5.19 5.43
N GLY A 39 -3.02 5.70 6.02
CA GLY A 39 -2.99 7.11 6.50
C GLY A 39 -2.59 8.03 5.35
N PRO A 40 -3.19 7.80 4.20
CA PRO A 40 -2.89 8.62 3.00
C PRO A 40 -3.56 9.99 3.08
N GLY A 41 -4.06 10.38 4.22
CA GLY A 41 -4.71 11.71 4.31
C GLY A 41 -3.79 12.77 3.71
N THR A 42 -2.52 12.69 3.98
CA THR A 42 -1.57 13.71 3.43
C THR A 42 -1.16 13.36 1.99
N TYR A 43 -1.90 12.52 1.32
CA TYR A 43 -1.53 12.17 -0.09
C TYR A 43 -2.35 12.99 -1.07
N ILE A 44 -1.71 13.60 -2.03
CA ILE A 44 -2.44 14.41 -3.04
C ILE A 44 -2.30 13.75 -4.41
N PRO A 45 -3.33 13.85 -5.21
CA PRO A 45 -3.31 13.23 -6.56
C PRO A 45 -2.27 13.90 -7.46
N ARG A 46 -1.01 13.62 -7.22
CA ARG A 46 0.06 14.24 -8.07
C ARG A 46 0.07 13.57 -9.45
N LYS A 47 0.24 14.34 -10.49
CA LYS A 47 0.25 13.75 -11.86
C LYS A 47 1.14 12.51 -11.89
N GLU A 48 2.08 12.40 -10.99
CA GLU A 48 2.97 11.22 -10.96
C GLU A 48 2.14 9.93 -10.84
N VAL A 49 1.07 9.97 -10.11
CA VAL A 49 0.21 8.76 -9.95
C VAL A 49 -1.27 9.17 -9.94
N GLU A 50 -2.16 8.21 -10.01
CA GLU A 50 -3.61 8.53 -10.00
C GLU A 50 -4.32 7.72 -8.92
N VAL A 51 -5.14 8.35 -8.13
CA VAL A 51 -5.86 7.60 -7.05
C VAL A 51 -6.66 6.45 -7.66
N VAL A 52 -6.49 5.26 -7.14
CA VAL A 52 -7.24 4.09 -7.69
C VAL A 52 -8.48 3.83 -6.83
N GLU A 53 -8.30 3.54 -5.57
CA GLU A 53 -9.48 3.28 -4.69
C GLU A 53 -9.23 3.83 -3.28
N ILE A 54 -10.21 3.75 -2.41
CA ILE A 54 -10.03 4.25 -1.02
C ILE A 54 -10.64 3.23 -0.04
N ILE A 55 -9.94 2.90 1.01
CA ILE A 55 -10.50 1.91 1.98
C ILE A 55 -10.46 2.45 3.42
N GLN A 56 -11.56 2.35 4.12
CA GLN A 56 -11.58 2.85 5.53
C GLN A 56 -11.30 1.68 6.48
N ALA A 57 -10.45 1.88 7.45
CA ALA A 57 -10.13 0.77 8.39
C ALA A 57 -11.41 0.12 8.92
N THR A 58 -11.44 -1.19 9.00
CA THR A 58 -12.67 -1.87 9.52
C THR A 58 -12.50 -3.39 9.54
N ILE A 59 -11.39 -3.90 10.00
CA ILE A 59 -11.25 -5.39 10.03
C ILE A 59 -10.12 -5.84 10.98
N ILE A 60 -8.93 -5.32 10.83
CA ILE A 60 -7.82 -5.76 11.74
C ILE A 60 -8.20 -5.50 13.19
N ARG A 61 -7.49 -6.09 14.12
CA ARG A 61 -7.83 -5.88 15.56
C ARG A 61 -7.02 -4.72 16.16
N GLN A 62 -6.93 -4.66 17.46
CA GLN A 62 -6.17 -3.57 18.12
C GLN A 62 -4.71 -3.57 17.66
N ASN A 63 -3.95 -4.55 18.07
CA ASN A 63 -2.51 -4.60 17.66
C ASN A 63 -2.26 -5.80 16.74
N GLN A 64 -3.27 -6.25 16.06
CA GLN A 64 -3.11 -7.42 15.15
C GLN A 64 -2.05 -7.12 14.07
N ALA A 65 -1.21 -8.07 13.77
CA ALA A 65 -0.18 -7.85 12.73
C ALA A 65 -0.46 -8.76 11.52
N LEU A 66 -0.46 -8.22 10.34
CA LEU A 66 -0.73 -9.05 9.14
C LEU A 66 0.40 -8.90 8.12
N ARG A 67 1.04 -9.98 7.77
CA ARG A 67 2.16 -9.90 6.79
C ARG A 67 1.65 -10.24 5.39
N LEU A 68 1.93 -9.41 4.43
CA LEU A 68 1.46 -9.67 3.04
C LEU A 68 2.67 -9.81 2.11
N ARG A 69 2.56 -10.64 1.10
CA ARG A 69 3.71 -10.81 0.15
C ARG A 69 3.31 -10.37 -1.26
N ALA A 70 4.22 -9.84 -2.01
CA ALA A 70 3.90 -9.38 -3.38
C ALA A 70 3.58 -10.57 -4.30
N ARG A 71 2.56 -10.46 -5.10
CA ARG A 71 2.19 -11.57 -6.02
C ARG A 71 2.35 -11.11 -7.47
N LYS A 72 2.58 -9.84 -7.67
CA LYS A 72 2.74 -9.31 -9.05
C LYS A 72 3.84 -8.24 -9.08
N GLU A 73 4.97 -8.55 -9.65
CA GLU A 73 6.08 -7.54 -9.69
C GLU A 73 5.58 -6.25 -10.36
N CYS A 74 5.32 -5.24 -9.58
CA CYS A 74 4.84 -3.96 -10.15
C CYS A 74 4.58 -2.95 -9.04
N TRP A 75 4.16 -3.41 -7.90
CA TRP A 75 3.88 -2.49 -6.76
C TRP A 75 5.20 -2.02 -6.13
N ASP A 76 5.29 -0.76 -5.81
CA ASP A 76 6.55 -0.25 -5.19
C ASP A 76 6.35 -0.06 -3.68
N ARG A 77 6.98 -0.87 -2.89
CA ARG A 77 6.85 -0.74 -1.41
C ARG A 77 7.90 0.24 -0.89
N ASP A 78 8.94 0.45 -1.66
CA ASP A 78 10.02 1.40 -1.23
C ASP A 78 9.77 2.77 -1.87
N GLY A 79 8.90 2.83 -2.83
CA GLY A 79 8.60 4.13 -3.49
C GLY A 79 9.02 4.08 -4.96
N LYS A 80 9.66 3.01 -5.36
CA LYS A 80 10.10 2.88 -6.78
C LYS A 80 9.34 1.74 -7.48
N GLU A 81 9.64 0.53 -7.11
CA GLU A 81 8.95 -0.63 -7.75
C GLU A 81 9.62 -1.94 -7.31
N ARG A 82 8.90 -2.81 -6.67
CA ARG A 82 9.50 -4.09 -6.22
C ARG A 82 8.92 -5.27 -7.01
N VAL A 83 9.37 -6.46 -6.74
CA VAL A 83 8.84 -7.64 -7.48
C VAL A 83 8.02 -8.53 -6.54
N THR A 84 7.47 -9.61 -7.05
CA THR A 84 6.66 -10.50 -6.18
C THR A 84 7.48 -10.96 -4.98
N GLY A 85 8.78 -11.02 -5.13
CA GLY A 85 9.64 -11.46 -3.98
C GLY A 85 9.53 -10.43 -2.84
N GLU A 86 9.16 -9.22 -3.17
CA GLU A 86 9.03 -8.18 -2.11
C GLU A 86 7.75 -8.41 -1.30
N GLU A 87 7.70 -7.87 -0.11
CA GLU A 87 6.48 -8.06 0.74
C GLU A 87 6.40 -6.94 1.79
N TRP A 88 5.26 -6.76 2.40
CA TRP A 88 5.13 -5.68 3.42
C TRP A 88 4.28 -6.18 4.60
N LEU A 89 4.55 -5.67 5.78
CA LEU A 89 3.76 -6.10 6.98
C LEU A 89 2.93 -4.92 7.49
N VAL A 90 1.64 -5.09 7.60
CA VAL A 90 0.78 -3.97 8.09
C VAL A 90 0.33 -4.21 9.53
N THR A 91 0.46 -3.21 10.37
CA THR A 91 0.03 -3.37 11.79
C THR A 91 -0.76 -2.13 12.24
N THR A 92 -1.81 -1.79 11.55
CA THR A 92 -2.60 -0.59 11.94
C THR A 92 -3.82 -1.01 12.77
N VAL A 93 -3.91 -0.55 13.98
CA VAL A 93 -5.07 -0.92 14.84
C VAL A 93 -6.38 -0.68 14.07
N GLY A 94 -7.29 -1.62 14.11
CA GLY A 94 -8.57 -1.44 13.38
C GLY A 94 -8.27 -0.97 11.96
N ALA A 95 -8.20 -1.88 11.03
CA ALA A 95 -7.90 -1.47 9.62
C ALA A 95 -7.84 -2.68 8.70
N TYR A 96 -8.08 -2.48 7.43
CA TYR A 96 -8.04 -3.63 6.47
C TYR A 96 -7.26 -3.22 5.20
N LEU A 97 -5.97 -3.38 5.21
CA LEU A 97 -5.17 -3.00 4.01
C LEU A 97 -4.67 -4.25 3.28
N PRO A 98 -5.49 -4.75 2.39
CA PRO A 98 -5.12 -5.95 1.60
C PRO A 98 -4.04 -5.61 0.57
N ALA A 99 -3.71 -4.35 0.44
CA ALA A 99 -2.67 -3.95 -0.56
C ALA A 99 -3.19 -4.18 -1.99
N VAL A 100 -2.42 -3.77 -2.96
CA VAL A 100 -2.86 -3.95 -4.38
C VAL A 100 -2.28 -5.26 -4.95
N PHE A 101 -0.98 -5.39 -4.95
CA PHE A 101 -0.36 -6.64 -5.48
C PHE A 101 0.24 -7.46 -4.34
N GLU A 102 -0.53 -7.76 -3.33
CA GLU A 102 0.02 -8.56 -2.19
C GLU A 102 -1.00 -9.57 -1.68
N GLU A 103 -0.55 -10.61 -1.03
CA GLU A 103 -1.49 -11.62 -0.48
C GLU A 103 -1.11 -11.95 0.97
N VAL A 104 -2.08 -12.12 1.82
CA VAL A 104 -1.78 -12.41 3.25
C VAL A 104 -1.34 -13.87 3.41
N LEU A 105 -0.33 -14.11 4.20
CA LEU A 105 0.15 -15.51 4.39
C LEU A 105 -0.25 -16.01 5.78
N ASP A 106 -0.56 -15.12 6.68
CA ASP A 106 -0.95 -15.54 8.04
C ASP A 106 -1.36 -14.33 8.89
N LEU A 107 -2.05 -14.55 9.97
CA LEU A 107 -2.48 -13.41 10.84
C LEU A 107 -1.90 -13.59 12.24
N VAL A 108 -1.49 -12.52 12.87
CA VAL A 108 -0.90 -12.65 14.25
C VAL A 108 -1.39 -11.53 15.15
N ASP A 109 -1.30 -11.70 16.45
CA ASP A 109 -1.74 -10.63 17.39
C ASP A 109 -0.51 -10.03 18.09
N ALA A 110 -0.24 -8.77 17.88
CA ALA A 110 0.94 -8.15 18.54
C ALA A 110 0.80 -8.19 20.06
N VAL A 111 -0.40 -8.32 20.56
CA VAL A 111 -0.58 -8.37 22.04
C VAL A 111 0.27 -7.29 22.71
N ILE A 112 1.14 -7.66 23.61
CA ILE A 112 1.99 -6.63 24.29
C ILE A 112 3.44 -6.72 23.77
N LEU A 113 4.14 -7.75 24.12
CA LEU A 113 5.55 -7.90 23.66
C LEU A 113 5.65 -7.55 22.17
N GLY A 1 -3.30 24.35 0.16
CA GLY A 1 -4.71 24.70 -0.14
C GLY A 1 -5.39 23.54 -0.86
N SER A 2 -6.53 23.12 -0.40
CA SER A 2 -7.24 21.98 -1.05
C SER A 2 -6.28 20.81 -1.27
N HIS A 3 -5.63 20.75 -2.40
CA HIS A 3 -4.68 19.62 -2.64
C HIS A 3 -5.35 18.28 -2.32
N MET A 4 -5.18 17.80 -1.12
CA MET A 4 -5.81 16.50 -0.75
C MET A 4 -6.49 16.61 0.62
N GLN A 5 -5.90 16.11 1.65
CA GLN A 5 -6.52 16.19 3.00
C GLN A 5 -5.52 15.82 4.09
N VAL A 6 -5.96 15.67 5.30
CA VAL A 6 -5.04 15.32 6.41
C VAL A 6 -5.10 13.82 6.72
N VAL A 7 -4.20 13.33 7.53
CA VAL A 7 -4.21 11.88 7.88
C VAL A 7 -5.61 11.43 8.25
N LEU A 8 -5.92 10.17 8.06
CA LEU A 8 -7.28 9.67 8.42
C LEU A 8 -7.17 8.83 9.68
N PRO A 9 -8.31 8.46 10.22
CA PRO A 9 -8.32 7.63 11.45
C PRO A 9 -7.90 6.19 11.11
N ASN A 10 -6.62 5.96 10.95
CA ASN A 10 -6.13 4.59 10.63
C ASN A 10 -6.78 4.09 9.33
N THR A 11 -6.35 4.59 8.20
CA THR A 11 -6.94 4.13 6.92
C THR A 11 -5.88 4.19 5.79
N ALA A 12 -6.20 3.63 4.66
CA ALA A 12 -5.22 3.66 3.52
C ALA A 12 -5.98 3.73 2.20
N LEU A 13 -5.33 4.09 1.14
CA LEU A 13 -6.03 4.16 -0.18
C LEU A 13 -5.21 3.49 -1.28
N HIS A 14 -5.87 3.05 -2.32
CA HIS A 14 -5.14 2.38 -3.44
C HIS A 14 -4.77 3.40 -4.51
N LEU A 15 -3.53 3.54 -4.86
CA LEU A 15 -3.17 4.54 -5.91
C LEU A 15 -2.35 3.88 -7.03
N LYS A 16 -2.40 4.45 -8.20
CA LYS A 16 -1.63 3.88 -9.34
C LYS A 16 -0.46 4.79 -9.70
N ALA A 17 0.75 4.31 -9.58
CA ALA A 17 1.93 5.16 -9.91
C ALA A 17 2.12 5.27 -11.42
N LEU A 18 2.06 6.47 -11.92
CA LEU A 18 2.25 6.69 -13.39
C LEU A 18 3.59 7.40 -13.63
N LEU A 19 4.60 6.68 -14.03
CA LEU A 19 5.93 7.33 -14.26
C LEU A 19 6.84 6.40 -15.07
N ASP A 20 7.79 6.94 -15.77
CA ASP A 20 8.72 6.09 -16.57
C ASP A 20 10.01 5.83 -15.79
N PHE A 21 10.12 4.66 -15.21
CA PHE A 21 11.35 4.32 -14.45
C PHE A 21 11.97 3.04 -15.01
N GLU A 22 13.23 3.08 -15.36
CA GLU A 22 13.87 1.85 -15.90
C GLU A 22 15.35 1.81 -15.55
N ASP A 23 15.75 0.88 -14.73
CA ASP A 23 17.19 0.77 -14.36
C ASP A 23 17.67 -0.65 -14.67
N LYS A 24 18.96 -0.87 -14.68
CA LYS A 24 19.47 -2.24 -14.96
C LYS A 24 19.58 -3.04 -13.66
N ASP A 25 19.21 -2.45 -12.56
CA ASP A 25 19.29 -3.18 -11.27
C ASP A 25 17.96 -3.88 -10.96
N GLY A 26 16.87 -3.31 -11.38
CA GLY A 26 15.54 -3.95 -11.11
C GLY A 26 14.46 -2.87 -11.04
N ASP A 27 14.69 -1.84 -10.25
CA ASP A 27 13.67 -0.76 -10.14
C ASP A 27 13.36 -0.17 -11.52
N LYS A 28 12.29 -0.58 -12.12
CA LYS A 28 11.94 -0.06 -13.47
C LYS A 28 10.43 -0.14 -13.70
N VAL A 29 9.74 0.96 -13.62
CA VAL A 29 8.26 0.93 -13.84
C VAL A 29 7.91 1.67 -15.14
N VAL A 30 6.74 1.42 -15.67
CA VAL A 30 6.36 2.11 -16.94
C VAL A 30 4.91 2.59 -16.86
N ALA A 31 4.67 3.67 -16.18
CA ALA A 31 3.28 4.20 -16.06
C ALA A 31 2.28 3.07 -15.91
N GLY A 32 2.27 2.39 -14.79
CA GLY A 32 1.30 1.28 -14.62
C GLY A 32 1.48 0.61 -13.26
N ASP A 33 1.94 1.32 -12.26
CA ASP A 33 2.11 0.68 -10.92
C ASP A 33 0.89 0.97 -10.04
N GLU A 34 0.54 0.07 -9.17
CA GLU A 34 -0.63 0.31 -8.28
C GLU A 34 -0.38 -0.33 -6.91
N TRP A 35 -0.60 0.40 -5.85
CA TRP A 35 -0.36 -0.18 -4.49
C TRP A 35 -1.21 0.53 -3.44
N LEU A 36 -1.24 0.01 -2.24
CA LEU A 36 -2.05 0.64 -1.17
C LEU A 36 -1.21 1.66 -0.39
N PHE A 37 -1.85 2.62 0.22
CA PHE A 37 -1.10 3.64 1.00
C PHE A 37 -1.74 3.83 2.37
N GLU A 38 -1.07 3.40 3.41
CA GLU A 38 -1.63 3.56 4.78
C GLU A 38 -1.08 4.82 5.45
N GLY A 39 -1.92 5.59 6.08
CA GLY A 39 -1.43 6.85 6.73
C GLY A 39 -1.03 7.86 5.67
N PRO A 40 -1.88 8.01 4.67
CA PRO A 40 -1.60 8.96 3.56
C PRO A 40 -1.76 10.41 4.03
N GLY A 41 -2.92 10.75 4.53
CA GLY A 41 -3.15 12.15 5.01
C GLY A 41 -2.63 13.16 3.98
N THR A 42 -1.40 13.55 4.10
CA THR A 42 -0.83 14.56 3.15
C THR A 42 -0.58 13.95 1.77
N TYR A 43 -0.99 12.73 1.53
CA TYR A 43 -0.75 12.13 0.19
C TYR A 43 -1.65 12.82 -0.86
N ILE A 44 -1.07 13.57 -1.74
CA ILE A 44 -1.88 14.23 -2.79
C ILE A 44 -1.66 13.51 -4.12
N PRO A 45 -2.73 13.35 -4.85
CA PRO A 45 -2.65 12.65 -6.16
C PRO A 45 -1.82 13.47 -7.14
N ARG A 46 -0.52 13.44 -6.99
CA ARG A 46 0.36 14.21 -7.90
C ARG A 46 0.42 13.54 -9.28
N LYS A 47 0.67 14.29 -10.31
CA LYS A 47 0.73 13.69 -11.67
C LYS A 47 1.52 12.37 -11.62
N GLU A 48 2.50 12.30 -10.78
CA GLU A 48 3.29 11.04 -10.69
C GLU A 48 2.35 9.83 -10.61
N VAL A 49 1.41 9.87 -9.70
CA VAL A 49 0.44 8.74 -9.58
C VAL A 49 -0.97 9.29 -9.41
N GLU A 50 -1.96 8.44 -9.40
CA GLU A 50 -3.36 8.92 -9.24
C GLU A 50 -4.09 8.06 -8.21
N VAL A 51 -4.68 8.67 -7.21
CA VAL A 51 -5.42 7.87 -6.20
C VAL A 51 -6.45 6.99 -6.91
N VAL A 52 -6.51 5.73 -6.58
CA VAL A 52 -7.47 4.82 -7.26
C VAL A 52 -8.61 4.41 -6.33
N GLU A 53 -8.30 3.97 -5.14
CA GLU A 53 -9.37 3.55 -4.19
C GLU A 53 -9.05 4.04 -2.77
N ILE A 54 -9.98 3.88 -1.87
CA ILE A 54 -9.74 4.33 -0.46
C ILE A 54 -10.32 3.29 0.50
N ILE A 55 -9.70 3.10 1.64
CA ILE A 55 -10.22 2.08 2.60
C ILE A 55 -10.07 2.59 4.04
N GLN A 56 -11.03 2.32 4.88
CA GLN A 56 -10.95 2.77 6.30
C GLN A 56 -10.80 1.58 7.24
N ALA A 57 -10.71 1.82 8.52
CA ALA A 57 -10.54 0.70 9.49
C ALA A 57 -11.90 0.04 9.77
N THR A 58 -11.93 -1.26 9.86
CA THR A 58 -13.21 -1.97 10.12
C THR A 58 -12.98 -3.48 10.18
N ILE A 59 -12.10 -3.93 11.04
CA ILE A 59 -11.84 -5.40 11.11
C ILE A 59 -11.29 -5.79 12.49
N ILE A 60 -9.98 -5.80 12.65
CA ILE A 60 -9.41 -6.18 13.99
C ILE A 60 -8.82 -4.97 14.71
N ARG A 61 -7.52 -4.84 14.76
CA ARG A 61 -6.92 -3.67 15.45
C ARG A 61 -5.43 -3.55 15.13
N GLN A 62 -4.73 -2.69 15.82
CA GLN A 62 -3.27 -2.52 15.55
C GLN A 62 -2.49 -3.77 15.97
N ASN A 63 -2.62 -4.16 17.22
CA ASN A 63 -1.88 -5.36 17.72
C ASN A 63 -1.77 -6.43 16.63
N GLN A 64 -2.88 -6.92 16.14
CA GLN A 64 -2.82 -7.97 15.09
C GLN A 64 -1.96 -7.51 13.90
N ALA A 65 -1.02 -8.33 13.50
CA ALA A 65 -0.15 -7.96 12.35
C ALA A 65 -0.51 -8.81 11.13
N LEU A 66 -0.49 -8.24 9.95
CA LEU A 66 -0.84 -9.02 8.74
C LEU A 66 0.30 -8.97 7.71
N ARG A 67 0.90 -10.10 7.43
CA ARG A 67 2.01 -10.11 6.44
C ARG A 67 1.44 -10.38 5.05
N LEU A 68 1.74 -9.53 4.09
CA LEU A 68 1.19 -9.75 2.72
C LEU A 68 2.33 -9.99 1.73
N ARG A 69 2.05 -10.71 0.67
CA ARG A 69 3.11 -10.98 -0.35
C ARG A 69 2.61 -10.61 -1.75
N ALA A 70 3.46 -10.10 -2.59
CA ALA A 70 3.01 -9.72 -3.97
C ALA A 70 2.44 -10.95 -4.70
N ARG A 71 1.39 -10.76 -5.43
CA ARG A 71 0.79 -11.91 -6.18
C ARG A 71 1.07 -11.77 -7.68
N LYS A 72 1.42 -10.60 -8.12
CA LYS A 72 1.72 -10.41 -9.57
C LYS A 72 3.21 -10.11 -9.77
N GLU A 73 3.57 -8.85 -9.92
CA GLU A 73 5.00 -8.49 -10.12
C GLU A 73 5.11 -7.03 -10.56
N CYS A 74 4.40 -6.15 -9.91
CA CYS A 74 4.46 -4.70 -10.29
C CYS A 74 4.10 -3.77 -9.12
N TRP A 75 3.44 -4.28 -8.12
CA TRP A 75 3.06 -3.41 -6.96
C TRP A 75 4.27 -3.10 -6.08
N ASP A 76 4.59 -1.84 -5.93
CA ASP A 76 5.75 -1.47 -5.06
C ASP A 76 5.24 -0.82 -3.77
N ARG A 77 5.61 -1.38 -2.64
CA ARG A 77 5.14 -0.81 -1.35
C ARG A 77 5.53 0.67 -1.23
N ASP A 78 6.60 1.06 -1.88
CA ASP A 78 7.01 2.50 -1.81
C ASP A 78 6.34 3.31 -2.92
N GLY A 79 6.15 2.71 -4.07
CA GLY A 79 5.50 3.44 -5.18
C GLY A 79 6.05 2.94 -6.52
N LYS A 80 7.32 2.66 -6.57
CA LYS A 80 7.93 2.16 -7.85
C LYS A 80 7.24 0.85 -8.27
N GLU A 81 8.00 -0.14 -8.65
CA GLU A 81 7.37 -1.43 -9.07
C GLU A 81 8.21 -2.61 -8.56
N ARG A 82 7.57 -3.67 -8.14
CA ARG A 82 8.33 -4.84 -7.64
C ARG A 82 7.73 -6.14 -8.18
N VAL A 83 8.47 -7.22 -8.11
CA VAL A 83 7.94 -8.51 -8.64
C VAL A 83 7.10 -9.24 -7.58
N THR A 84 6.60 -10.40 -7.91
CA THR A 84 5.77 -11.16 -6.93
C THR A 84 6.60 -11.54 -5.70
N GLY A 85 7.89 -11.66 -5.86
CA GLY A 85 8.76 -12.05 -4.73
C GLY A 85 8.72 -10.95 -3.66
N GLU A 86 8.55 -9.72 -4.05
CA GLU A 86 8.51 -8.61 -3.06
C GLU A 86 7.34 -8.82 -2.08
N GLU A 87 7.46 -8.34 -0.87
CA GLU A 87 6.36 -8.52 0.12
C GLU A 87 6.32 -7.33 1.09
N TRP A 88 5.29 -7.23 1.88
CA TRP A 88 5.20 -6.09 2.84
C TRP A 88 4.28 -6.48 4.03
N LEU A 89 4.74 -6.27 5.23
CA LEU A 89 3.92 -6.63 6.42
C LEU A 89 3.29 -5.36 7.01
N VAL A 90 2.04 -5.41 7.37
CA VAL A 90 1.38 -4.21 7.95
C VAL A 90 1.07 -4.43 9.43
N THR A 91 1.34 -3.45 10.26
CA THR A 91 1.07 -3.58 11.71
C THR A 91 0.57 -2.24 12.26
N THR A 92 0.15 -1.36 11.38
CA THR A 92 -0.35 -0.03 11.83
C THR A 92 -1.75 -0.18 12.43
N VAL A 93 -2.27 0.84 13.04
CA VAL A 93 -3.63 0.74 13.62
C VAL A 93 -4.66 0.93 12.51
N GLY A 94 -5.79 0.28 12.60
CA GLY A 94 -6.82 0.43 11.52
C GLY A 94 -7.66 -0.85 11.42
N ALA A 95 -7.23 -1.91 12.05
CA ALA A 95 -8.00 -3.20 12.01
C ALA A 95 -7.81 -3.94 10.67
N TYR A 96 -7.68 -3.23 9.58
CA TYR A 96 -7.48 -3.90 8.26
C TYR A 96 -6.58 -3.04 7.36
N LEU A 97 -5.80 -3.67 6.51
CA LEU A 97 -4.90 -2.91 5.60
C LEU A 97 -4.48 -3.80 4.43
N PRO A 98 -5.45 -4.26 3.68
CA PRO A 98 -5.17 -5.15 2.52
C PRO A 98 -4.65 -4.34 1.34
N ALA A 99 -3.73 -4.89 0.58
CA ALA A 99 -3.20 -4.14 -0.60
C ALA A 99 -3.94 -4.55 -1.87
N VAL A 100 -3.29 -4.49 -3.01
CA VAL A 100 -3.97 -4.86 -4.28
C VAL A 100 -3.29 -6.08 -4.91
N PHE A 101 -2.06 -5.95 -5.34
CA PHE A 101 -1.36 -7.11 -5.96
C PHE A 101 -0.80 -8.02 -4.87
N GLU A 102 -0.61 -7.50 -3.69
CA GLU A 102 -0.06 -8.35 -2.58
C GLU A 102 -1.20 -8.85 -1.68
N GLU A 103 -1.22 -10.12 -1.38
CA GLU A 103 -2.30 -10.66 -0.51
C GLU A 103 -1.71 -11.18 0.81
N VAL A 104 -2.53 -11.33 1.81
CA VAL A 104 -2.00 -11.83 3.12
C VAL A 104 -1.75 -13.33 3.07
N LEU A 105 -0.74 -13.79 3.77
CA LEU A 105 -0.44 -15.25 3.78
C LEU A 105 -0.88 -15.85 5.11
N ASP A 106 -0.95 -15.05 6.14
CA ASP A 106 -1.37 -15.58 7.48
C ASP A 106 -1.71 -14.41 8.41
N LEU A 107 -2.21 -14.70 9.58
CA LEU A 107 -2.56 -13.62 10.54
C LEU A 107 -1.79 -13.80 11.85
N VAL A 108 -1.16 -12.76 12.33
CA VAL A 108 -0.40 -12.89 13.60
C VAL A 108 -0.87 -11.85 14.62
N ASP A 109 -0.65 -12.09 15.89
CA ASP A 109 -1.07 -11.10 16.93
C ASP A 109 0.17 -10.47 17.57
N ALA A 110 0.35 -9.18 17.40
CA ALA A 110 1.55 -8.52 18.00
C ALA A 110 1.63 -8.82 19.51
N VAL A 111 2.59 -8.26 20.18
CA VAL A 111 2.72 -8.52 21.64
C VAL A 111 1.51 -7.94 22.38
N ILE A 112 1.73 -7.41 23.56
CA ILE A 112 0.58 -6.85 24.34
C ILE A 112 0.91 -5.42 24.79
N LEU A 113 0.09 -4.47 24.42
CA LEU A 113 0.35 -3.06 24.84
C LEU A 113 1.83 -2.73 24.68
N GLY A 1 1.35 21.63 5.39
CA GLY A 1 1.01 23.08 5.48
C GLY A 1 -0.43 23.29 5.01
N SER A 2 -0.69 23.06 3.76
CA SER A 2 -2.07 23.25 3.24
C SER A 2 -2.39 22.20 2.18
N HIS A 3 -3.56 22.26 1.60
CA HIS A 3 -3.92 21.26 0.54
C HIS A 3 -3.74 19.83 1.09
N MET A 4 -3.62 18.87 0.22
CA MET A 4 -3.44 17.45 0.67
C MET A 4 -4.53 17.06 1.67
N GLN A 5 -4.59 15.81 2.03
CA GLN A 5 -5.61 15.36 3.02
C GLN A 5 -5.11 15.67 4.44
N VAL A 6 -5.60 14.99 5.44
CA VAL A 6 -5.14 15.29 6.83
C VAL A 6 -5.04 14.00 7.66
N VAL A 7 -3.94 13.30 7.54
CA VAL A 7 -3.73 12.03 8.31
C VAL A 7 -5.06 11.35 8.66
N LEU A 8 -5.45 10.36 7.90
CA LEU A 8 -6.74 9.65 8.18
C LEU A 8 -6.68 9.01 9.56
N PRO A 9 -7.82 8.56 10.02
CA PRO A 9 -7.91 7.90 11.35
C PRO A 9 -7.28 6.51 11.30
N ASN A 10 -7.77 5.66 10.44
CA ASN A 10 -7.20 4.28 10.33
C ASN A 10 -7.63 3.65 9.00
N THR A 11 -7.81 4.45 7.99
CA THR A 11 -8.23 3.90 6.66
C THR A 11 -7.08 4.01 5.65
N ALA A 12 -7.25 3.43 4.49
CA ALA A 12 -6.15 3.50 3.47
C ALA A 12 -6.73 3.60 2.06
N LEU A 13 -5.94 4.04 1.12
CA LEU A 13 -6.45 4.15 -0.29
C LEU A 13 -5.42 3.55 -1.26
N HIS A 14 -5.87 3.12 -2.41
CA HIS A 14 -4.91 2.53 -3.39
C HIS A 14 -4.53 3.59 -4.43
N LEU A 15 -3.26 3.71 -4.72
CA LEU A 15 -2.81 4.72 -5.72
C LEU A 15 -2.10 4.05 -6.88
N LYS A 16 -2.15 4.64 -8.04
CA LYS A 16 -1.43 4.04 -9.20
C LYS A 16 -0.32 4.99 -9.65
N ALA A 17 0.91 4.58 -9.57
CA ALA A 17 2.02 5.47 -10.01
C ALA A 17 2.19 5.39 -11.52
N LEU A 18 2.00 6.49 -12.20
CA LEU A 18 2.13 6.50 -13.67
C LEU A 18 3.41 7.23 -14.09
N LEU A 19 4.45 6.52 -14.44
CA LEU A 19 5.71 7.17 -14.86
C LEU A 19 6.63 6.17 -15.56
N ASP A 20 7.74 6.62 -16.07
CA ASP A 20 8.67 5.69 -16.75
C ASP A 20 9.91 5.47 -15.89
N PHE A 21 10.14 4.27 -15.46
CA PHE A 21 11.34 4.00 -14.60
C PHE A 21 12.19 2.89 -15.20
N GLU A 22 13.18 3.23 -15.97
CA GLU A 22 14.07 2.18 -16.57
C GLU A 22 15.40 2.14 -15.83
N ASP A 23 15.72 1.01 -15.26
CA ASP A 23 17.01 0.89 -14.52
C ASP A 23 17.90 -0.19 -15.16
N LYS A 24 19.16 -0.17 -14.88
CA LYS A 24 20.08 -1.19 -15.47
C LYS A 24 20.03 -2.48 -14.65
N ASP A 25 19.17 -2.54 -13.67
CA ASP A 25 19.09 -3.77 -12.82
C ASP A 25 18.07 -4.75 -13.43
N GLY A 26 17.55 -4.44 -14.59
CA GLY A 26 16.55 -5.36 -15.22
C GLY A 26 15.18 -5.12 -14.58
N ASP A 27 15.04 -4.10 -13.79
CA ASP A 27 13.73 -3.82 -13.14
C ASP A 27 13.26 -2.40 -13.51
N LYS A 28 12.22 -2.30 -14.30
CA LYS A 28 11.72 -0.96 -14.69
C LYS A 28 10.19 -0.93 -14.67
N VAL A 29 9.62 0.21 -14.38
CA VAL A 29 8.13 0.31 -14.39
C VAL A 29 7.68 1.22 -15.54
N VAL A 30 6.55 0.95 -16.12
CA VAL A 30 6.10 1.79 -17.27
C VAL A 30 4.65 2.24 -17.07
N ALA A 31 4.44 3.27 -16.32
CA ALA A 31 3.05 3.78 -16.11
C ALA A 31 2.11 2.62 -15.75
N GLY A 32 2.26 2.05 -14.58
CA GLY A 32 1.37 0.92 -14.21
C GLY A 32 1.65 0.47 -12.77
N ASP A 33 2.17 1.33 -11.94
CA ASP A 33 2.44 0.92 -10.53
C ASP A 33 1.20 1.14 -9.67
N GLU A 34 0.94 0.27 -8.73
CA GLU A 34 -0.25 0.42 -7.85
C GLU A 34 0.09 -0.04 -6.43
N TRP A 35 -0.28 0.72 -5.42
CA TRP A 35 0.03 0.30 -4.02
C TRP A 35 -1.02 0.81 -3.04
N LEU A 36 -1.05 0.25 -1.85
CA LEU A 36 -2.04 0.70 -0.83
C LEU A 36 -1.42 1.76 0.08
N PHE A 37 -2.22 2.62 0.64
CA PHE A 37 -1.65 3.68 1.52
C PHE A 37 -2.47 3.78 2.81
N GLU A 38 -1.90 3.38 3.92
CA GLU A 38 -2.63 3.46 5.23
C GLU A 38 -2.44 4.85 5.83
N GLY A 39 -3.48 5.42 6.38
CA GLY A 39 -3.33 6.79 6.95
C GLY A 39 -2.76 7.72 5.88
N PRO A 40 -3.31 7.61 4.69
CA PRO A 40 -2.84 8.44 3.55
C PRO A 40 -3.28 9.90 3.72
N GLY A 41 -3.89 10.23 4.83
CA GLY A 41 -4.34 11.65 5.04
C GLY A 41 -3.23 12.60 4.57
N THR A 42 -1.99 12.17 4.62
CA THR A 42 -0.88 13.05 4.16
C THR A 42 -0.42 12.60 2.78
N TYR A 43 -1.33 12.19 1.94
CA TYR A 43 -0.95 11.74 0.57
C TYR A 43 -1.32 12.81 -0.46
N ILE A 44 -0.35 13.34 -1.14
CA ILE A 44 -0.63 14.40 -2.16
C ILE A 44 -0.74 13.77 -3.55
N PRO A 45 -1.86 14.01 -4.19
CA PRO A 45 -2.07 13.48 -5.56
C PRO A 45 -1.24 14.26 -6.58
N ARG A 46 -0.46 13.60 -7.37
CA ARG A 46 0.37 14.30 -8.39
C ARG A 46 0.32 13.57 -9.72
N LYS A 47 0.75 14.20 -10.78
CA LYS A 47 0.72 13.52 -12.10
C LYS A 47 1.52 12.22 -12.04
N GLU A 48 2.36 12.10 -11.04
CA GLU A 48 3.18 10.86 -10.91
C GLU A 48 2.28 9.66 -10.56
N VAL A 49 1.12 9.90 -10.03
CA VAL A 49 0.21 8.77 -9.69
C VAL A 49 -1.26 9.21 -9.75
N GLU A 50 -2.17 8.30 -9.60
CA GLU A 50 -3.62 8.66 -9.65
C GLU A 50 -4.40 7.93 -8.56
N VAL A 51 -5.29 8.60 -7.89
CA VAL A 51 -6.09 7.94 -6.82
C VAL A 51 -6.83 6.74 -7.40
N VAL A 52 -6.50 5.55 -6.97
CA VAL A 52 -7.18 4.36 -7.52
C VAL A 52 -8.41 3.99 -6.69
N GLU A 53 -8.22 3.69 -5.43
CA GLU A 53 -9.41 3.32 -4.60
C GLU A 53 -9.25 3.83 -3.17
N ILE A 54 -10.30 3.76 -2.39
CA ILE A 54 -10.23 4.22 -0.98
C ILE A 54 -10.91 3.16 -0.09
N ILE A 55 -10.39 2.93 1.09
CA ILE A 55 -11.01 1.90 1.97
C ILE A 55 -11.09 2.41 3.42
N GLN A 56 -12.24 2.30 4.02
CA GLN A 56 -12.40 2.77 5.43
C GLN A 56 -11.94 1.68 6.39
N ALA A 57 -11.86 1.98 7.66
CA ALA A 57 -11.41 0.95 8.65
C ALA A 57 -12.61 0.21 9.23
N THR A 58 -12.60 -1.10 9.19
CA THR A 58 -13.74 -1.87 9.75
C THR A 58 -13.63 -3.36 9.45
N ILE A 59 -12.59 -4.02 9.92
CA ILE A 59 -12.48 -5.48 9.64
C ILE A 59 -11.41 -6.16 10.51
N ILE A 60 -10.22 -5.63 10.54
CA ILE A 60 -9.15 -6.27 11.37
C ILE A 60 -9.28 -5.85 12.84
N ARG A 61 -9.04 -6.75 13.76
CA ARG A 61 -9.15 -6.40 15.20
C ARG A 61 -8.03 -5.45 15.62
N GLN A 62 -7.89 -5.22 16.89
CA GLN A 62 -6.83 -4.30 17.39
C GLN A 62 -5.55 -5.08 17.70
N ASN A 63 -5.70 -6.27 18.20
CA ASN A 63 -4.50 -7.09 18.55
C ASN A 63 -4.02 -7.91 17.35
N GLN A 64 -4.91 -8.27 16.48
CA GLN A 64 -4.50 -9.09 15.29
C GLN A 64 -3.45 -8.37 14.45
N ALA A 65 -2.48 -9.10 13.96
CA ALA A 65 -1.42 -8.49 13.11
C ALA A 65 -1.47 -9.12 11.72
N LEU A 66 -1.25 -8.34 10.69
CA LEU A 66 -1.31 -8.90 9.30
C LEU A 66 -0.03 -8.58 8.54
N ARG A 67 0.69 -9.59 8.14
CA ARG A 67 1.95 -9.35 7.37
C ARG A 67 1.65 -9.38 5.87
N LEU A 68 2.02 -8.34 5.15
CA LEU A 68 1.75 -8.32 3.69
C LEU A 68 3.06 -8.39 2.90
N ARG A 69 3.11 -9.23 1.88
CA ARG A 69 4.34 -9.35 1.07
C ARG A 69 4.03 -9.12 -0.41
N ALA A 70 4.97 -8.63 -1.16
CA ALA A 70 4.73 -8.38 -2.60
C ALA A 70 4.62 -9.69 -3.37
N ARG A 71 3.74 -9.76 -4.33
CA ARG A 71 3.59 -11.01 -5.12
C ARG A 71 3.91 -10.74 -6.59
N LYS A 72 3.76 -9.50 -7.00
CA LYS A 72 4.04 -9.15 -8.42
C LYS A 72 5.02 -7.96 -8.48
N GLU A 73 6.24 -8.20 -8.87
CA GLU A 73 7.23 -7.09 -8.95
C GLU A 73 6.62 -5.87 -9.64
N CYS A 74 6.02 -4.99 -8.89
CA CYS A 74 5.41 -3.78 -9.51
C CYS A 74 4.83 -2.89 -8.41
N TRP A 75 4.35 -3.46 -7.34
CA TRP A 75 3.77 -2.65 -6.24
C TRP A 75 4.89 -1.99 -5.43
N ASP A 76 4.96 -0.68 -5.46
CA ASP A 76 6.03 0.03 -4.70
C ASP A 76 5.53 0.38 -3.30
N ARG A 77 6.09 -0.21 -2.28
CA ARG A 77 5.65 0.10 -0.89
C ARG A 77 5.79 1.59 -0.62
N ASP A 78 6.93 2.16 -0.94
CA ASP A 78 7.13 3.61 -0.71
C ASP A 78 6.78 4.39 -1.99
N GLY A 79 6.71 3.71 -3.10
CA GLY A 79 6.37 4.41 -4.37
C GLY A 79 7.65 4.66 -5.17
N LYS A 80 8.61 3.79 -5.06
CA LYS A 80 9.89 3.98 -5.81
C LYS A 80 10.23 2.70 -6.59
N GLU A 81 9.28 2.15 -7.30
CA GLU A 81 9.55 0.91 -8.08
C GLU A 81 10.24 -0.14 -7.19
N ARG A 82 9.48 -1.03 -6.62
CA ARG A 82 10.09 -2.09 -5.74
C ARG A 82 9.92 -3.46 -6.38
N VAL A 83 10.39 -4.50 -5.74
CA VAL A 83 10.25 -5.86 -6.31
C VAL A 83 9.47 -6.78 -5.37
N THR A 84 9.03 -7.91 -5.86
CA THR A 84 8.26 -8.84 -5.00
C THR A 84 9.03 -9.12 -3.70
N GLY A 85 10.32 -8.89 -3.70
CA GLY A 85 11.13 -9.13 -2.47
C GLY A 85 10.75 -8.10 -1.40
N GLU A 86 10.03 -7.08 -1.78
CA GLU A 86 9.63 -6.03 -0.80
C GLU A 86 8.37 -6.47 -0.05
N GLU A 87 8.29 -6.18 1.22
CA GLU A 87 7.08 -6.57 2.00
C GLU A 87 6.81 -5.55 3.10
N TRP A 88 5.61 -5.51 3.60
CA TRP A 88 5.26 -4.54 4.68
C TRP A 88 4.25 -5.16 5.65
N LEU A 89 4.48 -5.02 6.93
CA LEU A 89 3.53 -5.60 7.92
C LEU A 89 2.51 -4.54 8.37
N VAL A 90 1.25 -4.86 8.30
CA VAL A 90 0.22 -3.87 8.73
C VAL A 90 -0.41 -4.31 10.06
N THR A 91 -0.45 -3.43 11.03
CA THR A 91 -1.05 -3.80 12.34
C THR A 91 -2.07 -2.75 12.78
N THR A 92 -2.96 -2.37 11.90
CA THR A 92 -3.97 -1.34 12.26
C THR A 92 -5.05 -1.97 13.16
N VAL A 93 -5.90 -1.16 13.73
CA VAL A 93 -6.96 -1.71 14.63
C VAL A 93 -8.35 -1.45 14.03
N GLY A 94 -9.19 -2.46 13.97
CA GLY A 94 -10.55 -2.25 13.40
C GLY A 94 -10.44 -1.56 12.05
N ALA A 95 -9.53 -1.99 11.21
CA ALA A 95 -9.37 -1.34 9.89
C ALA A 95 -9.24 -2.38 8.78
N TYR A 96 -9.56 -1.99 7.56
CA TYR A 96 -9.45 -2.94 6.41
C TYR A 96 -8.50 -2.36 5.38
N LEU A 97 -7.38 -2.99 5.16
CA LEU A 97 -6.41 -2.45 4.16
C LEU A 97 -6.04 -3.51 3.12
N PRO A 98 -6.85 -3.61 2.11
CA PRO A 98 -6.61 -4.57 1.02
C PRO A 98 -5.52 -4.05 0.08
N ALA A 99 -4.42 -4.73 -0.02
CA ALA A 99 -3.33 -4.26 -0.92
C ALA A 99 -3.70 -4.50 -2.38
N VAL A 100 -2.75 -4.35 -3.28
CA VAL A 100 -3.06 -4.58 -4.72
C VAL A 100 -2.27 -5.80 -5.25
N PHE A 101 -0.96 -5.79 -5.13
CA PHE A 101 -0.17 -6.96 -5.63
C PHE A 101 0.29 -7.83 -4.46
N GLU A 102 0.55 -7.24 -3.32
CA GLU A 102 1.03 -8.04 -2.16
C GLU A 102 -0.15 -8.73 -1.47
N GLU A 103 0.11 -9.82 -0.79
CA GLU A 103 -0.99 -10.54 -0.10
C GLU A 103 -0.62 -10.81 1.36
N VAL A 104 -1.55 -11.21 2.16
CA VAL A 104 -1.23 -11.49 3.60
C VAL A 104 -0.40 -12.76 3.72
N LEU A 105 0.40 -12.85 4.74
CA LEU A 105 1.23 -14.08 4.92
C LEU A 105 0.58 -14.98 5.96
N ASP A 106 -0.37 -14.46 6.71
CA ASP A 106 -1.06 -15.28 7.75
C ASP A 106 -1.83 -14.37 8.70
N LEU A 107 -2.30 -14.91 9.80
CA LEU A 107 -3.05 -14.10 10.79
C LEU A 107 -2.42 -14.26 12.18
N VAL A 108 -1.89 -13.22 12.75
CA VAL A 108 -1.26 -13.37 14.09
C VAL A 108 -2.00 -12.54 15.15
N ASP A 109 -2.79 -13.19 15.96
CA ASP A 109 -3.53 -12.46 17.03
C ASP A 109 -2.59 -12.06 18.16
N ALA A 110 -2.39 -10.79 18.37
CA ALA A 110 -1.47 -10.34 19.46
C ALA A 110 -1.82 -11.05 20.78
N VAL A 111 -0.83 -11.58 21.45
CA VAL A 111 -1.10 -12.27 22.74
C VAL A 111 -2.06 -13.44 22.53
N ILE A 112 -1.56 -14.64 22.44
CA ILE A 112 -2.45 -15.82 22.23
C ILE A 112 -3.62 -15.75 23.21
N LEU A 113 -4.82 -15.69 22.71
CA LEU A 113 -6.01 -15.63 23.61
C LEU A 113 -7.29 -15.69 22.78
N GLY A 1 0.51 19.49 7.90
CA GLY A 1 -0.80 19.22 7.23
C GLY A 1 -1.27 20.48 6.50
N SER A 2 -1.66 21.48 7.25
CA SER A 2 -2.14 22.74 6.61
C SER A 2 -3.19 22.43 5.54
N HIS A 3 -2.77 22.24 4.31
CA HIS A 3 -3.75 21.94 3.23
C HIS A 3 -3.62 20.47 2.79
N MET A 4 -3.95 20.18 1.56
CA MET A 4 -3.87 18.78 1.07
C MET A 4 -4.86 17.89 1.83
N GLN A 5 -4.83 16.61 1.56
CA GLN A 5 -5.77 15.68 2.27
C GLN A 5 -5.53 15.74 3.78
N VAL A 6 -6.04 14.78 4.51
CA VAL A 6 -5.85 14.78 6.00
C VAL A 6 -5.49 13.37 6.48
N VAL A 7 -4.51 13.26 7.34
CA VAL A 7 -4.11 11.92 7.85
C VAL A 7 -5.28 11.24 8.58
N LEU A 8 -5.70 10.11 8.08
CA LEU A 8 -6.82 9.38 8.74
C LEU A 8 -6.29 8.61 9.97
N PRO A 9 -7.20 8.14 10.78
CA PRO A 9 -6.80 7.39 12.00
C PRO A 9 -6.23 6.02 11.61
N ASN A 10 -6.78 5.40 10.60
CA ASN A 10 -6.25 4.07 10.17
C ASN A 10 -6.89 3.65 8.84
N THR A 11 -7.03 4.58 7.93
CA THR A 11 -7.63 4.23 6.61
C THR A 11 -6.58 4.35 5.51
N ALA A 12 -6.81 3.75 4.38
CA ALA A 12 -5.82 3.85 3.28
C ALA A 12 -6.52 3.83 1.93
N LEU A 13 -5.90 4.39 0.92
CA LEU A 13 -6.55 4.40 -0.43
C LEU A 13 -5.65 3.74 -1.47
N HIS A 14 -6.22 3.22 -2.52
CA HIS A 14 -5.39 2.57 -3.58
C HIS A 14 -5.09 3.57 -4.69
N LEU A 15 -3.84 3.73 -5.06
CA LEU A 15 -3.51 4.69 -6.15
C LEU A 15 -2.49 4.09 -7.10
N LYS A 16 -2.56 4.46 -8.36
CA LYS A 16 -1.59 3.91 -9.36
C LYS A 16 -0.49 4.93 -9.64
N ALA A 17 0.75 4.56 -9.41
CA ALA A 17 1.87 5.50 -9.66
C ALA A 17 2.25 5.48 -11.14
N LEU A 18 2.03 6.57 -11.83
CA LEU A 18 2.37 6.61 -13.27
C LEU A 18 3.64 7.43 -13.50
N LEU A 19 4.76 6.78 -13.66
CA LEU A 19 6.03 7.52 -13.89
C LEU A 19 7.12 6.54 -14.35
N ASP A 20 7.84 6.89 -15.37
CA ASP A 20 8.93 5.98 -15.84
C ASP A 20 10.14 6.15 -14.91
N PHE A 21 10.34 5.24 -13.99
CA PHE A 21 11.48 5.38 -13.05
C PHE A 21 12.41 4.16 -13.09
N GLU A 22 13.69 4.39 -13.11
CA GLU A 22 14.67 3.27 -13.14
C GLU A 22 15.73 3.49 -12.04
N ASP A 23 15.96 2.52 -11.22
CA ASP A 23 16.96 2.68 -10.13
C ASP A 23 18.37 2.37 -10.63
N LYS A 24 19.38 2.67 -9.84
CA LYS A 24 20.78 2.40 -10.25
C LYS A 24 20.97 0.90 -10.47
N ASP A 25 20.26 0.09 -9.74
CA ASP A 25 20.41 -1.38 -9.89
C ASP A 25 20.03 -1.80 -11.31
N GLY A 26 19.34 -0.96 -12.02
CA GLY A 26 18.94 -1.32 -13.41
C GLY A 26 17.54 -0.79 -13.71
N ASP A 27 16.54 -1.36 -13.12
CA ASP A 27 15.15 -0.90 -13.39
C ASP A 27 14.37 -0.68 -12.09
N LYS A 28 13.35 0.13 -12.13
CA LYS A 28 12.53 0.38 -10.92
C LYS A 28 11.04 0.32 -11.29
N VAL A 29 10.43 1.44 -11.55
CA VAL A 29 8.98 1.42 -11.94
C VAL A 29 8.84 1.86 -13.39
N VAL A 30 7.84 1.40 -14.08
CA VAL A 30 7.67 1.80 -15.51
C VAL A 30 6.24 2.24 -15.81
N ALA A 31 5.90 3.44 -15.43
CA ALA A 31 4.52 3.96 -15.70
C ALA A 31 3.48 2.84 -15.56
N GLY A 32 3.20 2.40 -14.37
CA GLY A 32 2.18 1.32 -14.21
C GLY A 32 2.25 0.73 -12.79
N ASP A 33 2.55 1.53 -11.81
CA ASP A 33 2.62 0.99 -10.42
C ASP A 33 1.28 1.18 -9.71
N GLU A 34 0.91 0.25 -8.86
CA GLU A 34 -0.38 0.38 -8.12
C GLU A 34 -0.20 -0.10 -6.69
N TRP A 35 -0.62 0.68 -5.72
CA TRP A 35 -0.44 0.24 -4.31
C TRP A 35 -1.43 0.94 -3.38
N LEU A 36 -1.56 0.46 -2.18
CA LEU A 36 -2.49 1.10 -1.21
C LEU A 36 -1.75 2.16 -0.41
N PHE A 37 -2.45 3.13 0.11
CA PHE A 37 -1.76 4.20 0.88
C PHE A 37 -2.40 4.34 2.26
N GLU A 38 -1.70 3.93 3.29
CA GLU A 38 -2.27 4.04 4.67
C GLU A 38 -1.91 5.40 5.25
N GLY A 39 -2.80 6.00 6.00
CA GLY A 39 -2.47 7.34 6.57
C GLY A 39 -2.05 8.27 5.43
N PRO A 40 -2.82 8.25 4.37
CA PRO A 40 -2.52 9.09 3.18
C PRO A 40 -2.77 10.59 3.43
N GLY A 41 -2.84 11.01 4.67
CA GLY A 41 -3.07 12.46 4.93
C GLY A 41 -2.17 13.28 4.02
N THR A 42 -2.54 14.50 3.76
CA THR A 42 -1.71 15.39 2.87
C THR A 42 -1.44 14.72 1.51
N TYR A 43 -2.11 13.63 1.20
CA TYR A 43 -1.87 12.99 -0.13
C TYR A 43 -2.55 13.80 -1.23
N ILE A 44 -1.86 14.08 -2.30
CA ILE A 44 -2.47 14.89 -3.40
C ILE A 44 -2.48 14.09 -4.70
N PRO A 45 -3.60 14.11 -5.37
CA PRO A 45 -3.74 13.38 -6.65
C PRO A 45 -2.97 14.10 -7.76
N ARG A 46 -1.68 13.94 -7.80
CA ARG A 46 -0.88 14.63 -8.85
C ARG A 46 -0.72 13.71 -10.08
N LYS A 47 -0.59 14.30 -11.25
CA LYS A 47 -0.43 13.46 -12.47
C LYS A 47 0.51 12.30 -12.21
N GLU A 48 1.48 12.48 -11.35
CA GLU A 48 2.43 11.38 -11.05
C GLU A 48 1.67 10.06 -10.89
N VAL A 49 0.65 10.06 -10.08
CA VAL A 49 -0.17 8.81 -9.90
C VAL A 49 -1.65 9.15 -9.96
N GLU A 50 -2.51 8.17 -9.93
CA GLU A 50 -3.97 8.46 -9.97
C GLU A 50 -4.70 7.70 -8.87
N VAL A 51 -5.40 8.39 -8.02
CA VAL A 51 -6.14 7.68 -6.93
C VAL A 51 -7.04 6.61 -7.56
N VAL A 52 -6.87 5.38 -7.17
CA VAL A 52 -7.71 4.31 -7.77
C VAL A 52 -8.88 3.95 -6.85
N GLU A 53 -8.60 3.63 -5.62
CA GLU A 53 -9.71 3.28 -4.69
C GLU A 53 -9.44 3.90 -3.31
N ILE A 54 -10.38 3.76 -2.41
CA ILE A 54 -10.19 4.34 -1.04
C ILE A 54 -10.61 3.28 -0.02
N ILE A 55 -9.96 3.20 1.11
CA ILE A 55 -10.32 2.17 2.11
C ILE A 55 -10.39 2.77 3.52
N GLN A 56 -11.31 2.28 4.32
CA GLN A 56 -11.43 2.79 5.72
C GLN A 56 -11.21 1.63 6.70
N ALA A 57 -11.05 1.92 7.96
CA ALA A 57 -10.82 0.83 8.95
C ALA A 57 -12.16 0.31 9.49
N THR A 58 -12.35 -0.99 9.52
CA THR A 58 -13.63 -1.52 10.06
C THR A 58 -13.61 -3.07 10.10
N ILE A 59 -12.87 -3.66 11.00
CA ILE A 59 -12.84 -5.15 11.07
C ILE A 59 -11.99 -5.65 12.24
N ILE A 60 -10.75 -5.21 12.38
CA ILE A 60 -9.92 -5.71 13.52
C ILE A 60 -9.73 -4.62 14.57
N ARG A 61 -8.83 -4.83 15.49
CA ARG A 61 -8.57 -3.84 16.56
C ARG A 61 -7.10 -3.41 16.56
N GLN A 62 -6.55 -3.09 17.70
CA GLN A 62 -5.13 -2.67 17.77
C GLN A 62 -4.20 -3.87 17.97
N ASN A 63 -4.23 -4.45 19.15
CA ASN A 63 -3.36 -5.62 19.46
C ASN A 63 -3.16 -6.52 18.23
N GLN A 64 -4.21 -6.85 17.54
CA GLN A 64 -4.05 -7.74 16.35
C GLN A 64 -3.06 -7.13 15.34
N ALA A 65 -2.09 -7.90 14.93
CA ALA A 65 -1.10 -7.39 13.93
C ALA A 65 -1.34 -8.07 12.59
N LEU A 66 -1.06 -7.39 11.50
CA LEU A 66 -1.30 -8.01 10.16
C LEU A 66 -0.04 -7.97 9.30
N ARG A 67 0.52 -9.12 8.99
CA ARG A 67 1.73 -9.15 8.13
C ARG A 67 1.33 -9.51 6.71
N LEU A 68 1.63 -8.66 5.75
CA LEU A 68 1.22 -8.97 4.35
C LEU A 68 2.43 -9.08 3.42
N ARG A 69 2.36 -9.94 2.44
CA ARG A 69 3.51 -10.11 1.49
C ARG A 69 3.05 -9.83 0.06
N ALA A 70 3.95 -9.40 -0.79
CA ALA A 70 3.57 -9.09 -2.19
C ALA A 70 3.29 -10.37 -2.98
N ARG A 71 2.57 -10.26 -4.07
CA ARG A 71 2.26 -11.47 -4.88
C ARG A 71 2.55 -11.17 -6.36
N LYS A 72 2.33 -9.96 -6.79
CA LYS A 72 2.59 -9.61 -8.21
C LYS A 72 3.68 -8.53 -8.30
N GLU A 73 4.85 -8.88 -8.73
CA GLU A 73 5.94 -7.87 -8.84
C GLU A 73 5.42 -6.62 -9.55
N CYS A 74 5.07 -5.60 -8.81
CA CYS A 74 4.54 -4.35 -9.44
C CYS A 74 3.97 -3.43 -8.37
N TRP A 75 3.55 -3.97 -7.26
CA TRP A 75 2.99 -3.11 -6.18
C TRP A 75 4.10 -2.34 -5.46
N ASP A 76 3.98 -1.04 -5.37
CA ASP A 76 5.04 -0.25 -4.68
C ASP A 76 4.70 -0.10 -3.20
N ARG A 77 5.45 -0.73 -2.34
CA ARG A 77 5.17 -0.62 -0.87
C ARG A 77 5.23 0.84 -0.42
N ASP A 78 6.34 1.48 -0.64
CA ASP A 78 6.46 2.91 -0.23
C ASP A 78 6.59 3.82 -1.46
N GLY A 79 6.57 3.24 -2.63
CA GLY A 79 6.69 4.06 -3.87
C GLY A 79 8.00 3.74 -4.58
N LYS A 80 8.70 2.72 -4.14
CA LYS A 80 9.98 2.37 -4.80
C LYS A 80 9.77 1.22 -5.79
N GLU A 81 8.63 0.61 -5.75
CA GLU A 81 8.34 -0.51 -6.69
C GLU A 81 9.33 -1.66 -6.45
N ARG A 82 8.89 -2.72 -5.83
CA ARG A 82 9.80 -3.88 -5.58
C ARG A 82 9.20 -5.15 -6.17
N VAL A 83 9.92 -6.24 -6.13
CA VAL A 83 9.40 -7.51 -6.70
C VAL A 83 8.37 -8.14 -5.75
N THR A 84 7.75 -9.21 -6.16
CA THR A 84 6.73 -9.87 -5.29
C THR A 84 7.39 -10.35 -3.98
N GLY A 85 8.68 -10.31 -3.91
CA GLY A 85 9.38 -10.75 -2.67
C GLY A 85 9.25 -9.66 -1.61
N GLU A 86 8.80 -8.49 -1.99
CA GLU A 86 8.67 -7.39 -1.00
C GLU A 86 7.47 -7.66 -0.07
N GLU A 87 7.51 -7.14 1.13
CA GLU A 87 6.39 -7.38 2.07
C GLU A 87 6.39 -6.32 3.18
N TRP A 88 5.29 -6.14 3.86
CA TRP A 88 5.26 -5.13 4.95
C TRP A 88 4.28 -5.56 6.05
N LEU A 89 4.58 -5.25 7.28
CA LEU A 89 3.69 -5.65 8.39
C LEU A 89 2.91 -4.45 8.92
N VAL A 90 1.62 -4.54 8.96
CA VAL A 90 0.80 -3.40 9.45
C VAL A 90 0.51 -3.56 10.96
N THR A 91 0.79 -2.54 11.72
CA THR A 91 0.53 -2.60 13.18
C THR A 91 -0.14 -1.30 13.63
N THR A 92 -0.89 -0.68 12.75
CA THR A 92 -1.57 0.60 13.11
C THR A 92 -2.87 0.33 13.87
N VAL A 93 -3.06 1.00 14.97
CA VAL A 93 -4.31 0.80 15.76
C VAL A 93 -5.52 1.28 14.97
N GLY A 94 -6.40 0.39 14.57
CA GLY A 94 -7.59 0.84 13.79
C GLY A 94 -8.47 -0.36 13.44
N ALA A 95 -8.31 -0.92 12.28
CA ALA A 95 -9.16 -2.08 11.89
C ALA A 95 -8.42 -3.02 10.94
N TYR A 96 -7.84 -2.50 9.88
CA TYR A 96 -7.09 -3.36 8.91
C TYR A 96 -6.58 -2.53 7.73
N LEU A 97 -5.63 -3.05 7.01
CA LEU A 97 -5.08 -2.30 5.84
C LEU A 97 -4.45 -3.27 4.83
N PRO A 98 -5.32 -3.98 4.14
CA PRO A 98 -4.85 -4.96 3.12
C PRO A 98 -4.31 -4.24 1.89
N ALA A 99 -3.11 -4.59 1.47
CA ALA A 99 -2.53 -3.92 0.27
C ALA A 99 -3.33 -4.27 -0.98
N VAL A 100 -2.76 -4.05 -2.13
CA VAL A 100 -3.49 -4.37 -3.41
C VAL A 100 -2.95 -5.68 -3.98
N PHE A 101 -1.73 -5.69 -4.44
CA PHE A 101 -1.14 -6.95 -5.01
C PHE A 101 -0.66 -7.86 -3.88
N GLU A 102 -0.41 -7.29 -2.73
CA GLU A 102 0.08 -8.11 -1.58
C GLU A 102 -1.10 -8.69 -0.79
N GLU A 103 -0.94 -9.87 -0.26
CA GLU A 103 -2.04 -10.50 0.53
C GLU A 103 -1.56 -10.81 1.95
N VAL A 104 -2.46 -11.20 2.82
CA VAL A 104 -2.04 -11.52 4.21
C VAL A 104 -1.55 -12.96 4.31
N LEU A 105 -0.46 -13.18 5.00
CA LEU A 105 0.08 -14.56 5.13
C LEU A 105 -0.45 -15.21 6.42
N ASP A 106 -0.72 -14.41 7.42
CA ASP A 106 -1.24 -14.98 8.69
C ASP A 106 -1.52 -13.85 9.70
N LEU A 107 -2.72 -13.76 10.19
CA LEU A 107 -3.05 -12.70 11.17
C LEU A 107 -2.50 -13.07 12.55
N VAL A 108 -2.06 -12.12 13.32
CA VAL A 108 -1.51 -12.45 14.66
C VAL A 108 -2.13 -11.55 15.73
N ASP A 109 -2.18 -11.99 16.96
CA ASP A 109 -2.78 -11.14 18.03
C ASP A 109 -1.68 -10.67 19.00
N ALA A 110 -1.56 -9.39 19.18
CA ALA A 110 -0.50 -8.87 20.11
C ALA A 110 -0.85 -9.23 21.56
N VAL A 111 -0.04 -8.80 22.48
CA VAL A 111 -0.32 -9.11 23.91
C VAL A 111 -0.58 -10.60 24.10
N ILE A 112 0.45 -11.40 24.06
CA ILE A 112 0.27 -12.87 24.23
C ILE A 112 1.57 -13.53 24.67
N LEU A 113 1.49 -14.65 25.33
CA LEU A 113 2.73 -15.34 25.79
C LEU A 113 3.64 -14.36 26.54
N GLY A 1 -12.16 11.32 -0.53
CA GLY A 1 -11.38 11.70 -1.74
C GLY A 1 -11.16 13.21 -1.76
N SER A 2 -11.92 13.92 -2.56
CA SER A 2 -11.75 15.40 -2.62
C SER A 2 -10.27 15.75 -2.86
N HIS A 3 -9.96 17.01 -2.89
CA HIS A 3 -8.53 17.42 -3.12
C HIS A 3 -7.85 17.69 -1.78
N MET A 4 -6.66 17.18 -1.59
CA MET A 4 -5.95 17.40 -0.30
C MET A 4 -6.75 16.77 0.85
N GLN A 5 -6.09 16.14 1.78
CA GLN A 5 -6.81 15.50 2.91
C GLN A 5 -5.98 15.60 4.19
N VAL A 6 -6.61 15.43 5.32
CA VAL A 6 -5.86 15.51 6.62
C VAL A 6 -5.40 14.11 7.01
N VAL A 7 -4.32 14.00 7.74
CA VAL A 7 -3.84 12.65 8.15
C VAL A 7 -5.02 11.77 8.56
N LEU A 8 -5.17 10.64 7.92
CA LEU A 8 -6.30 9.73 8.27
C LEU A 8 -5.97 8.94 9.54
N PRO A 9 -7.01 8.44 10.16
CA PRO A 9 -6.83 7.64 11.39
C PRO A 9 -6.31 6.24 11.06
N ASN A 10 -7.18 5.35 10.68
CA ASN A 10 -6.74 3.97 10.34
C ASN A 10 -7.31 3.57 8.97
N THR A 11 -7.08 4.35 7.97
CA THR A 11 -7.62 4.01 6.62
C THR A 11 -6.53 4.15 5.56
N ALA A 12 -6.68 3.48 4.45
CA ALA A 12 -5.65 3.59 3.37
C ALA A 12 -6.34 3.62 2.01
N LEU A 13 -5.67 4.06 0.99
CA LEU A 13 -6.32 4.11 -0.36
C LEU A 13 -5.40 3.52 -1.44
N HIS A 14 -5.97 3.06 -2.51
CA HIS A 14 -5.14 2.49 -3.62
C HIS A 14 -4.87 3.56 -4.68
N LEU A 15 -3.64 3.82 -4.97
CA LEU A 15 -3.34 4.84 -6.03
C LEU A 15 -2.44 4.23 -7.08
N LYS A 16 -2.56 4.67 -8.30
CA LYS A 16 -1.71 4.11 -9.39
C LYS A 16 -0.49 4.99 -9.64
N ALA A 17 0.68 4.45 -9.46
CA ALA A 17 1.91 5.25 -9.71
C ALA A 17 2.18 5.38 -11.20
N LEU A 18 2.11 6.58 -11.71
CA LEU A 18 2.38 6.80 -13.15
C LEU A 18 3.83 7.27 -13.33
N LEU A 19 4.69 6.38 -13.72
CA LEU A 19 6.13 6.77 -13.89
C LEU A 19 6.84 5.80 -14.83
N ASP A 20 7.77 6.28 -15.63
CA ASP A 20 8.52 5.38 -16.54
C ASP A 20 9.72 4.79 -15.78
N PHE A 21 9.62 3.56 -15.36
CA PHE A 21 10.74 2.94 -14.60
C PHE A 21 11.22 1.67 -15.30
N GLU A 22 12.51 1.42 -15.27
CA GLU A 22 13.05 0.19 -15.92
C GLU A 22 13.32 -0.89 -14.86
N ASP A 23 12.91 -2.10 -15.12
CA ASP A 23 13.14 -3.20 -14.13
C ASP A 23 14.38 -4.02 -14.51
N LYS A 24 15.10 -4.51 -13.55
CA LYS A 24 16.31 -5.32 -13.87
C LYS A 24 15.94 -6.55 -14.69
N ASP A 25 14.69 -6.92 -14.67
CA ASP A 25 14.26 -8.12 -15.45
C ASP A 25 14.00 -7.74 -16.91
N GLY A 26 13.60 -6.52 -17.15
CA GLY A 26 13.34 -6.09 -18.55
C GLY A 26 11.88 -5.65 -18.68
N ASP A 27 11.05 -6.02 -17.73
CA ASP A 27 9.61 -5.62 -17.81
C ASP A 27 9.50 -4.09 -17.84
N LYS A 28 10.22 -3.42 -16.98
CA LYS A 28 10.16 -1.93 -16.95
C LYS A 28 8.72 -1.46 -16.71
N VAL A 29 8.50 -0.72 -15.66
CA VAL A 29 7.12 -0.22 -15.39
C VAL A 29 6.86 1.02 -16.26
N VAL A 30 5.72 1.10 -16.88
CA VAL A 30 5.44 2.29 -17.75
C VAL A 30 4.12 2.95 -17.34
N ALA A 31 4.19 3.90 -16.46
CA ALA A 31 2.94 4.59 -16.02
C ALA A 31 1.82 3.57 -15.81
N GLY A 32 1.99 2.65 -14.88
CA GLY A 32 0.93 1.64 -14.65
C GLY A 32 1.13 0.96 -13.30
N ASP A 33 1.79 1.60 -12.37
CA ASP A 33 2.00 0.96 -11.03
C ASP A 33 0.83 1.32 -10.11
N GLU A 34 0.64 0.56 -9.06
CA GLU A 34 -0.48 0.86 -8.12
C GLU A 34 -0.22 0.22 -6.76
N TRP A 35 -0.37 0.97 -5.70
CA TRP A 35 -0.14 0.40 -4.34
C TRP A 35 -1.10 1.04 -3.33
N LEU A 36 -1.15 0.51 -2.14
CA LEU A 36 -2.06 1.10 -1.11
C LEU A 36 -1.34 2.18 -0.32
N PHE A 37 -2.07 3.09 0.26
CA PHE A 37 -1.43 4.17 1.06
C PHE A 37 -2.16 4.32 2.39
N GLU A 38 -1.52 3.95 3.47
CA GLU A 38 -2.18 4.06 4.81
C GLU A 38 -1.86 5.41 5.45
N GLY A 39 -2.85 6.06 6.02
CA GLY A 39 -2.58 7.38 6.65
C GLY A 39 -2.20 8.40 5.56
N PRO A 40 -2.96 8.40 4.51
CA PRO A 40 -2.69 9.32 3.37
C PRO A 40 -2.91 10.78 3.81
N GLY A 41 -4.11 11.12 4.22
CA GLY A 41 -4.38 12.51 4.66
C GLY A 41 -3.74 13.52 3.71
N THR A 42 -2.51 13.88 3.96
CA THR A 42 -1.82 14.88 3.08
C THR A 42 -1.50 14.29 1.70
N TYR A 43 -1.92 13.08 1.42
CA TYR A 43 -1.61 12.49 0.08
C TYR A 43 -2.40 13.24 -1.00
N ILE A 44 -1.71 13.96 -1.85
CA ILE A 44 -2.40 14.70 -2.94
C ILE A 44 -2.21 13.97 -4.27
N PRO A 45 -3.25 13.97 -5.06
CA PRO A 45 -3.19 13.29 -6.38
C PRO A 45 -2.28 14.07 -7.33
N ARG A 46 -1.03 13.71 -7.40
CA ARG A 46 -0.10 14.45 -8.30
C ARG A 46 0.17 13.64 -9.58
N LYS A 47 0.60 14.30 -10.62
CA LYS A 47 0.88 13.57 -11.89
C LYS A 47 1.65 12.28 -11.60
N GLU A 48 2.52 12.29 -10.63
CA GLU A 48 3.30 11.07 -10.30
C GLU A 48 2.37 9.85 -10.27
N VAL A 49 1.25 9.95 -9.60
CA VAL A 49 0.30 8.80 -9.52
C VAL A 49 -1.14 9.32 -9.44
N GLU A 50 -2.11 8.44 -9.52
CA GLU A 50 -3.52 8.87 -9.44
C GLU A 50 -4.30 8.04 -8.42
N VAL A 51 -4.96 8.67 -7.49
CA VAL A 51 -5.75 7.92 -6.47
C VAL A 51 -6.73 6.98 -7.18
N VAL A 52 -6.73 5.73 -6.83
CA VAL A 52 -7.66 4.77 -7.50
C VAL A 52 -8.77 4.31 -6.54
N GLU A 53 -8.41 3.69 -5.46
CA GLU A 53 -9.45 3.21 -4.50
C GLU A 53 -9.20 3.76 -3.10
N ILE A 54 -10.10 3.53 -2.19
CA ILE A 54 -9.93 4.03 -0.80
C ILE A 54 -10.34 2.91 0.19
N ILE A 55 -9.83 2.94 1.40
CA ILE A 55 -10.18 1.85 2.37
C ILE A 55 -10.23 2.39 3.80
N GLN A 56 -11.03 1.80 4.65
CA GLN A 56 -11.11 2.25 6.07
C GLN A 56 -10.83 1.08 7.02
N ALA A 57 -10.67 1.35 8.29
CA ALA A 57 -10.40 0.26 9.27
C ALA A 57 -11.70 -0.37 9.78
N THR A 58 -11.66 -1.61 10.20
CA THR A 58 -12.92 -2.24 10.73
C THR A 58 -12.74 -3.74 11.01
N ILE A 59 -11.57 -4.22 11.36
CA ILE A 59 -11.49 -5.70 11.63
C ILE A 59 -10.25 -6.11 12.44
N ILE A 60 -9.12 -5.49 12.26
CA ILE A 60 -7.92 -5.94 13.03
C ILE A 60 -7.99 -5.46 14.50
N ARG A 61 -7.37 -6.18 15.39
CA ARG A 61 -7.39 -5.79 16.83
C ARG A 61 -6.25 -4.81 17.12
N GLN A 62 -5.81 -4.75 18.35
CA GLN A 62 -4.72 -3.81 18.70
C GLN A 62 -3.35 -4.40 18.34
N ASN A 63 -2.92 -5.40 19.05
CA ASN A 63 -1.59 -6.02 18.76
C ASN A 63 -1.68 -6.94 17.54
N GLN A 64 -2.86 -7.18 17.05
CA GLN A 64 -2.99 -8.08 15.86
C GLN A 64 -2.12 -7.57 14.70
N ALA A 65 -1.25 -8.40 14.20
CA ALA A 65 -0.37 -7.97 13.06
C ALA A 65 -0.80 -8.67 11.77
N LEU A 66 -0.58 -8.05 10.64
CA LEU A 66 -0.98 -8.68 9.35
C LEU A 66 0.21 -8.74 8.39
N ARG A 67 0.56 -9.92 7.95
CA ARG A 67 1.73 -10.06 7.01
C ARG A 67 1.24 -10.03 5.56
N LEU A 68 1.75 -9.13 4.77
CA LEU A 68 1.30 -9.07 3.34
C LEU A 68 2.51 -9.17 2.40
N ARG A 69 2.46 -10.07 1.45
CA ARG A 69 3.60 -10.21 0.50
C ARG A 69 3.18 -9.75 -0.90
N ALA A 70 4.12 -9.53 -1.77
CA ALA A 70 3.76 -9.07 -3.15
C ALA A 70 3.21 -10.24 -3.99
N ARG A 71 2.46 -9.93 -5.01
CA ARG A 71 1.90 -11.02 -5.87
C ARG A 71 2.50 -10.91 -7.27
N LYS A 72 2.69 -9.73 -7.76
CA LYS A 72 3.28 -9.54 -9.12
C LYS A 72 4.29 -8.38 -9.09
N GLU A 73 5.47 -8.58 -9.62
CA GLU A 73 6.48 -7.49 -9.62
C GLU A 73 5.91 -6.24 -10.30
N CYS A 74 5.18 -5.44 -9.56
CA CYS A 74 4.58 -4.21 -10.15
C CYS A 74 4.16 -3.25 -9.04
N TRP A 75 3.69 -3.77 -7.94
CA TRP A 75 3.25 -2.90 -6.81
C TRP A 75 4.48 -2.31 -6.10
N ASP A 76 4.61 -1.00 -6.10
CA ASP A 76 5.78 -0.37 -5.42
C ASP A 76 5.47 -0.15 -3.93
N ARG A 77 6.17 -0.81 -3.06
CA ARG A 77 5.92 -0.63 -1.61
C ARG A 77 6.03 0.85 -1.23
N ASP A 78 7.15 1.47 -1.52
CA ASP A 78 7.31 2.91 -1.19
C ASP A 78 7.20 3.76 -2.47
N GLY A 79 6.54 3.25 -3.47
CA GLY A 79 6.42 4.02 -4.74
C GLY A 79 7.63 3.72 -5.62
N LYS A 80 8.62 3.07 -5.08
CA LYS A 80 9.83 2.75 -5.89
C LYS A 80 9.64 1.42 -6.63
N GLU A 81 10.03 1.36 -7.87
CA GLU A 81 9.87 0.09 -8.64
C GLU A 81 10.37 -1.09 -7.80
N ARG A 82 9.51 -2.03 -7.50
CA ARG A 82 9.94 -3.20 -6.69
C ARG A 82 9.48 -4.51 -7.34
N VAL A 83 10.13 -5.59 -7.04
CA VAL A 83 9.74 -6.91 -7.64
C VAL A 83 8.64 -7.56 -6.80
N THR A 84 8.21 -8.74 -7.19
CA THR A 84 7.15 -9.44 -6.42
C THR A 84 7.73 -9.99 -5.11
N GLY A 85 9.03 -9.89 -4.94
CA GLY A 85 9.64 -10.42 -3.69
C GLY A 85 9.40 -9.43 -2.54
N GLU A 86 9.18 -8.19 -2.84
CA GLU A 86 8.94 -7.20 -1.75
C GLU A 86 7.74 -7.64 -0.90
N GLU A 87 7.60 -7.11 0.28
CA GLU A 87 6.47 -7.49 1.16
C GLU A 87 6.24 -6.42 2.22
N TRP A 88 5.00 -6.14 2.55
CA TRP A 88 4.72 -5.10 3.59
C TRP A 88 3.97 -5.71 4.78
N LEU A 89 4.20 -5.21 5.95
CA LEU A 89 3.51 -5.75 7.16
C LEU A 89 2.55 -4.71 7.74
N VAL A 90 1.32 -5.09 7.96
CA VAL A 90 0.33 -4.14 8.52
C VAL A 90 0.34 -4.21 10.06
N THR A 91 0.97 -3.27 10.70
CA THR A 91 1.02 -3.29 12.19
C THR A 91 0.15 -2.17 12.77
N THR A 92 -0.87 -1.79 12.07
CA THR A 92 -1.76 -0.70 12.59
C THR A 92 -2.67 -1.25 13.70
N VAL A 93 -3.34 -0.39 14.41
CA VAL A 93 -4.25 -0.86 15.49
C VAL A 93 -5.70 -0.54 15.15
N GLY A 94 -6.47 -1.53 14.80
CA GLY A 94 -7.90 -1.27 14.44
C GLY A 94 -8.00 -0.93 12.95
N ALA A 95 -7.96 -1.93 12.10
CA ALA A 95 -8.05 -1.68 10.63
C ALA A 95 -7.83 -2.98 9.85
N TYR A 96 -7.46 -2.86 8.60
CA TYR A 96 -7.23 -4.10 7.80
C TYR A 96 -6.89 -3.75 6.33
N LEU A 97 -6.36 -2.59 6.08
CA LEU A 97 -5.99 -2.22 4.68
C LEU A 97 -4.95 -3.19 4.13
N PRO A 98 -5.38 -4.01 3.20
CA PRO A 98 -4.46 -5.00 2.59
C PRO A 98 -3.56 -4.35 1.54
N ALA A 99 -3.98 -4.35 0.30
CA ALA A 99 -3.15 -3.72 -0.77
C ALA A 99 -3.74 -4.03 -2.16
N VAL A 100 -2.95 -3.96 -3.19
CA VAL A 100 -3.47 -4.25 -4.55
C VAL A 100 -2.82 -5.53 -5.10
N PHE A 101 -1.51 -5.55 -5.21
CA PHE A 101 -0.83 -6.77 -5.73
C PHE A 101 -0.26 -7.57 -4.55
N GLU A 102 -0.65 -7.22 -3.36
CA GLU A 102 -0.12 -7.96 -2.18
C GLU A 102 -1.10 -9.06 -1.74
N GLU A 103 -0.60 -10.04 -1.04
CA GLU A 103 -1.46 -11.15 -0.56
C GLU A 103 -1.05 -11.53 0.86
N VAL A 104 -1.99 -11.60 1.77
CA VAL A 104 -1.63 -11.95 3.17
C VAL A 104 -1.36 -13.45 3.28
N LEU A 105 -0.53 -13.84 4.21
CA LEU A 105 -0.22 -15.28 4.38
C LEU A 105 -0.96 -15.82 5.61
N ASP A 106 -1.29 -14.96 6.53
CA ASP A 106 -2.00 -15.41 7.76
C ASP A 106 -2.10 -14.25 8.75
N LEU A 107 -3.02 -14.32 9.68
CA LEU A 107 -3.16 -13.23 10.68
C LEU A 107 -2.40 -13.59 11.96
N VAL A 108 -1.65 -12.68 12.51
CA VAL A 108 -0.89 -12.99 13.75
C VAL A 108 -1.27 -12.03 14.89
N ASP A 109 -1.06 -12.45 16.10
CA ASP A 109 -1.40 -11.57 17.26
C ASP A 109 -0.10 -11.10 17.94
N ALA A 110 0.03 -9.82 18.20
CA ALA A 110 1.27 -9.33 18.86
C ALA A 110 1.12 -9.34 20.38
N VAL A 111 0.40 -10.30 20.91
CA VAL A 111 0.24 -10.36 22.39
C VAL A 111 1.55 -10.83 23.05
N ILE A 112 1.59 -10.89 24.34
CA ILE A 112 2.84 -11.34 25.02
C ILE A 112 4.03 -10.55 24.49
N LEU A 113 3.83 -9.33 24.12
CA LEU A 113 4.96 -8.50 23.59
C LEU A 113 6.17 -8.59 24.51
N GLY A 1 3.60 20.93 9.38
CA GLY A 1 3.51 19.90 8.31
C GLY A 1 2.88 20.52 7.06
N SER A 2 1.71 20.06 6.69
CA SER A 2 1.05 20.62 5.48
C SER A 2 -0.46 20.72 5.71
N HIS A 3 -1.23 20.90 4.66
CA HIS A 3 -2.70 21.00 4.84
C HIS A 3 -3.42 20.27 3.69
N MET A 4 -2.84 19.23 3.18
CA MET A 4 -3.48 18.47 2.06
C MET A 4 -4.36 17.35 2.63
N GLN A 5 -3.90 16.12 2.56
CA GLN A 5 -4.71 15.00 3.10
C GLN A 5 -4.12 14.52 4.44
N VAL A 6 -4.18 15.34 5.44
CA VAL A 6 -3.61 14.94 6.78
C VAL A 6 -3.96 13.48 7.08
N VAL A 7 -3.29 12.90 8.04
CA VAL A 7 -3.55 11.47 8.40
C VAL A 7 -5.04 11.15 8.32
N LEU A 8 -5.37 9.97 7.83
CA LEU A 8 -6.80 9.58 7.72
C LEU A 8 -7.27 8.95 9.03
N PRO A 9 -8.56 8.77 9.13
CA PRO A 9 -9.15 8.17 10.35
C PRO A 9 -8.92 6.66 10.34
N ASN A 10 -7.68 6.24 10.30
CA ASN A 10 -7.38 4.77 10.29
C ASN A 10 -7.91 4.16 8.99
N THR A 11 -7.65 4.78 7.88
CA THR A 11 -8.14 4.24 6.59
C THR A 11 -7.03 4.30 5.53
N ALA A 12 -7.17 3.55 4.47
CA ALA A 12 -6.12 3.57 3.41
C ALA A 12 -6.77 3.70 2.04
N LEU A 13 -6.04 4.13 1.05
CA LEU A 13 -6.64 4.26 -0.30
C LEU A 13 -5.73 3.65 -1.36
N HIS A 14 -6.30 3.06 -2.37
CA HIS A 14 -5.47 2.44 -3.44
C HIS A 14 -5.20 3.48 -4.53
N LEU A 15 -3.98 3.65 -4.94
CA LEU A 15 -3.69 4.67 -6.00
C LEU A 15 -2.77 4.07 -7.08
N LYS A 16 -2.78 4.66 -8.24
CA LYS A 16 -1.93 4.13 -9.34
C LYS A 16 -0.73 5.04 -9.59
N ALA A 17 0.45 4.54 -9.40
CA ALA A 17 1.66 5.38 -9.64
C ALA A 17 1.97 5.42 -11.13
N LEU A 18 1.80 6.58 -11.73
CA LEU A 18 2.08 6.70 -13.19
C LEU A 18 3.41 7.41 -13.42
N LEU A 19 4.45 6.66 -13.73
CA LEU A 19 5.77 7.30 -13.97
C LEU A 19 6.69 6.36 -14.75
N ASP A 20 7.51 6.89 -15.61
CA ASP A 20 8.45 6.04 -16.38
C ASP A 20 9.67 5.75 -15.51
N PHE A 21 9.74 4.58 -14.92
CA PHE A 21 10.88 4.26 -14.03
C PHE A 21 11.79 3.19 -14.65
N GLU A 22 13.08 3.38 -14.54
CA GLU A 22 14.03 2.38 -15.12
C GLU A 22 14.93 1.82 -14.00
N ASP A 23 14.88 0.54 -13.78
CA ASP A 23 15.73 -0.06 -12.71
C ASP A 23 16.78 -0.99 -13.33
N LYS A 24 18.03 -0.79 -12.99
CA LYS A 24 19.10 -1.65 -13.55
C LYS A 24 18.86 -3.12 -13.19
N ASP A 25 18.31 -3.38 -12.04
CA ASP A 25 18.05 -4.80 -11.64
C ASP A 25 16.56 -5.03 -11.38
N GLY A 26 15.86 -4.01 -10.94
CA GLY A 26 14.41 -4.17 -10.68
C GLY A 26 13.61 -3.91 -11.96
N ASP A 27 14.11 -4.36 -13.08
CA ASP A 27 13.38 -4.13 -14.36
C ASP A 27 13.00 -2.64 -14.49
N LYS A 28 11.83 -2.36 -14.97
CA LYS A 28 11.42 -0.93 -15.12
C LYS A 28 9.89 -0.82 -15.12
N VAL A 29 9.36 0.28 -14.67
CA VAL A 29 7.88 0.44 -14.67
C VAL A 29 7.49 1.49 -15.71
N VAL A 30 6.35 1.35 -16.31
CA VAL A 30 5.94 2.36 -17.34
C VAL A 30 4.54 2.90 -17.04
N ALA A 31 4.45 3.88 -16.20
CA ALA A 31 3.11 4.47 -15.87
C ALA A 31 2.07 3.36 -15.72
N GLY A 32 2.15 2.57 -14.67
CA GLY A 32 1.15 1.49 -14.49
C GLY A 32 1.28 0.85 -13.10
N ASP A 33 1.85 1.54 -12.15
CA ASP A 33 1.98 0.94 -10.79
C ASP A 33 0.72 1.23 -9.96
N GLU A 34 0.37 0.35 -9.06
CA GLU A 34 -0.84 0.60 -8.23
C GLU A 34 -0.65 -0.03 -6.85
N TRP A 35 -0.92 0.72 -5.81
CA TRP A 35 -0.74 0.13 -4.44
C TRP A 35 -1.68 0.78 -3.43
N LEU A 36 -1.81 0.20 -2.28
CA LEU A 36 -2.70 0.76 -1.23
C LEU A 36 -1.91 1.72 -0.34
N PHE A 37 -2.57 2.66 0.26
CA PHE A 37 -1.87 3.63 1.14
C PHE A 37 -2.56 3.69 2.50
N GLU A 38 -1.94 3.18 3.52
CA GLU A 38 -2.56 3.20 4.87
C GLU A 38 -2.13 4.44 5.63
N GLY A 39 -3.06 5.22 6.11
CA GLY A 39 -2.70 6.45 6.87
C GLY A 39 -1.91 7.41 5.97
N PRO A 40 -2.40 7.58 4.76
CA PRO A 40 -1.73 8.50 3.80
C PRO A 40 -1.95 9.95 4.25
N GLY A 41 -1.52 10.25 5.44
CA GLY A 41 -1.71 11.62 6.00
C GLY A 41 -1.14 12.69 5.07
N THR A 42 -0.35 12.31 4.11
CA THR A 42 0.23 13.34 3.21
C THR A 42 0.18 12.89 1.75
N TYR A 43 -0.77 12.07 1.39
CA TYR A 43 -0.84 11.63 -0.02
C TYR A 43 -1.59 12.67 -0.86
N ILE A 44 -0.92 13.36 -1.73
CA ILE A 44 -1.61 14.38 -2.57
C ILE A 44 -1.82 13.82 -3.97
N PRO A 45 -2.97 14.07 -4.51
CA PRO A 45 -3.31 13.57 -5.87
C PRO A 45 -2.47 14.29 -6.93
N ARG A 46 -1.23 13.91 -7.07
CA ARG A 46 -0.36 14.56 -8.10
C ARG A 46 -0.38 13.75 -9.39
N LYS A 47 -0.24 14.40 -10.51
CA LYS A 47 -0.25 13.66 -11.81
C LYS A 47 0.62 12.40 -11.71
N GLU A 48 1.67 12.47 -10.96
CA GLU A 48 2.56 11.28 -10.82
C GLU A 48 1.72 10.02 -10.65
N VAL A 49 0.74 10.06 -9.79
CA VAL A 49 -0.16 8.88 -9.59
C VAL A 49 -1.61 9.35 -9.50
N GLU A 50 -2.54 8.45 -9.46
CA GLU A 50 -3.97 8.87 -9.37
C GLU A 50 -4.71 8.03 -8.33
N VAL A 51 -5.42 8.66 -7.43
CA VAL A 51 -6.15 7.88 -6.40
C VAL A 51 -7.06 6.87 -7.09
N VAL A 52 -7.02 5.63 -6.67
CA VAL A 52 -7.87 4.60 -7.33
C VAL A 52 -9.06 4.22 -6.45
N GLU A 53 -8.80 3.81 -5.23
CA GLU A 53 -9.92 3.43 -4.34
C GLU A 53 -9.64 3.90 -2.91
N ILE A 54 -10.63 3.87 -2.05
CA ILE A 54 -10.42 4.30 -0.64
C ILE A 54 -11.06 3.25 0.28
N ILE A 55 -10.45 2.99 1.41
CA ILE A 55 -11.02 1.96 2.33
C ILE A 55 -10.88 2.39 3.79
N GLN A 56 -11.76 1.93 4.64
CA GLN A 56 -11.67 2.31 6.08
C GLN A 56 -11.12 1.13 6.89
N ALA A 57 -10.98 1.30 8.17
CA ALA A 57 -10.44 0.19 9.02
C ALA A 57 -11.58 -0.51 9.78
N THR A 58 -11.49 -1.81 9.93
CA THR A 58 -12.58 -2.53 10.67
C THR A 58 -12.36 -4.04 10.62
N ILE A 59 -11.24 -4.54 11.09
CA ILE A 59 -11.05 -6.02 11.06
C ILE A 59 -9.93 -6.47 12.03
N ILE A 60 -8.71 -6.03 11.86
CA ILE A 60 -7.64 -6.48 12.80
C ILE A 60 -7.56 -5.53 14.01
N ARG A 61 -6.38 -5.29 14.53
CA ARG A 61 -6.25 -4.38 15.70
C ARG A 61 -4.80 -3.96 15.89
N GLN A 62 -4.53 -3.10 16.85
CA GLN A 62 -3.12 -2.65 17.08
C GLN A 62 -2.28 -3.81 17.62
N ASN A 63 -2.88 -4.70 18.34
CA ASN A 63 -2.10 -5.85 18.91
C ASN A 63 -1.66 -6.81 17.80
N GLN A 64 -2.59 -7.32 17.04
CA GLN A 64 -2.23 -8.26 15.94
C GLN A 64 -1.27 -7.61 14.94
N ALA A 65 -0.31 -8.35 14.47
CA ALA A 65 0.66 -7.81 13.49
C ALA A 65 0.69 -8.69 12.25
N LEU A 66 0.64 -8.11 11.08
CA LEU A 66 0.64 -8.94 9.85
C LEU A 66 1.77 -8.52 8.89
N ARG A 67 2.67 -9.42 8.61
CA ARG A 67 3.79 -9.09 7.67
C ARG A 67 3.38 -9.46 6.25
N LEU A 68 3.52 -8.56 5.33
CA LEU A 68 3.10 -8.88 3.92
C LEU A 68 4.25 -8.61 2.95
N ARG A 69 4.27 -9.30 1.83
CA ARG A 69 5.34 -9.09 0.82
C ARG A 69 4.73 -8.80 -0.56
N ALA A 70 5.46 -8.17 -1.42
CA ALA A 70 4.94 -7.85 -2.77
C ALA A 70 4.86 -9.11 -3.65
N ARG A 71 3.83 -9.23 -4.44
CA ARG A 71 3.70 -10.42 -5.33
C ARG A 71 3.96 -10.01 -6.78
N LYS A 72 3.51 -8.84 -7.16
CA LYS A 72 3.73 -8.36 -8.56
C LYS A 72 4.93 -7.42 -8.60
N GLU A 73 4.70 -6.15 -8.38
CA GLU A 73 5.79 -5.13 -8.39
C GLU A 73 5.17 -3.73 -8.49
N CYS A 74 4.11 -3.61 -9.26
CA CYS A 74 3.45 -2.30 -9.41
C CYS A 74 3.05 -1.74 -8.05
N TRP A 75 2.76 -2.59 -7.10
CA TRP A 75 2.36 -2.10 -5.76
C TRP A 75 3.59 -1.62 -4.98
N ASP A 76 3.77 -0.32 -4.88
CA ASP A 76 4.96 0.20 -4.14
C ASP A 76 4.53 0.68 -2.74
N ARG A 77 4.99 0.03 -1.71
CA ARG A 77 4.60 0.45 -0.33
C ARG A 77 5.39 1.70 0.08
N ASP A 78 6.52 1.93 -0.54
CA ASP A 78 7.33 3.13 -0.18
C ASP A 78 7.01 4.29 -1.12
N GLY A 79 6.44 4.00 -2.25
CA GLY A 79 6.10 5.09 -3.22
C GLY A 79 7.19 5.19 -4.29
N LYS A 80 7.89 4.12 -4.52
CA LYS A 80 8.97 4.15 -5.55
C LYS A 80 8.93 2.88 -6.41
N GLU A 81 7.78 2.57 -6.95
CA GLU A 81 7.61 1.35 -7.80
C GLU A 81 8.63 0.26 -7.42
N ARG A 82 8.25 -0.66 -6.58
CA ARG A 82 9.20 -1.73 -6.17
C ARG A 82 8.85 -3.04 -6.88
N VAL A 83 9.60 -4.07 -6.63
CA VAL A 83 9.31 -5.38 -7.28
C VAL A 83 8.61 -6.33 -6.30
N THR A 84 8.26 -7.51 -6.74
CA THR A 84 7.59 -8.47 -5.84
C THR A 84 8.48 -8.78 -4.62
N GLY A 85 9.74 -8.45 -4.70
CA GLY A 85 10.66 -8.72 -3.56
C GLY A 85 10.39 -7.72 -2.44
N GLU A 86 10.12 -6.49 -2.79
CA GLU A 86 9.84 -5.47 -1.74
C GLU A 86 8.71 -5.95 -0.82
N GLU A 87 8.70 -5.52 0.41
CA GLU A 87 7.62 -5.96 1.34
C GLU A 87 7.48 -4.98 2.51
N TRP A 88 6.50 -5.17 3.35
CA TRP A 88 6.33 -4.26 4.52
C TRP A 88 5.44 -4.94 5.58
N LEU A 89 5.49 -4.47 6.79
CA LEU A 89 4.66 -5.07 7.88
C LEU A 89 3.53 -4.13 8.27
N VAL A 90 2.34 -4.65 8.47
CA VAL A 90 1.20 -3.76 8.85
C VAL A 90 0.82 -4.00 10.31
N THR A 91 0.48 -2.94 11.01
CA THR A 91 0.10 -3.08 12.45
C THR A 91 -0.76 -1.89 12.90
N THR A 92 -1.78 -1.57 12.15
CA THR A 92 -2.65 -0.42 12.53
C THR A 92 -3.56 -0.81 13.71
N VAL A 93 -4.05 0.16 14.43
CA VAL A 93 -4.93 -0.17 15.60
C VAL A 93 -6.34 -0.50 15.11
N GLY A 94 -6.50 -1.64 14.51
CA GLY A 94 -7.84 -2.04 14.01
C GLY A 94 -8.03 -1.50 12.59
N ALA A 95 -7.99 -2.38 11.61
CA ALA A 95 -8.16 -1.92 10.21
C ALA A 95 -8.07 -3.10 9.25
N TYR A 96 -8.41 -2.89 8.01
CA TYR A 96 -8.36 -4.01 7.01
C TYR A 96 -7.60 -3.57 5.76
N LEU A 97 -6.30 -3.73 5.75
CA LEU A 97 -5.50 -3.32 4.57
C LEU A 97 -4.79 -4.52 3.94
N PRO A 98 -5.48 -5.20 3.08
CA PRO A 98 -4.92 -6.39 2.40
C PRO A 98 -4.00 -5.97 1.25
N ALA A 99 -3.71 -4.70 1.13
CA ALA A 99 -2.82 -4.24 0.02
C ALA A 99 -3.45 -4.62 -1.33
N VAL A 100 -2.75 -4.37 -2.42
CA VAL A 100 -3.31 -4.71 -3.76
C VAL A 100 -2.54 -5.90 -4.37
N PHE A 101 -1.24 -5.79 -4.50
CA PHE A 101 -0.44 -6.91 -5.08
C PHE A 101 0.37 -7.60 -3.98
N GLU A 102 0.11 -7.27 -2.75
CA GLU A 102 0.90 -7.89 -1.64
C GLU A 102 0.09 -8.95 -0.89
N GLU A 103 0.76 -9.90 -0.30
CA GLU A 103 0.06 -10.98 0.45
C GLU A 103 0.69 -11.15 1.83
N VAL A 104 0.04 -11.86 2.72
CA VAL A 104 0.60 -12.05 4.09
C VAL A 104 1.43 -13.34 4.14
N LEU A 105 2.51 -13.32 4.89
CA LEU A 105 3.37 -14.53 4.99
C LEU A 105 3.15 -15.21 6.35
N ASP A 106 2.63 -14.50 7.31
CA ASP A 106 2.39 -15.10 8.65
C ASP A 106 1.54 -14.16 9.52
N LEU A 107 1.24 -14.55 10.73
CA LEU A 107 0.43 -13.67 11.62
C LEU A 107 0.98 -13.69 13.05
N VAL A 108 0.99 -12.57 13.72
CA VAL A 108 1.51 -12.54 15.11
C VAL A 108 0.65 -11.66 16.01
N ASP A 109 0.02 -12.23 17.01
CA ASP A 109 -0.83 -11.41 17.92
C ASP A 109 0.01 -10.81 19.04
N ALA A 110 0.10 -9.51 19.11
CA ALA A 110 0.91 -8.87 20.18
C ALA A 110 0.27 -9.12 21.55
N VAL A 111 1.03 -9.01 22.61
CA VAL A 111 0.48 -9.25 23.96
C VAL A 111 -0.53 -8.15 24.32
N ILE A 112 -0.68 -7.87 25.59
CA ILE A 112 -1.65 -6.81 26.00
C ILE A 112 -0.90 -5.51 26.35
N LEU A 113 -1.55 -4.38 26.22
CA LEU A 113 -0.89 -3.09 26.53
C LEU A 113 -1.39 -2.56 27.88
N GLY A 1 -11.65 17.49 -8.97
CA GLY A 1 -11.91 16.10 -8.50
C GLY A 1 -11.38 15.92 -7.07
N SER A 2 -12.14 15.28 -6.22
CA SER A 2 -11.67 15.08 -4.82
C SER A 2 -11.04 16.36 -4.28
N HIS A 3 -10.36 16.27 -3.17
CA HIS A 3 -9.71 17.49 -2.59
C HIS A 3 -8.46 17.09 -1.80
N MET A 4 -7.96 17.97 -0.98
CA MET A 4 -6.75 17.62 -0.18
C MET A 4 -7.08 16.53 0.84
N GLN A 5 -6.08 15.86 1.33
CA GLN A 5 -6.35 14.78 2.34
C GLN A 5 -5.56 15.05 3.62
N VAL A 6 -6.02 14.51 4.73
CA VAL A 6 -5.30 14.74 6.01
C VAL A 6 -4.79 13.42 6.57
N VAL A 7 -4.45 13.40 7.84
CA VAL A 7 -3.94 12.14 8.45
C VAL A 7 -5.10 11.28 8.98
N LEU A 8 -5.70 10.50 8.12
CA LEU A 8 -6.83 9.63 8.56
C LEU A 8 -6.45 8.90 9.84
N PRO A 9 -7.46 8.44 10.54
CA PRO A 9 -7.23 7.71 11.81
C PRO A 9 -6.64 6.32 11.54
N ASN A 10 -7.21 5.60 10.62
CA ASN A 10 -6.68 4.24 10.31
C ASN A 10 -7.21 3.77 8.95
N THR A 11 -7.44 4.68 8.04
CA THR A 11 -7.96 4.29 6.70
C THR A 11 -6.83 4.36 5.66
N ALA A 12 -7.04 3.80 4.49
CA ALA A 12 -5.97 3.86 3.46
C ALA A 12 -6.58 3.99 2.07
N LEU A 13 -5.82 4.44 1.12
CA LEU A 13 -6.37 4.58 -0.26
C LEU A 13 -5.37 3.99 -1.27
N HIS A 14 -5.87 3.50 -2.38
CA HIS A 14 -4.95 2.89 -3.39
C HIS A 14 -4.59 3.93 -4.46
N LEU A 15 -3.32 4.11 -4.70
CA LEU A 15 -2.88 5.09 -5.74
C LEU A 15 -2.20 4.37 -6.90
N LYS A 16 -2.26 4.93 -8.07
CA LYS A 16 -1.58 4.29 -9.23
C LYS A 16 -0.35 5.12 -9.59
N ALA A 17 0.81 4.56 -9.46
CA ALA A 17 2.04 5.32 -9.80
C ALA A 17 2.23 5.35 -11.31
N LEU A 18 2.08 6.50 -11.89
CA LEU A 18 2.24 6.63 -13.37
C LEU A 18 3.65 7.17 -13.69
N LEU A 19 4.54 6.31 -14.08
CA LEU A 19 5.93 6.75 -14.40
C LEU A 19 6.62 5.72 -15.30
N ASP A 20 7.26 6.16 -16.34
CA ASP A 20 7.97 5.19 -17.24
C ASP A 20 9.25 4.70 -16.57
N PHE A 21 9.23 3.53 -16.02
CA PHE A 21 10.45 3.00 -15.35
C PHE A 21 10.83 1.63 -15.92
N GLU A 22 11.48 1.60 -17.06
CA GLU A 22 11.88 0.30 -17.66
C GLU A 22 13.35 0.03 -17.38
N ASP A 23 13.64 -0.99 -16.61
CA ASP A 23 15.07 -1.30 -16.28
C ASP A 23 15.70 -2.13 -17.40
N LYS A 24 16.96 -2.44 -17.27
CA LYS A 24 17.65 -3.23 -18.32
C LYS A 24 16.90 -4.56 -18.57
N ASP A 25 16.04 -4.94 -17.66
CA ASP A 25 15.28 -6.20 -17.85
C ASP A 25 14.42 -6.12 -19.11
N GLY A 26 13.88 -4.97 -19.41
CA GLY A 26 13.03 -4.83 -20.63
C GLY A 26 11.56 -4.86 -20.23
N ASP A 27 11.24 -5.40 -19.08
CA ASP A 27 9.82 -5.46 -18.66
C ASP A 27 9.67 -5.06 -17.19
N LYS A 28 9.81 -3.80 -16.89
CA LYS A 28 9.68 -3.34 -15.48
C LYS A 28 8.36 -2.58 -15.31
N VAL A 29 8.40 -1.33 -14.93
CA VAL A 29 7.11 -0.58 -14.76
C VAL A 29 6.98 0.46 -15.89
N VAL A 30 5.79 0.63 -16.41
CA VAL A 30 5.60 1.62 -17.51
C VAL A 30 4.27 2.36 -17.32
N ALA A 31 4.27 3.37 -16.51
CA ALA A 31 3.00 4.14 -16.28
C ALA A 31 1.84 3.19 -16.01
N GLY A 32 1.82 2.55 -14.86
CA GLY A 32 0.69 1.62 -14.57
C GLY A 32 0.93 0.90 -13.23
N ASP A 33 1.64 1.50 -12.31
CA ASP A 33 1.85 0.81 -11.00
C ASP A 33 0.80 1.27 -9.99
N GLU A 34 0.53 0.48 -8.99
CA GLU A 34 -0.50 0.88 -7.97
C GLU A 34 -0.14 0.31 -6.60
N TRP A 35 -0.44 1.03 -5.56
CA TRP A 35 -0.12 0.54 -4.19
C TRP A 35 -1.13 1.09 -3.16
N LEU A 36 -1.15 0.55 -1.97
CA LEU A 36 -2.11 1.04 -0.96
C LEU A 36 -1.42 2.06 -0.03
N PHE A 37 -2.16 2.98 0.52
CA PHE A 37 -1.53 4.00 1.41
C PHE A 37 -2.31 4.11 2.72
N GLU A 38 -1.69 3.77 3.83
CA GLU A 38 -2.39 3.85 5.14
C GLU A 38 -2.02 5.15 5.85
N GLY A 39 -3.00 5.98 6.15
CA GLY A 39 -2.69 7.26 6.85
C GLY A 39 -2.02 8.23 5.88
N PRO A 40 -2.58 8.35 4.72
CA PRO A 40 -2.03 9.25 3.68
C PRO A 40 -2.16 10.71 4.11
N GLY A 41 -1.52 11.05 5.21
CA GLY A 41 -1.56 12.45 5.76
C GLY A 41 -2.00 13.46 4.70
N THR A 42 -1.07 14.04 4.00
CA THR A 42 -1.45 15.03 2.95
C THR A 42 -1.18 14.46 1.56
N TYR A 43 -1.61 13.27 1.29
CA TYR A 43 -1.37 12.68 -0.06
C TYR A 43 -2.19 13.42 -1.12
N ILE A 44 -1.56 13.84 -2.18
CA ILE A 44 -2.32 14.54 -3.27
C ILE A 44 -2.09 13.83 -4.60
N PRO A 45 -3.11 13.82 -5.41
CA PRO A 45 -3.03 13.15 -6.74
C PRO A 45 -2.13 13.94 -7.69
N ARG A 46 -0.86 13.63 -7.70
CA ARG A 46 0.08 14.36 -8.61
C ARG A 46 0.32 13.55 -9.89
N LYS A 47 0.62 14.20 -10.97
CA LYS A 47 0.85 13.46 -12.24
C LYS A 47 1.67 12.19 -11.99
N GLU A 48 2.53 12.21 -11.02
CA GLU A 48 3.35 10.99 -10.72
C GLU A 48 2.44 9.79 -10.52
N VAL A 49 1.33 9.98 -9.83
CA VAL A 49 0.37 8.86 -9.59
C VAL A 49 -1.05 9.40 -9.59
N GLU A 50 -2.05 8.55 -9.57
CA GLU A 50 -3.45 9.06 -9.56
C GLU A 50 -4.29 8.33 -8.50
N VAL A 51 -5.14 9.05 -7.82
CA VAL A 51 -6.01 8.39 -6.80
C VAL A 51 -6.80 7.27 -7.46
N VAL A 52 -6.67 6.07 -6.96
CA VAL A 52 -7.41 4.93 -7.58
C VAL A 52 -8.61 4.53 -6.71
N GLU A 53 -8.36 4.12 -5.50
CA GLU A 53 -9.48 3.71 -4.62
C GLU A 53 -9.29 4.24 -3.20
N ILE A 54 -10.32 4.27 -2.42
CA ILE A 54 -10.19 4.78 -1.02
C ILE A 54 -10.90 3.83 -0.06
N ILE A 55 -10.32 3.55 1.07
CA ILE A 55 -10.99 2.61 2.02
C ILE A 55 -10.89 3.11 3.46
N GLN A 56 -11.93 2.90 4.24
CA GLN A 56 -11.91 3.33 5.66
C GLN A 56 -11.39 2.18 6.52
N ALA A 57 -11.30 2.36 7.81
CA ALA A 57 -10.79 1.26 8.68
C ALA A 57 -11.96 0.49 9.32
N THR A 58 -12.01 -0.79 9.12
CA THR A 58 -13.11 -1.60 9.71
C THR A 58 -12.83 -3.09 9.49
N ILE A 59 -11.66 -3.55 9.82
CA ILE A 59 -11.33 -4.99 9.60
C ILE A 59 -10.31 -5.51 10.63
N ILE A 60 -9.06 -5.17 10.46
CA ILE A 60 -8.03 -5.68 11.42
C ILE A 60 -7.80 -4.70 12.58
N ARG A 61 -7.93 -5.18 13.80
CA ARG A 61 -7.71 -4.29 14.98
C ARG A 61 -6.24 -3.91 15.09
N GLN A 62 -5.83 -3.38 16.21
CA GLN A 62 -4.40 -2.98 16.38
C GLN A 62 -3.58 -4.12 16.98
N ASN A 63 -4.22 -5.14 17.50
CA ASN A 63 -3.46 -6.27 18.08
C ASN A 63 -3.15 -7.30 16.99
N GLN A 64 -4.14 -7.74 16.29
CA GLN A 64 -3.91 -8.74 15.21
C GLN A 64 -2.92 -8.17 14.18
N ALA A 65 -1.90 -8.91 13.87
CA ALA A 65 -0.90 -8.43 12.87
C ALA A 65 -1.07 -9.24 11.58
N LEU A 66 -0.98 -8.60 10.44
CA LEU A 66 -1.16 -9.36 9.17
C LEU A 66 0.09 -9.24 8.29
N ARG A 67 0.64 -10.35 7.90
CA ARG A 67 1.84 -10.31 7.03
C ARG A 67 1.41 -10.31 5.57
N LEU A 68 1.87 -9.37 4.79
CA LEU A 68 1.44 -9.33 3.38
C LEU A 68 2.63 -9.45 2.41
N ARG A 69 2.42 -10.06 1.28
CA ARG A 69 3.53 -10.22 0.28
C ARG A 69 3.09 -9.67 -1.07
N ALA A 70 4.03 -9.41 -1.96
CA ALA A 70 3.66 -8.87 -3.30
C ALA A 70 3.17 -9.99 -4.21
N ARG A 71 2.35 -9.66 -5.16
CA ARG A 71 1.82 -10.69 -6.10
C ARG A 71 2.08 -10.27 -7.55
N LYS A 72 2.08 -8.99 -7.81
CA LYS A 72 2.34 -8.50 -9.19
C LYS A 72 3.56 -7.58 -9.20
N GLU A 73 4.51 -7.84 -10.07
CA GLU A 73 5.72 -6.97 -10.12
C GLU A 73 5.36 -5.56 -10.59
N CYS A 74 4.48 -4.90 -9.89
CA CYS A 74 4.08 -3.52 -10.30
C CYS A 74 3.69 -2.68 -9.07
N TRP A 75 3.28 -3.31 -8.00
CA TRP A 75 2.89 -2.54 -6.78
C TRP A 75 4.14 -1.98 -6.10
N ASP A 76 4.26 -0.68 -6.02
CA ASP A 76 5.47 -0.08 -5.38
C ASP A 76 5.32 -0.07 -3.85
N ARG A 77 6.19 -0.76 -3.16
CA ARG A 77 6.11 -0.79 -1.66
C ARG A 77 6.79 0.47 -1.10
N ASP A 78 7.95 0.80 -1.60
CA ASP A 78 8.67 2.00 -1.10
C ASP A 78 8.08 3.27 -1.72
N GLY A 79 7.10 3.13 -2.57
CA GLY A 79 6.48 4.33 -3.21
C GLY A 79 7.06 4.52 -4.61
N LYS A 80 8.31 4.21 -4.80
CA LYS A 80 8.93 4.38 -6.15
C LYS A 80 8.52 3.21 -7.07
N GLU A 81 9.41 2.28 -7.30
CA GLU A 81 9.06 1.12 -8.18
C GLU A 81 9.61 -0.17 -7.56
N ARG A 82 8.79 -1.16 -7.41
CA ARG A 82 9.27 -2.44 -6.81
C ARG A 82 8.80 -3.63 -7.66
N VAL A 83 9.29 -4.81 -7.35
CA VAL A 83 8.88 -6.01 -8.14
C VAL A 83 8.12 -6.99 -7.23
N THR A 84 7.55 -8.01 -7.80
CA THR A 84 6.83 -9.01 -6.96
C THR A 84 7.79 -9.54 -5.91
N GLY A 85 7.48 -10.64 -5.27
CA GLY A 85 8.41 -11.18 -4.24
C GLY A 85 8.42 -10.22 -3.04
N GLU A 86 8.79 -8.98 -3.27
CA GLU A 86 8.80 -8.00 -2.14
C GLU A 86 7.53 -8.16 -1.32
N GLU A 87 7.58 -7.86 -0.05
CA GLU A 87 6.38 -8.01 0.80
C GLU A 87 6.31 -6.92 1.85
N TRP A 88 5.15 -6.68 2.39
CA TRP A 88 5.00 -5.62 3.44
C TRP A 88 4.14 -6.17 4.59
N LEU A 89 4.27 -5.62 5.76
CA LEU A 89 3.46 -6.11 6.90
C LEU A 89 2.48 -5.02 7.34
N VAL A 90 1.45 -5.38 8.05
CA VAL A 90 0.47 -4.36 8.50
C VAL A 90 0.09 -4.59 9.97
N THR A 91 0.27 -3.59 10.79
CA THR A 91 -0.09 -3.73 12.22
C THR A 91 -0.97 -2.55 12.64
N THR A 92 -1.77 -2.05 11.74
CA THR A 92 -2.66 -0.90 12.08
C THR A 92 -3.85 -1.36 12.92
N VAL A 93 -4.62 -0.44 13.43
CA VAL A 93 -5.80 -0.82 14.27
C VAL A 93 -6.98 -1.22 13.37
N GLY A 94 -8.13 -1.44 13.95
CA GLY A 94 -9.34 -1.84 13.16
C GLY A 94 -9.30 -1.19 11.78
N ALA A 95 -8.83 -1.89 10.78
CA ALA A 95 -8.78 -1.30 9.42
C ALA A 95 -8.60 -2.36 8.35
N TYR A 96 -9.14 -2.12 7.19
CA TYR A 96 -9.00 -3.08 6.06
C TYR A 96 -8.07 -2.49 5.01
N LEU A 97 -6.90 -3.05 4.86
CA LEU A 97 -5.94 -2.48 3.86
C LEU A 97 -5.42 -3.57 2.91
N PRO A 98 -6.32 -4.10 2.13
CA PRO A 98 -5.95 -5.15 1.15
C PRO A 98 -5.18 -4.52 -0.02
N ALA A 99 -3.88 -4.43 0.09
CA ALA A 99 -3.08 -3.81 -1.01
C ALA A 99 -3.52 -4.32 -2.38
N VAL A 100 -3.38 -3.50 -3.39
CA VAL A 100 -3.78 -3.92 -4.77
C VAL A 100 -3.13 -5.26 -5.14
N PHE A 101 -1.83 -5.28 -5.34
CA PHE A 101 -1.16 -6.56 -5.70
C PHE A 101 -0.50 -7.16 -4.45
N GLU A 102 -1.28 -7.49 -3.46
CA GLU A 102 -0.68 -8.06 -2.22
C GLU A 102 -1.55 -9.18 -1.65
N GLU A 103 -0.92 -10.15 -1.04
CA GLU A 103 -1.71 -11.28 -0.45
C GLU A 103 -1.23 -11.54 0.98
N VAL A 104 -2.09 -12.03 1.82
CA VAL A 104 -1.68 -12.30 3.23
C VAL A 104 -0.99 -13.66 3.34
N LEU A 105 -0.07 -13.80 4.24
CA LEU A 105 0.62 -15.10 4.40
C LEU A 105 0.07 -15.83 5.63
N ASP A 106 -0.71 -15.14 6.43
CA ASP A 106 -1.30 -15.77 7.65
C ASP A 106 -1.82 -14.68 8.60
N LEU A 107 -2.51 -15.06 9.63
CA LEU A 107 -3.03 -14.05 10.59
C LEU A 107 -2.38 -14.26 11.96
N VAL A 108 -1.74 -13.25 12.50
CA VAL A 108 -1.08 -13.42 13.83
C VAL A 108 -1.72 -12.49 14.87
N ASP A 109 -1.62 -12.84 16.12
CA ASP A 109 -2.21 -11.97 17.19
C ASP A 109 -1.09 -11.32 18.00
N ALA A 110 -1.05 -10.02 18.02
CA ALA A 110 0.03 -9.32 18.79
C ALA A 110 -0.01 -9.72 20.27
N VAL A 111 1.12 -10.08 20.82
CA VAL A 111 1.17 -10.46 22.25
C VAL A 111 0.17 -11.60 22.54
N ILE A 112 0.38 -12.30 23.63
CA ILE A 112 -0.56 -13.41 23.98
C ILE A 112 -0.63 -13.56 25.50
N LEU A 113 0.43 -14.01 26.12
CA LEU A 113 0.42 -14.18 27.60
C LEU A 113 1.79 -13.79 28.17
N GLY A 1 -7.19 21.62 3.27
CA GLY A 1 -7.91 22.58 2.40
C GLY A 1 -8.62 21.84 1.27
N SER A 2 -8.19 22.02 0.06
CA SER A 2 -8.84 21.33 -1.09
C SER A 2 -7.84 20.34 -1.73
N HIS A 3 -6.57 20.59 -1.59
CA HIS A 3 -5.56 19.68 -2.19
C HIS A 3 -5.00 18.74 -1.13
N MET A 4 -4.07 19.20 -0.35
CA MET A 4 -3.47 18.34 0.70
C MET A 4 -4.57 17.61 1.48
N GLN A 5 -4.23 16.55 2.15
CA GLN A 5 -5.25 15.79 2.93
C GLN A 5 -4.89 15.81 4.42
N VAL A 6 -5.61 15.09 5.23
CA VAL A 6 -5.30 15.06 6.68
C VAL A 6 -5.20 13.61 7.17
N VAL A 7 -4.36 13.35 8.14
CA VAL A 7 -4.22 11.95 8.62
C VAL A 7 -5.59 11.29 8.76
N LEU A 8 -5.81 10.22 8.07
CA LEU A 8 -7.14 9.54 8.14
C LEU A 8 -7.24 8.73 9.45
N PRO A 9 -8.45 8.35 9.76
CA PRO A 9 -8.70 7.56 10.99
C PRO A 9 -8.25 6.12 10.77
N ASN A 10 -6.97 5.88 10.69
CA ASN A 10 -6.48 4.49 10.47
C ASN A 10 -7.07 3.91 9.17
N THR A 11 -6.86 4.58 8.06
CA THR A 11 -7.41 4.06 6.77
C THR A 11 -6.37 4.20 5.66
N ALA A 12 -6.63 3.62 4.51
CA ALA A 12 -5.65 3.72 3.40
C ALA A 12 -6.35 3.81 2.05
N LEU A 13 -5.69 4.33 1.06
CA LEU A 13 -6.32 4.43 -0.29
C LEU A 13 -5.35 3.86 -1.33
N HIS A 14 -5.86 3.40 -2.44
CA HIS A 14 -4.97 2.82 -3.49
C HIS A 14 -4.63 3.90 -4.52
N LEU A 15 -3.36 4.03 -4.85
CA LEU A 15 -2.94 5.04 -5.85
C LEU A 15 -2.25 4.36 -7.04
N LYS A 16 -2.50 4.81 -8.23
CA LYS A 16 -1.82 4.17 -9.39
C LYS A 16 -0.58 4.97 -9.76
N ALA A 17 0.58 4.39 -9.64
CA ALA A 17 1.81 5.13 -9.97
C ALA A 17 2.06 5.14 -11.47
N LEU A 18 1.83 6.26 -12.10
CA LEU A 18 2.06 6.36 -13.57
C LEU A 18 3.42 7.02 -13.81
N LEU A 19 4.42 6.26 -14.14
CA LEU A 19 5.76 6.86 -14.35
C LEU A 19 6.66 5.90 -15.14
N ASP A 20 7.55 6.42 -15.93
CA ASP A 20 8.48 5.53 -16.71
C ASP A 20 9.66 5.16 -15.83
N PHE A 21 9.82 3.91 -15.50
CA PHE A 21 10.97 3.52 -14.63
C PHE A 21 11.67 2.27 -15.19
N GLU A 22 12.36 2.40 -16.29
CA GLU A 22 13.08 1.22 -16.84
C GLU A 22 14.51 1.18 -16.31
N ASP A 23 14.82 0.21 -15.50
CA ASP A 23 16.20 0.11 -14.95
C ASP A 23 16.77 -1.29 -15.22
N LYS A 24 18.07 -1.39 -15.33
CA LYS A 24 18.69 -2.73 -15.58
C LYS A 24 19.07 -3.39 -14.25
N ASP A 25 18.74 -2.76 -13.15
CA ASP A 25 19.09 -3.33 -11.81
C ASP A 25 17.87 -4.02 -11.19
N GLY A 26 16.70 -3.46 -11.38
CA GLY A 26 15.48 -4.08 -10.79
C GLY A 26 14.26 -3.22 -11.14
N ASP A 27 14.40 -1.92 -11.08
CA ASP A 27 13.24 -1.04 -11.41
C ASP A 27 12.91 -1.14 -12.90
N LYS A 28 11.67 -1.33 -13.24
CA LYS A 28 11.30 -1.46 -14.68
C LYS A 28 9.79 -1.35 -14.86
N VAL A 29 9.23 -0.21 -14.54
CA VAL A 29 7.75 -0.05 -14.71
C VAL A 29 7.47 0.89 -15.88
N VAL A 30 6.27 0.86 -16.41
CA VAL A 30 5.95 1.77 -17.55
C VAL A 30 4.54 2.35 -17.40
N ALA A 31 4.42 3.42 -16.66
CA ALA A 31 3.08 4.05 -16.48
C ALA A 31 2.01 2.97 -16.28
N GLY A 32 1.93 2.38 -15.13
CA GLY A 32 0.90 1.34 -14.89
C GLY A 32 1.10 0.68 -13.52
N ASP A 33 1.60 1.41 -12.56
CA ASP A 33 1.80 0.80 -11.22
C ASP A 33 0.65 1.17 -10.27
N GLU A 34 0.40 0.38 -9.27
CA GLU A 34 -0.70 0.68 -8.32
C GLU A 34 -0.37 0.09 -6.94
N TRP A 35 -0.57 0.86 -5.90
CA TRP A 35 -0.26 0.33 -4.54
C TRP A 35 -1.22 0.94 -3.50
N LEU A 36 -1.23 0.40 -2.31
CA LEU A 36 -2.13 0.95 -1.25
C LEU A 36 -1.33 1.89 -0.35
N PHE A 37 -1.99 2.84 0.26
CA PHE A 37 -1.27 3.78 1.16
C PHE A 37 -2.10 4.05 2.42
N GLU A 38 -1.65 3.55 3.55
CA GLU A 38 -2.41 3.77 4.81
C GLU A 38 -1.84 4.95 5.58
N GLY A 39 -2.69 5.77 6.13
CA GLY A 39 -2.23 6.97 6.90
C GLY A 39 -1.67 8.03 5.94
N PRO A 40 -2.34 8.23 4.82
CA PRO A 40 -1.89 9.25 3.84
C PRO A 40 -2.31 10.64 4.32
N GLY A 41 -2.06 10.96 5.56
CA GLY A 41 -2.46 12.28 6.12
C GLY A 41 -2.16 13.40 5.14
N THR A 42 -1.13 13.28 4.35
CA THR A 42 -0.82 14.38 3.40
C THR A 42 -0.47 13.82 2.02
N TYR A 43 -1.20 12.86 1.55
CA TYR A 43 -0.91 12.29 0.19
C TYR A 43 -1.49 13.21 -0.89
N ILE A 44 -0.65 13.86 -1.64
CA ILE A 44 -1.17 14.77 -2.72
C ILE A 44 -1.21 14.03 -4.05
N PRO A 45 -2.31 14.17 -4.74
CA PRO A 45 -2.47 13.50 -6.05
C PRO A 45 -1.63 14.21 -7.12
N ARG A 46 -0.46 13.71 -7.39
CA ARG A 46 0.41 14.35 -8.42
C ARG A 46 0.38 13.54 -9.71
N LYS A 47 0.74 14.15 -10.82
CA LYS A 47 0.73 13.41 -12.12
C LYS A 47 1.48 12.08 -11.98
N GLU A 48 2.44 12.01 -11.09
CA GLU A 48 3.20 10.75 -10.92
C GLU A 48 2.23 9.56 -10.74
N VAL A 49 1.17 9.77 -10.02
CA VAL A 49 0.18 8.67 -9.81
C VAL A 49 -1.26 9.24 -9.83
N GLU A 50 -2.24 8.39 -9.78
CA GLU A 50 -3.64 8.89 -9.81
C GLU A 50 -4.47 8.20 -8.72
N VAL A 51 -5.29 8.94 -8.01
CA VAL A 51 -6.11 8.31 -6.95
C VAL A 51 -6.91 7.15 -7.55
N VAL A 52 -6.92 6.02 -6.91
CA VAL A 52 -7.68 4.87 -7.47
C VAL A 52 -8.77 4.42 -6.50
N GLU A 53 -8.42 4.02 -5.31
CA GLU A 53 -9.47 3.56 -4.35
C GLU A 53 -9.22 4.12 -2.95
N ILE A 54 -10.20 4.06 -2.11
CA ILE A 54 -10.05 4.55 -0.71
C ILE A 54 -10.69 3.53 0.23
N ILE A 55 -10.07 3.23 1.34
CA ILE A 55 -10.67 2.20 2.25
C ILE A 55 -10.54 2.63 3.72
N GLN A 56 -11.59 2.45 4.48
CA GLN A 56 -11.56 2.82 5.93
C GLN A 56 -11.14 1.62 6.77
N ALA A 57 -10.81 1.83 8.02
CA ALA A 57 -10.39 0.70 8.90
C ALA A 57 -11.63 -0.02 9.46
N THR A 58 -11.60 -1.33 9.53
CA THR A 58 -12.78 -2.06 10.07
C THR A 58 -12.56 -3.57 10.08
N ILE A 59 -11.38 -4.05 10.41
CA ILE A 59 -11.19 -5.53 10.41
C ILE A 59 -9.96 -5.94 11.24
N ILE A 60 -8.77 -5.65 10.79
CA ILE A 60 -7.57 -6.07 11.57
C ILE A 60 -7.78 -5.81 13.06
N ARG A 61 -6.98 -6.39 13.90
CA ARG A 61 -7.16 -6.19 15.38
C ARG A 61 -6.27 -5.05 15.89
N GLN A 62 -6.09 -4.98 17.18
CA GLN A 62 -5.25 -3.90 17.76
C GLN A 62 -3.78 -4.05 17.36
N ASN A 63 -3.11 -5.07 17.84
CA ASN A 63 -1.67 -5.24 17.49
C ASN A 63 -1.46 -6.49 16.63
N GLN A 64 -2.46 -6.92 15.93
CA GLN A 64 -2.29 -8.12 15.05
C GLN A 64 -1.23 -7.81 13.97
N ALA A 65 -0.31 -8.71 13.75
CA ALA A 65 0.73 -8.45 12.71
C ALA A 65 0.51 -9.36 11.51
N LEU A 66 0.45 -8.81 10.33
CA LEU A 66 0.25 -9.65 9.12
C LEU A 66 1.36 -9.38 8.10
N ARG A 67 2.02 -10.41 7.64
CA ARG A 67 3.10 -10.21 6.64
C ARG A 67 2.53 -10.30 5.23
N LEU A 68 2.84 -9.35 4.39
CA LEU A 68 2.28 -9.39 3.00
C LEU A 68 3.40 -9.53 1.97
N ARG A 69 3.25 -10.47 1.07
CA ARG A 69 4.28 -10.66 0.00
C ARG A 69 3.74 -10.15 -1.34
N ALA A 70 4.61 -9.81 -2.26
CA ALA A 70 4.13 -9.31 -3.57
C ALA A 70 3.91 -10.47 -4.54
N ARG A 71 2.89 -10.39 -5.36
CA ARG A 71 2.63 -11.49 -6.34
C ARG A 71 2.80 -10.95 -7.76
N LYS A 72 2.77 -9.65 -7.92
CA LYS A 72 2.92 -9.04 -9.27
C LYS A 72 3.94 -7.90 -9.23
N GLU A 73 5.03 -8.03 -9.93
CA GLU A 73 6.06 -6.96 -9.91
C GLU A 73 5.47 -5.66 -10.48
N CYS A 74 5.15 -4.72 -9.63
CA CYS A 74 4.58 -3.43 -10.11
C CYS A 74 3.99 -2.65 -8.94
N TRP A 75 3.60 -3.34 -7.89
CA TRP A 75 3.01 -2.64 -6.72
C TRP A 75 4.11 -1.93 -5.90
N ASP A 76 4.19 -0.63 -6.00
CA ASP A 76 5.24 0.10 -5.23
C ASP A 76 4.70 0.44 -3.84
N ARG A 77 5.21 -0.19 -2.82
CA ARG A 77 4.72 0.10 -1.44
C ARG A 77 5.55 1.23 -0.81
N ASP A 78 6.67 1.56 -1.39
CA ASP A 78 7.51 2.66 -0.82
C ASP A 78 7.78 3.73 -1.88
N GLY A 79 7.06 3.69 -2.97
CA GLY A 79 7.27 4.70 -4.04
C GLY A 79 8.57 4.39 -4.80
N LYS A 80 9.02 3.16 -4.73
CA LYS A 80 10.27 2.79 -5.45
C LYS A 80 9.98 1.69 -6.47
N GLU A 81 8.79 1.16 -6.46
CA GLU A 81 8.45 0.08 -7.43
C GLU A 81 9.36 -1.14 -7.24
N ARG A 82 8.80 -2.28 -7.01
CA ARG A 82 9.64 -3.50 -6.80
C ARG A 82 8.99 -4.72 -7.47
N VAL A 83 9.62 -5.87 -7.39
CA VAL A 83 9.04 -7.09 -8.03
C VAL A 83 8.24 -7.93 -7.03
N THR A 84 7.70 -9.04 -7.47
CA THR A 84 6.91 -9.91 -6.55
C THR A 84 7.74 -10.32 -5.33
N GLY A 85 9.04 -10.29 -5.47
CA GLY A 85 9.90 -10.69 -4.32
C GLY A 85 9.73 -9.69 -3.18
N GLU A 86 9.34 -8.48 -3.49
CA GLU A 86 9.16 -7.46 -2.41
C GLU A 86 8.00 -7.86 -1.49
N GLU A 87 8.04 -7.43 -0.26
CA GLU A 87 6.95 -7.76 0.70
C GLU A 87 6.94 -6.75 1.84
N TRP A 88 5.80 -6.46 2.40
CA TRP A 88 5.76 -5.47 3.51
C TRP A 88 4.87 -5.99 4.65
N LEU A 89 5.23 -5.70 5.87
CA LEU A 89 4.42 -6.18 7.03
C LEU A 89 3.42 -5.10 7.47
N VAL A 90 2.23 -5.49 7.80
CA VAL A 90 1.20 -4.49 8.23
C VAL A 90 0.85 -4.67 9.71
N THR A 91 0.86 -3.61 10.46
CA THR A 91 0.53 -3.70 11.90
C THR A 91 -0.43 -2.56 12.28
N THR A 92 -1.44 -2.32 11.48
CA THR A 92 -2.39 -1.21 11.79
C THR A 92 -3.43 -1.67 12.81
N VAL A 93 -3.61 -0.91 13.86
CA VAL A 93 -4.63 -1.28 14.89
C VAL A 93 -6.03 -1.10 14.32
N GLY A 94 -6.77 -2.17 14.15
CA GLY A 94 -8.13 -2.04 13.58
C GLY A 94 -8.03 -1.35 12.22
N ALA A 95 -8.04 -2.10 11.16
CA ALA A 95 -7.92 -1.48 9.81
C ALA A 95 -7.82 -2.56 8.72
N TYR A 96 -7.64 -2.16 7.50
CA TYR A 96 -7.54 -3.15 6.38
C TYR A 96 -6.60 -2.65 5.29
N LEU A 97 -5.39 -3.14 5.25
CA LEU A 97 -4.43 -2.69 4.20
C LEU A 97 -3.87 -3.90 3.45
N PRO A 98 -4.71 -4.51 2.66
CA PRO A 98 -4.31 -5.70 1.88
C PRO A 98 -3.57 -5.29 0.60
N ALA A 99 -3.10 -4.08 0.53
CA ALA A 99 -2.37 -3.62 -0.70
C ALA A 99 -3.10 -4.08 -1.96
N VAL A 100 -2.44 -4.05 -3.09
CA VAL A 100 -3.11 -4.46 -4.35
C VAL A 100 -2.46 -5.70 -4.98
N PHE A 101 -1.15 -5.75 -5.03
CA PHE A 101 -0.49 -6.95 -5.65
C PHE A 101 0.24 -7.82 -4.62
N GLU A 102 -0.33 -8.02 -3.46
CA GLU A 102 0.37 -8.87 -2.45
C GLU A 102 -0.65 -9.73 -1.69
N GLU A 103 -0.17 -10.72 -0.99
CA GLU A 103 -1.10 -11.60 -0.22
C GLU A 103 -0.59 -11.77 1.20
N VAL A 104 -1.44 -12.14 2.12
CA VAL A 104 -0.99 -12.31 3.53
C VAL A 104 -0.35 -13.68 3.72
N LEU A 105 0.69 -13.76 4.51
CA LEU A 105 1.36 -15.06 4.74
C LEU A 105 0.73 -15.74 5.96
N ASP A 106 -0.03 -14.99 6.73
CA ASP A 106 -0.71 -15.58 7.94
C ASP A 106 -1.17 -14.44 8.85
N LEU A 107 -1.65 -14.77 10.03
CA LEU A 107 -2.12 -13.71 10.96
C LEU A 107 -1.42 -13.85 12.31
N VAL A 108 -0.89 -12.78 12.84
CA VAL A 108 -0.19 -12.87 14.15
C VAL A 108 -0.79 -11.89 15.16
N ASP A 109 -0.77 -12.24 16.41
CA ASP A 109 -1.30 -11.31 17.44
C ASP A 109 -0.15 -10.80 18.31
N ALA A 110 0.16 -9.54 18.25
CA ALA A 110 1.29 -9.03 19.08
C ALA A 110 0.96 -9.21 20.57
N VAL A 111 1.56 -10.16 21.21
CA VAL A 111 1.26 -10.38 22.66
C VAL A 111 2.51 -10.08 23.50
N ILE A 112 3.56 -9.62 22.88
CA ILE A 112 4.80 -9.30 23.65
C ILE A 112 4.48 -8.39 24.82
N LEU A 113 4.18 -8.95 25.97
CA LEU A 113 3.86 -8.10 27.15
C LEU A 113 5.15 -7.58 27.78
N GLY A 1 -7.07 12.32 -8.79
CA GLY A 1 -8.21 13.27 -8.63
C GLY A 1 -7.68 14.64 -8.21
N SER A 2 -8.53 15.50 -7.73
CA SER A 2 -8.07 16.85 -7.30
C SER A 2 -8.68 17.20 -5.93
N HIS A 3 -8.03 16.83 -4.87
CA HIS A 3 -8.56 17.14 -3.52
C HIS A 3 -7.55 16.73 -2.44
N MET A 4 -7.28 17.61 -1.52
CA MET A 4 -6.31 17.26 -0.43
C MET A 4 -6.98 16.38 0.62
N GLN A 5 -6.21 15.66 1.39
CA GLN A 5 -6.82 14.79 2.43
C GLN A 5 -5.96 14.78 3.70
N VAL A 6 -6.40 15.47 4.72
CA VAL A 6 -5.60 15.50 5.98
C VAL A 6 -5.17 14.07 6.33
N VAL A 7 -4.24 13.92 7.25
CA VAL A 7 -3.78 12.55 7.62
C VAL A 7 -4.97 11.69 8.03
N LEU A 8 -5.13 10.56 7.41
CA LEU A 8 -6.28 9.67 7.74
C LEU A 8 -6.03 9.03 9.12
N PRO A 9 -7.09 8.52 9.68
CA PRO A 9 -7.00 7.86 11.01
C PRO A 9 -6.27 6.52 10.89
N ASN A 10 -6.99 5.46 10.64
CA ASN A 10 -6.34 4.13 10.50
C ASN A 10 -6.80 3.45 9.20
N THR A 11 -7.20 4.23 8.24
CA THR A 11 -7.66 3.64 6.95
C THR A 11 -6.58 3.82 5.87
N ALA A 12 -6.75 3.20 4.74
CA ALA A 12 -5.74 3.35 3.66
C ALA A 12 -6.42 3.46 2.30
N LEU A 13 -5.73 3.94 1.31
CA LEU A 13 -6.36 4.08 -0.03
C LEU A 13 -5.41 3.52 -1.11
N HIS A 14 -5.94 3.10 -2.22
CA HIS A 14 -5.07 2.53 -3.30
C HIS A 14 -4.63 3.63 -4.26
N LEU A 15 -3.35 3.70 -4.52
CA LEU A 15 -2.83 4.75 -5.45
C LEU A 15 -2.12 4.09 -6.64
N LYS A 16 -2.19 4.70 -7.79
CA LYS A 16 -1.48 4.11 -8.97
C LYS A 16 -0.32 5.04 -9.33
N ALA A 17 0.89 4.56 -9.22
CA ALA A 17 2.05 5.43 -9.55
C ALA A 17 2.17 5.58 -11.07
N LEU A 18 2.00 6.77 -11.56
CA LEU A 18 2.09 7.03 -13.01
C LEU A 18 3.43 7.71 -13.33
N LEU A 19 4.40 6.97 -13.79
CA LEU A 19 5.72 7.58 -14.11
C LEU A 19 6.58 6.60 -14.91
N ASP A 20 7.64 7.09 -15.50
CA ASP A 20 8.52 6.19 -16.29
C ASP A 20 9.72 5.77 -15.45
N PHE A 21 9.72 4.57 -14.93
CA PHE A 21 10.86 4.11 -14.10
C PHE A 21 11.78 3.22 -14.93
N GLU A 22 12.89 3.74 -15.38
CA GLU A 22 13.82 2.92 -16.20
C GLU A 22 14.77 2.14 -15.29
N ASP A 23 14.74 0.84 -15.35
CA ASP A 23 15.65 0.02 -14.49
C ASP A 23 16.58 -0.81 -15.37
N LYS A 24 17.85 -0.81 -15.07
CA LYS A 24 18.81 -1.60 -15.88
C LYS A 24 18.62 -3.10 -15.62
N ASP A 25 18.08 -3.44 -14.48
CA ASP A 25 17.88 -4.89 -14.17
C ASP A 25 16.78 -5.47 -15.07
N GLY A 26 15.83 -4.65 -15.46
CA GLY A 26 14.74 -5.15 -16.35
C GLY A 26 13.39 -4.81 -15.73
N ASP A 27 13.39 -4.29 -14.54
CA ASP A 27 12.09 -3.93 -13.88
C ASP A 27 11.62 -2.55 -14.35
N LYS A 28 11.70 -2.29 -15.62
CA LYS A 28 11.26 -0.96 -16.15
C LYS A 28 9.73 -0.83 -16.03
N VAL A 29 9.26 0.19 -15.35
CA VAL A 29 7.79 0.38 -15.23
C VAL A 29 7.35 1.58 -16.05
N VAL A 30 6.14 1.58 -16.56
CA VAL A 30 5.67 2.72 -17.39
C VAL A 30 4.26 3.14 -16.98
N ALA A 31 4.16 4.10 -16.10
CA ALA A 31 2.81 4.57 -15.68
C ALA A 31 1.87 3.38 -15.46
N GLY A 32 2.11 2.58 -14.45
CA GLY A 32 1.22 1.42 -14.22
C GLY A 32 1.47 0.80 -12.84
N ASP A 33 2.07 1.52 -11.92
CA ASP A 33 2.30 0.92 -10.57
C ASP A 33 1.11 1.19 -9.67
N GLU A 34 0.80 0.30 -8.76
CA GLU A 34 -0.35 0.52 -7.86
C GLU A 34 -0.12 -0.14 -6.50
N TRP A 35 -0.34 0.58 -5.43
CA TRP A 35 -0.14 -0.01 -4.07
C TRP A 35 -1.13 0.61 -3.09
N LEU A 36 -1.11 0.17 -1.86
CA LEU A 36 -2.06 0.73 -0.86
C LEU A 36 -1.31 1.70 0.07
N PHE A 37 -2.01 2.65 0.63
CA PHE A 37 -1.36 3.62 1.54
C PHE A 37 -2.16 3.75 2.83
N GLU A 38 -1.61 3.26 3.93
CA GLU A 38 -2.34 3.34 5.22
C GLU A 38 -1.93 4.62 5.96
N GLY A 39 -2.86 5.37 6.47
CA GLY A 39 -2.49 6.61 7.17
C GLY A 39 -1.76 7.53 6.18
N PRO A 40 -2.33 7.66 5.01
CA PRO A 40 -1.72 8.49 3.94
C PRO A 40 -1.62 9.95 4.40
N GLY A 41 -0.66 10.23 5.25
CA GLY A 41 -0.47 11.61 5.77
C GLY A 41 -0.61 12.62 4.64
N THR A 42 -1.65 13.39 4.66
CA THR A 42 -1.86 14.44 3.61
C THR A 42 -1.43 13.93 2.23
N TYR A 43 -1.78 12.73 1.87
CA TYR A 43 -1.38 12.23 0.51
C TYR A 43 -2.16 13.00 -0.56
N ILE A 44 -1.47 13.65 -1.46
CA ILE A 44 -2.17 14.42 -2.52
C ILE A 44 -1.96 13.76 -3.88
N PRO A 45 -3.00 13.77 -4.68
CA PRO A 45 -2.93 13.16 -6.03
C PRO A 45 -2.09 14.02 -6.97
N ARG A 46 -0.84 13.70 -7.12
CA ARG A 46 0.04 14.51 -8.02
C ARG A 46 0.32 13.74 -9.32
N LYS A 47 0.74 14.42 -10.34
CA LYS A 47 1.03 13.73 -11.63
C LYS A 47 1.79 12.43 -11.37
N GLU A 48 2.58 12.38 -10.34
CA GLU A 48 3.36 11.14 -10.04
C GLU A 48 2.42 9.93 -9.91
N VAL A 49 1.32 10.08 -9.22
CA VAL A 49 0.37 8.94 -9.06
C VAL A 49 -1.07 9.46 -9.04
N GLU A 50 -2.03 8.59 -9.20
CA GLU A 50 -3.44 9.04 -9.18
C GLU A 50 -4.24 8.23 -8.14
N VAL A 51 -5.14 8.88 -7.44
CA VAL A 51 -5.96 8.15 -6.44
C VAL A 51 -6.74 7.03 -7.10
N VAL A 52 -6.52 5.81 -6.71
CA VAL A 52 -7.27 4.68 -7.34
C VAL A 52 -8.50 4.33 -6.51
N GLU A 53 -8.30 3.88 -5.30
CA GLU A 53 -9.47 3.51 -4.45
C GLU A 53 -9.23 3.92 -3.00
N ILE A 54 -10.21 3.73 -2.15
CA ILE A 54 -10.05 4.09 -0.72
C ILE A 54 -10.61 2.96 0.15
N ILE A 55 -10.02 2.70 1.29
CA ILE A 55 -10.54 1.60 2.15
C ILE A 55 -10.50 2.01 3.63
N GLN A 56 -11.59 1.80 4.33
CA GLN A 56 -11.63 2.17 5.77
C GLN A 56 -11.08 1.01 6.62
N ALA A 57 -10.61 1.30 7.79
CA ALA A 57 -10.05 0.21 8.65
C ALA A 57 -11.11 -0.31 9.63
N THR A 58 -11.12 -1.59 9.90
CA THR A 58 -12.12 -2.15 10.85
C THR A 58 -12.12 -3.69 10.79
N ILE A 59 -10.99 -4.32 10.92
CA ILE A 59 -10.98 -5.82 10.87
C ILE A 59 -9.78 -6.40 11.66
N ILE A 60 -8.69 -5.69 11.75
CA ILE A 60 -7.51 -6.23 12.49
C ILE A 60 -7.60 -5.90 13.98
N ARG A 61 -6.76 -6.51 14.77
CA ARG A 61 -6.77 -6.25 16.24
C ARG A 61 -5.55 -5.40 16.65
N GLN A 62 -5.40 -5.14 17.92
CA GLN A 62 -4.25 -4.32 18.37
C GLN A 62 -2.93 -5.08 18.14
N ASN A 63 -2.67 -6.09 18.92
CA ASN A 63 -1.40 -6.86 18.74
C ASN A 63 -1.52 -7.79 17.54
N GLN A 64 -2.68 -7.90 16.96
CA GLN A 64 -2.87 -8.78 15.78
C GLN A 64 -1.96 -8.34 14.62
N ALA A 65 -1.21 -9.24 14.05
CA ALA A 65 -0.33 -8.87 12.92
C ALA A 65 -0.88 -9.46 11.62
N LEU A 66 -0.73 -8.76 10.52
CA LEU A 66 -1.26 -9.28 9.23
C LEU A 66 -0.14 -9.36 8.18
N ARG A 67 0.20 -10.55 7.76
CA ARG A 67 1.28 -10.70 6.74
C ARG A 67 0.67 -10.86 5.35
N LEU A 68 1.01 -9.99 4.44
CA LEU A 68 0.42 -10.10 3.07
C LEU A 68 1.52 -10.32 2.02
N ARG A 69 1.31 -11.23 1.11
CA ARG A 69 2.33 -11.50 0.06
C ARG A 69 1.97 -10.76 -1.22
N ALA A 70 2.92 -10.56 -2.11
CA ALA A 70 2.62 -9.82 -3.37
C ALA A 70 1.85 -10.70 -4.35
N ARG A 71 1.26 -10.09 -5.35
CA ARG A 71 0.49 -10.87 -6.37
C ARG A 71 1.03 -10.54 -7.76
N LYS A 72 1.30 -9.29 -8.03
CA LYS A 72 1.84 -8.89 -9.37
C LYS A 72 3.18 -8.19 -9.20
N GLU A 73 4.13 -8.49 -10.04
CA GLU A 73 5.46 -7.81 -9.94
C GLU A 73 5.32 -6.33 -10.33
N CYS A 74 4.50 -5.60 -9.61
CA CYS A 74 4.30 -4.16 -9.94
C CYS A 74 3.94 -3.34 -8.70
N TRP A 75 3.37 -3.96 -7.69
CA TRP A 75 3.00 -3.20 -6.46
C TRP A 75 4.25 -2.86 -5.64
N ASP A 76 4.55 -1.59 -5.50
CA ASP A 76 5.74 -1.21 -4.70
C ASP A 76 5.31 -0.61 -3.35
N ARG A 77 5.53 -1.33 -2.28
CA ARG A 77 5.13 -0.80 -0.94
C ARG A 77 6.26 0.03 -0.34
N ASP A 78 7.39 0.07 -1.00
CA ASP A 78 8.54 0.86 -0.46
C ASP A 78 8.90 1.98 -1.42
N GLY A 79 8.37 1.95 -2.63
CA GLY A 79 8.67 3.01 -3.61
C GLY A 79 9.28 2.38 -4.87
N LYS A 80 10.22 1.50 -4.70
CA LYS A 80 10.86 0.86 -5.90
C LYS A 80 9.99 -0.31 -6.39
N GLU A 81 9.65 -0.31 -7.65
CA GLU A 81 8.81 -1.42 -8.19
C GLU A 81 9.34 -2.77 -7.71
N ARG A 82 8.54 -3.52 -6.99
CA ARG A 82 9.01 -4.84 -6.48
C ARG A 82 8.44 -5.96 -7.36
N VAL A 83 8.85 -7.18 -7.10
CA VAL A 83 8.34 -8.32 -7.90
C VAL A 83 7.35 -9.14 -7.09
N THR A 84 6.71 -10.10 -7.70
CA THR A 84 5.74 -10.95 -6.95
C THR A 84 6.50 -11.67 -5.83
N GLY A 85 5.84 -12.55 -5.13
CA GLY A 85 6.54 -13.28 -4.03
C GLY A 85 6.80 -12.32 -2.87
N GLU A 86 7.49 -11.23 -3.11
CA GLU A 86 7.76 -10.27 -2.00
C GLU A 86 6.49 -10.06 -1.17
N GLU A 87 6.62 -9.72 0.08
CA GLU A 87 5.40 -9.53 0.92
C GLU A 87 5.58 -8.40 1.94
N TRP A 88 4.52 -7.73 2.29
CA TRP A 88 4.61 -6.63 3.29
C TRP A 88 3.88 -7.07 4.57
N LEU A 89 4.12 -6.40 5.67
CA LEU A 89 3.44 -6.80 6.94
C LEU A 89 2.79 -5.58 7.60
N VAL A 90 1.64 -5.75 8.18
CA VAL A 90 0.95 -4.60 8.83
C VAL A 90 0.59 -4.94 10.28
N THR A 91 0.76 -4.01 11.18
CA THR A 91 0.42 -4.28 12.61
C THR A 91 -0.31 -3.06 13.21
N THR A 92 -1.20 -2.46 12.46
CA THR A 92 -1.94 -1.27 12.99
C THR A 92 -3.11 -1.74 13.86
N VAL A 93 -3.20 -1.25 15.07
CA VAL A 93 -4.33 -1.66 15.95
C VAL A 93 -5.67 -1.31 15.30
N GLY A 94 -6.43 -2.31 14.92
CA GLY A 94 -7.74 -2.04 14.28
C GLY A 94 -7.52 -1.50 12.87
N ALA A 95 -7.57 -2.35 11.88
CA ALA A 95 -7.36 -1.88 10.48
C ALA A 95 -7.72 -2.96 9.47
N TYR A 96 -7.66 -2.66 8.21
CA TYR A 96 -7.99 -3.67 7.16
C TYR A 96 -6.87 -3.73 6.13
N LEU A 97 -6.74 -2.70 5.34
CA LEU A 97 -5.65 -2.68 4.31
C LEU A 97 -5.61 -3.98 3.51
N PRO A 98 -6.50 -4.09 2.58
CA PRO A 98 -6.56 -5.28 1.71
C PRO A 98 -5.41 -5.24 0.69
N ALA A 99 -4.81 -4.08 0.54
CA ALA A 99 -3.66 -3.94 -0.42
C ALA A 99 -4.15 -3.98 -1.86
N VAL A 100 -3.27 -3.73 -2.80
CA VAL A 100 -3.66 -3.76 -4.24
C VAL A 100 -3.25 -5.10 -4.85
N PHE A 101 -1.97 -5.39 -4.86
CA PHE A 101 -1.50 -6.68 -5.44
C PHE A 101 -0.96 -7.59 -4.33
N GLU A 102 -1.67 -7.71 -3.24
CA GLU A 102 -1.13 -8.57 -2.15
C GLU A 102 -2.22 -9.50 -1.59
N GLU A 103 -1.83 -10.69 -1.22
CA GLU A 103 -2.80 -11.66 -0.63
C GLU A 103 -2.36 -12.02 0.79
N VAL A 104 -3.20 -11.81 1.76
CA VAL A 104 -2.80 -12.12 3.17
C VAL A 104 -2.32 -13.58 3.28
N LEU A 105 -1.41 -13.83 4.18
CA LEU A 105 -0.89 -15.21 4.35
C LEU A 105 -1.50 -15.86 5.60
N ASP A 106 -1.78 -15.09 6.61
CA ASP A 106 -2.37 -15.69 7.85
C ASP A 106 -2.63 -14.60 8.91
N LEU A 107 -3.64 -14.77 9.70
CA LEU A 107 -3.93 -13.76 10.77
C LEU A 107 -3.15 -14.11 12.04
N VAL A 108 -2.38 -13.19 12.56
CA VAL A 108 -1.60 -13.50 13.78
C VAL A 108 -2.01 -12.62 14.97
N ASP A 109 -2.08 -13.17 16.14
CA ASP A 109 -2.46 -12.35 17.32
C ASP A 109 -1.24 -12.21 18.25
N ALA A 110 -0.73 -11.01 18.41
CA ALA A 110 0.45 -10.84 19.31
C ALA A 110 0.01 -10.69 20.76
N VAL A 111 0.94 -10.58 21.67
CA VAL A 111 0.57 -10.45 23.11
C VAL A 111 -0.24 -9.17 23.34
N ILE A 112 -0.06 -8.55 24.47
CA ILE A 112 -0.83 -7.30 24.75
C ILE A 112 0.10 -6.09 24.71
N LEU A 113 -0.40 -4.96 24.29
CA LEU A 113 0.46 -3.74 24.21
C LEU A 113 1.09 -3.47 25.57
N GLY A 1 -11.01 21.41 -4.34
CA GLY A 1 -9.63 21.76 -4.76
C GLY A 1 -8.79 20.49 -4.84
N SER A 2 -9.09 19.63 -5.76
CA SER A 2 -8.30 18.37 -5.91
C SER A 2 -8.49 17.50 -4.67
N HIS A 3 -8.48 16.20 -4.83
CA HIS A 3 -8.65 15.31 -3.65
C HIS A 3 -7.56 15.57 -2.61
N MET A 4 -7.89 16.29 -1.58
CA MET A 4 -6.86 16.58 -0.54
C MET A 4 -7.42 16.30 0.85
N GLN A 5 -6.59 15.91 1.78
CA GLN A 5 -7.11 15.62 3.16
C GLN A 5 -5.94 15.28 4.09
N VAL A 6 -6.00 15.71 5.32
CA VAL A 6 -4.91 15.40 6.28
C VAL A 6 -4.86 13.90 6.57
N VAL A 7 -4.43 13.52 7.73
CA VAL A 7 -4.36 12.07 8.06
C VAL A 7 -5.72 11.57 8.54
N LEU A 8 -6.07 10.36 8.23
CA LEU A 8 -7.38 9.81 8.67
C LEU A 8 -7.18 8.90 9.89
N PRO A 9 -8.26 8.54 10.52
CA PRO A 9 -8.19 7.67 11.71
C PRO A 9 -7.76 6.25 11.32
N ASN A 10 -6.54 6.10 10.89
CA ASN A 10 -6.05 4.74 10.51
C ASN A 10 -6.72 4.24 9.23
N THR A 11 -6.43 4.84 8.11
CA THR A 11 -7.04 4.38 6.83
C THR A 11 -6.00 4.38 5.72
N ALA A 12 -6.23 3.65 4.66
CA ALA A 12 -5.24 3.62 3.55
C ALA A 12 -5.96 3.65 2.19
N LEU A 13 -5.31 4.10 1.17
CA LEU A 13 -5.96 4.14 -0.17
C LEU A 13 -5.05 3.52 -1.23
N HIS A 14 -5.64 3.07 -2.31
CA HIS A 14 -4.83 2.45 -3.39
C HIS A 14 -4.48 3.51 -4.44
N LEU A 15 -3.23 3.65 -4.78
CA LEU A 15 -2.84 4.67 -5.79
C LEU A 15 -2.14 4.00 -6.97
N LYS A 16 -2.21 4.60 -8.13
CA LYS A 16 -1.53 4.01 -9.31
C LYS A 16 -0.33 4.88 -9.70
N ALA A 17 0.85 4.36 -9.61
CA ALA A 17 2.04 5.18 -9.96
C ALA A 17 2.19 5.28 -11.48
N LEU A 18 2.07 6.47 -12.00
CA LEU A 18 2.20 6.65 -13.47
C LEU A 18 3.59 7.22 -13.79
N LEU A 19 4.51 6.39 -14.20
CA LEU A 19 5.87 6.89 -14.52
C LEU A 19 6.69 5.84 -15.26
N ASP A 20 7.56 6.24 -16.14
CA ASP A 20 8.42 5.25 -16.86
C ASP A 20 9.64 4.95 -15.99
N PHE A 21 9.73 3.77 -15.45
CA PHE A 21 10.88 3.46 -14.56
C PHE A 21 11.59 2.16 -14.96
N GLU A 22 12.89 2.13 -14.81
CA GLU A 22 13.67 0.91 -15.14
C GLU A 22 14.03 0.20 -13.84
N ASP A 23 13.66 -1.05 -13.70
CA ASP A 23 13.97 -1.78 -12.44
C ASP A 23 15.17 -2.70 -12.63
N LYS A 24 15.98 -2.84 -11.62
CA LYS A 24 17.18 -3.73 -11.73
C LYS A 24 16.72 -5.20 -11.68
N ASP A 25 15.68 -5.46 -10.94
CA ASP A 25 15.18 -6.86 -10.84
C ASP A 25 13.71 -6.93 -11.28
N GLY A 26 13.00 -5.84 -11.16
CA GLY A 26 11.56 -5.83 -11.56
C GLY A 26 11.43 -5.49 -13.04
N ASP A 27 12.44 -5.79 -13.82
CA ASP A 27 12.37 -5.47 -15.27
C ASP A 27 12.22 -3.96 -15.48
N LYS A 28 11.02 -3.45 -15.42
CA LYS A 28 10.81 -1.99 -15.62
C LYS A 28 9.32 -1.65 -15.54
N VAL A 29 8.98 -0.53 -14.96
CA VAL A 29 7.55 -0.14 -14.86
C VAL A 29 7.22 0.89 -15.95
N VAL A 30 6.07 0.78 -16.57
CA VAL A 30 5.73 1.76 -17.65
C VAL A 30 4.35 2.38 -17.37
N ALA A 31 4.31 3.42 -16.59
CA ALA A 31 3.01 4.07 -16.29
C ALA A 31 1.92 3.03 -16.05
N GLY A 32 1.99 2.34 -14.94
CA GLY A 32 0.95 1.31 -14.66
C GLY A 32 1.22 0.64 -13.31
N ASP A 33 1.83 1.32 -12.37
CA ASP A 33 2.09 0.69 -11.05
C ASP A 33 0.95 1.03 -10.08
N GLU A 34 0.64 0.13 -9.18
CA GLU A 34 -0.46 0.40 -8.21
C GLU A 34 -0.10 -0.17 -6.82
N TRP A 35 -0.48 0.50 -5.77
CA TRP A 35 -0.15 -0.01 -4.41
C TRP A 35 -1.06 0.61 -3.34
N LEU A 36 -1.05 0.09 -2.15
CA LEU A 36 -1.90 0.65 -1.06
C LEU A 36 -1.07 1.61 -0.19
N PHE A 37 -1.71 2.56 0.43
CA PHE A 37 -0.96 3.52 1.28
C PHE A 37 -1.76 3.83 2.54
N GLU A 38 -1.33 3.37 3.67
CA GLU A 38 -2.06 3.65 4.94
C GLU A 38 -1.40 4.82 5.66
N GLY A 39 -2.19 5.72 6.19
CA GLY A 39 -1.59 6.89 6.88
C GLY A 39 -1.14 7.92 5.83
N PRO A 40 -2.00 8.17 4.89
CA PRO A 40 -1.68 9.12 3.79
C PRO A 40 -1.46 10.53 4.33
N GLY A 41 -0.36 10.74 5.02
CA GLY A 41 -0.08 12.09 5.58
C GLY A 41 -0.34 13.15 4.50
N THR A 42 -1.50 13.73 4.50
CA THR A 42 -1.80 14.77 3.48
C THR A 42 -1.37 14.30 2.09
N TYR A 43 -1.59 13.05 1.77
CA TYR A 43 -1.19 12.55 0.43
C TYR A 43 -2.08 13.19 -0.66
N ILE A 44 -1.47 13.70 -1.70
CA ILE A 44 -2.27 14.31 -2.80
C ILE A 44 -1.96 13.57 -4.10
N PRO A 45 -2.95 13.52 -4.96
CA PRO A 45 -2.78 12.82 -6.26
C PRO A 45 -1.79 13.57 -7.16
N ARG A 46 -0.53 13.48 -6.87
CA ARG A 46 0.49 14.17 -7.70
C ARG A 46 0.53 13.55 -9.10
N LYS A 47 0.74 14.34 -10.11
CA LYS A 47 0.78 13.78 -11.50
C LYS A 47 1.57 12.47 -11.53
N GLU A 48 2.57 12.34 -10.70
CA GLU A 48 3.35 11.07 -10.68
C GLU A 48 2.41 9.87 -10.61
N VAL A 49 1.50 9.88 -9.67
CA VAL A 49 0.53 8.76 -9.53
C VAL A 49 -0.88 9.31 -9.38
N GLU A 50 -1.87 8.46 -9.37
CA GLU A 50 -3.26 8.97 -9.21
C GLU A 50 -4.01 8.17 -8.15
N VAL A 51 -4.69 8.83 -7.25
CA VAL A 51 -5.44 8.08 -6.21
C VAL A 51 -6.36 7.08 -6.92
N VAL A 52 -6.56 5.92 -6.37
CA VAL A 52 -7.44 4.95 -7.07
C VAL A 52 -8.58 4.50 -6.15
N GLU A 53 -8.25 3.97 -5.00
CA GLU A 53 -9.32 3.51 -4.07
C GLU A 53 -8.98 3.96 -2.65
N ILE A 54 -9.93 3.86 -1.75
CA ILE A 54 -9.66 4.27 -0.35
C ILE A 54 -10.27 3.22 0.60
N ILE A 55 -9.67 3.01 1.73
CA ILE A 55 -10.22 1.98 2.66
C ILE A 55 -10.09 2.45 4.12
N GLN A 56 -11.12 2.28 4.90
CA GLN A 56 -11.06 2.69 6.33
C GLN A 56 -10.58 1.53 7.20
N ALA A 57 -10.36 1.76 8.46
CA ALA A 57 -9.89 0.66 9.35
C ALA A 57 -11.07 0.07 10.12
N THR A 58 -11.24 -1.23 10.06
CA THR A 58 -12.38 -1.88 10.80
C THR A 58 -12.48 -3.35 10.43
N ILE A 59 -11.84 -4.22 11.17
CA ILE A 59 -11.91 -5.67 10.84
C ILE A 59 -11.04 -6.49 11.81
N ILE A 60 -9.80 -6.12 11.99
CA ILE A 60 -8.92 -6.89 12.93
C ILE A 60 -8.46 -5.99 14.08
N ARG A 61 -7.31 -5.38 13.96
CA ARG A 61 -6.82 -4.49 15.05
C ARG A 61 -5.47 -3.85 14.68
N GLN A 62 -4.78 -3.32 15.66
CA GLN A 62 -3.46 -2.67 15.38
C GLN A 62 -2.31 -3.68 15.53
N ASN A 63 -2.01 -4.04 16.74
CA ASN A 63 -0.90 -5.00 17.00
C ASN A 63 -0.89 -6.15 15.98
N GLN A 64 -2.01 -6.46 15.40
CA GLN A 64 -2.03 -7.57 14.41
C GLN A 64 -1.05 -7.30 13.27
N ALA A 65 -0.27 -8.28 12.90
CA ALA A 65 0.71 -8.08 11.79
C ALA A 65 0.24 -8.88 10.56
N LEU A 66 0.35 -8.32 9.39
CA LEU A 66 -0.11 -9.05 8.18
C LEU A 66 1.01 -9.13 7.13
N ARG A 67 1.52 -10.30 6.88
CA ARG A 67 2.60 -10.44 5.86
C ARG A 67 1.98 -10.69 4.49
N LEU A 68 2.27 -9.86 3.53
CA LEU A 68 1.67 -10.05 2.18
C LEU A 68 2.74 -10.21 1.10
N ARG A 69 2.45 -11.00 0.10
CA ARG A 69 3.44 -11.19 -1.02
C ARG A 69 2.86 -10.60 -2.31
N ALA A 70 3.68 -10.40 -3.31
CA ALA A 70 3.17 -9.82 -4.58
C ALA A 70 2.55 -10.91 -5.48
N ARG A 71 1.75 -10.50 -6.42
CA ARG A 71 1.12 -11.47 -7.36
C ARG A 71 1.47 -11.07 -8.79
N LYS A 72 1.53 -9.79 -9.05
CA LYS A 72 1.90 -9.31 -10.42
C LYS A 72 3.09 -8.36 -10.34
N GLU A 73 3.88 -8.29 -11.36
CA GLU A 73 5.05 -7.36 -11.32
C GLU A 73 4.60 -5.95 -11.71
N CYS A 74 4.31 -5.13 -10.73
CA CYS A 74 3.87 -3.74 -11.05
C CYS A 74 3.54 -2.97 -9.76
N TRP A 75 3.16 -3.66 -8.72
CA TRP A 75 2.83 -2.96 -7.44
C TRP A 75 4.11 -2.48 -6.75
N ASP A 76 4.19 -1.21 -6.44
CA ASP A 76 5.41 -0.69 -5.75
C ASP A 76 5.17 -0.68 -4.23
N ARG A 77 5.96 -1.40 -3.50
CA ARG A 77 5.79 -1.43 -2.01
C ARG A 77 5.42 -0.05 -1.47
N ASP A 78 6.23 0.93 -1.73
CA ASP A 78 5.93 2.31 -1.23
C ASP A 78 5.75 3.28 -2.39
N GLY A 79 6.03 2.85 -3.60
CA GLY A 79 5.86 3.74 -4.77
C GLY A 79 7.03 3.54 -5.73
N LYS A 80 8.11 3.00 -5.24
CA LYS A 80 9.30 2.77 -6.12
C LYS A 80 8.94 1.76 -7.22
N GLU A 81 9.77 0.78 -7.46
CA GLU A 81 9.46 -0.23 -8.51
C GLU A 81 9.91 -1.62 -8.06
N ARG A 82 9.00 -2.55 -7.97
CA ARG A 82 9.38 -3.93 -7.55
C ARG A 82 8.78 -4.97 -8.50
N VAL A 83 9.05 -6.22 -8.27
CA VAL A 83 8.50 -7.28 -9.17
C VAL A 83 7.41 -8.07 -8.44
N THR A 84 6.82 -9.03 -9.09
CA THR A 84 5.75 -9.83 -8.43
C THR A 84 6.35 -10.72 -7.34
N GLY A 85 7.63 -10.90 -7.35
CA GLY A 85 8.28 -11.76 -6.31
C GLY A 85 8.59 -10.93 -5.07
N GLU A 86 8.13 -9.72 -5.01
CA GLU A 86 8.40 -8.86 -3.83
C GLU A 86 7.28 -9.03 -2.80
N GLU A 87 7.50 -8.62 -1.58
CA GLU A 87 6.44 -8.77 -0.54
C GLU A 87 6.63 -7.71 0.55
N TRP A 88 5.58 -7.38 1.26
CA TRP A 88 5.70 -6.37 2.35
C TRP A 88 4.87 -6.82 3.57
N LEU A 89 5.32 -6.48 4.75
CA LEU A 89 4.57 -6.88 5.97
C LEU A 89 3.80 -5.67 6.51
N VAL A 90 2.66 -5.90 7.10
CA VAL A 90 1.86 -4.75 7.64
C VAL A 90 1.99 -4.72 9.18
N THR A 91 2.54 -3.66 9.70
CA THR A 91 2.68 -3.53 11.18
C THR A 91 2.00 -2.25 11.67
N THR A 92 1.44 -1.49 10.77
CA THR A 92 0.76 -0.23 11.17
C THR A 92 -0.64 -0.53 11.71
N VAL A 93 -1.31 0.45 12.26
CA VAL A 93 -2.68 0.21 12.79
C VAL A 93 -3.71 0.38 11.68
N GLY A 94 -4.92 -0.05 11.90
CA GLY A 94 -5.97 0.09 10.85
C GLY A 94 -6.88 -1.13 10.89
N ALA A 95 -6.36 -2.24 11.33
CA ALA A 95 -7.19 -3.47 11.41
C ALA A 95 -7.77 -3.84 10.03
N TYR A 96 -7.27 -3.26 8.98
CA TYR A 96 -7.79 -3.58 7.63
C TYR A 96 -7.05 -2.78 6.55
N LEU A 97 -5.94 -3.27 6.09
CA LEU A 97 -5.18 -2.53 5.03
C LEU A 97 -4.84 -3.50 3.89
N PRO A 98 -5.81 -3.70 3.03
CA PRO A 98 -5.62 -4.61 1.88
C PRO A 98 -4.68 -4.00 0.84
N ALA A 99 -3.84 -4.80 0.25
CA ALA A 99 -2.89 -4.27 -0.78
C ALA A 99 -3.58 -4.23 -2.15
N VAL A 100 -2.82 -4.09 -3.20
CA VAL A 100 -3.43 -4.04 -4.55
C VAL A 100 -3.09 -5.31 -5.33
N PHE A 101 -1.83 -5.54 -5.59
CA PHE A 101 -1.44 -6.77 -6.34
C PHE A 101 -1.00 -7.87 -5.36
N GLU A 102 -0.41 -7.49 -4.26
CA GLU A 102 0.06 -8.51 -3.28
C GLU A 102 -1.11 -8.97 -2.40
N GLU A 103 -1.03 -10.16 -1.88
CA GLU A 103 -2.14 -10.67 -1.01
C GLU A 103 -1.58 -11.20 0.31
N VAL A 104 -2.44 -11.53 1.24
CA VAL A 104 -1.96 -12.04 2.56
C VAL A 104 -1.89 -13.57 2.55
N LEU A 105 -0.91 -14.12 3.19
CA LEU A 105 -0.78 -15.61 3.23
C LEU A 105 -1.17 -16.12 4.63
N ASP A 106 -1.15 -15.26 5.61
CA ASP A 106 -1.51 -15.67 6.99
C ASP A 106 -1.53 -14.45 7.91
N LEU A 107 -2.27 -14.52 9.00
CA LEU A 107 -2.33 -13.35 9.93
C LEU A 107 -1.55 -13.65 11.21
N VAL A 108 -0.93 -12.66 11.80
CA VAL A 108 -0.16 -12.91 13.06
C VAL A 108 -0.48 -11.82 14.08
N ASP A 109 -0.23 -12.07 15.33
CA ASP A 109 -0.53 -11.04 16.38
C ASP A 109 0.77 -10.48 16.95
N ALA A 110 0.95 -9.19 16.93
CA ALA A 110 2.20 -8.59 17.48
C ALA A 110 2.57 -9.26 18.80
N VAL A 111 3.84 -9.37 19.08
CA VAL A 111 4.28 -10.02 20.35
C VAL A 111 5.68 -9.54 20.75
N ILE A 112 5.94 -8.27 20.66
CA ILE A 112 7.29 -7.75 21.01
C ILE A 112 7.17 -6.71 22.13
N LEU A 113 8.18 -6.58 22.95
CA LEU A 113 8.13 -5.58 24.06
C LEU A 113 6.75 -5.62 24.73
N GLY A 1 -9.29 23.00 -0.18
CA GLY A 1 -10.04 21.75 -0.48
C GLY A 1 -9.48 21.11 -1.77
N SER A 2 -9.89 19.90 -2.06
CA SER A 2 -9.38 19.23 -3.30
C SER A 2 -7.86 19.31 -3.35
N HIS A 3 -7.20 19.09 -2.24
CA HIS A 3 -5.71 19.15 -2.23
C HIS A 3 -5.16 18.67 -0.89
N MET A 4 -4.53 17.53 -0.87
CA MET A 4 -3.98 17.00 0.41
C MET A 4 -5.11 16.73 1.41
N GLN A 5 -4.90 15.82 2.31
CA GLN A 5 -5.96 15.51 3.32
C GLN A 5 -5.35 15.50 4.73
N VAL A 6 -6.17 15.33 5.73
CA VAL A 6 -5.64 15.30 7.12
C VAL A 6 -5.27 13.86 7.50
N VAL A 7 -4.21 13.67 8.25
CA VAL A 7 -3.82 12.28 8.64
C VAL A 7 -5.06 11.46 8.98
N LEU A 8 -5.54 10.72 8.01
CA LEU A 8 -6.75 9.89 8.27
C LEU A 8 -6.63 9.16 9.60
N PRO A 9 -7.74 8.64 10.06
CA PRO A 9 -7.77 7.91 11.34
C PRO A 9 -7.09 6.56 11.21
N ASN A 10 -7.54 5.73 10.30
CA ASN A 10 -6.91 4.39 10.13
C ASN A 10 -7.36 3.75 8.82
N THR A 11 -7.72 4.53 7.85
CA THR A 11 -8.17 3.95 6.54
C THR A 11 -7.06 4.10 5.51
N ALA A 12 -7.21 3.51 4.35
CA ALA A 12 -6.13 3.63 3.33
C ALA A 12 -6.72 3.78 1.92
N LEU A 13 -5.96 4.28 1.00
CA LEU A 13 -6.50 4.43 -0.38
C LEU A 13 -5.53 3.81 -1.40
N HIS A 14 -6.02 3.42 -2.55
CA HIS A 14 -5.13 2.80 -3.56
C HIS A 14 -4.60 3.86 -4.53
N LEU A 15 -3.31 3.94 -4.70
CA LEU A 15 -2.74 4.94 -5.64
C LEU A 15 -2.11 4.22 -6.83
N LYS A 16 -2.07 4.86 -7.98
CA LYS A 16 -1.43 4.19 -9.15
C LYS A 16 -0.26 5.04 -9.62
N ALA A 17 0.93 4.51 -9.56
CA ALA A 17 2.12 5.30 -10.00
C ALA A 17 2.20 5.31 -11.53
N LEU A 18 2.17 6.47 -12.11
CA LEU A 18 2.26 6.57 -13.60
C LEU A 18 3.68 6.93 -14.01
N LEU A 19 4.44 5.97 -14.46
CA LEU A 19 5.85 6.25 -14.86
C LEU A 19 6.36 5.16 -15.80
N ASP A 20 7.11 5.53 -16.81
CA ASP A 20 7.63 4.50 -17.76
C ASP A 20 8.98 3.99 -17.28
N PHE A 21 9.02 2.80 -16.72
CA PHE A 21 10.30 2.24 -16.25
C PHE A 21 10.50 0.83 -16.79
N GLU A 22 11.35 0.68 -17.76
CA GLU A 22 11.59 -0.68 -18.35
C GLU A 22 13.06 -1.05 -18.26
N ASP A 23 13.38 -2.07 -17.53
CA ASP A 23 14.80 -2.50 -17.38
C ASP A 23 15.19 -3.44 -18.53
N LYS A 24 16.43 -3.86 -18.57
CA LYS A 24 16.87 -4.78 -19.66
C LYS A 24 16.45 -6.22 -19.33
N ASP A 25 15.85 -6.42 -18.19
CA ASP A 25 15.42 -7.81 -17.82
C ASP A 25 14.38 -8.32 -18.82
N GLY A 26 13.60 -7.44 -19.38
CA GLY A 26 12.56 -7.88 -20.36
C GLY A 26 11.32 -7.00 -20.22
N ASP A 27 11.06 -6.50 -19.03
CA ASP A 27 9.88 -5.64 -18.82
C ASP A 27 9.68 -5.38 -17.32
N LYS A 28 9.28 -4.19 -16.96
CA LYS A 28 9.07 -3.88 -15.52
C LYS A 28 7.80 -3.06 -15.32
N VAL A 29 7.91 -1.76 -15.16
CA VAL A 29 6.69 -0.93 -14.96
C VAL A 29 6.46 -0.04 -16.18
N VAL A 30 5.24 0.08 -16.63
CA VAL A 30 4.96 0.94 -17.81
C VAL A 30 3.69 1.76 -17.57
N ALA A 31 3.81 2.84 -16.86
CA ALA A 31 2.61 3.68 -16.58
C ALA A 31 1.45 2.80 -16.11
N GLY A 32 1.55 2.23 -14.94
CA GLY A 32 0.43 1.38 -14.45
C GLY A 32 0.80 0.75 -13.10
N ASP A 33 1.61 1.41 -12.31
CA ASP A 33 1.97 0.85 -10.98
C ASP A 33 0.88 1.19 -9.96
N GLU A 34 0.62 0.33 -9.02
CA GLU A 34 -0.43 0.62 -8.00
C GLU A 34 -0.05 0.09 -6.62
N TRP A 35 -0.45 0.76 -5.58
CA TRP A 35 -0.13 0.29 -4.21
C TRP A 35 -1.14 0.86 -3.20
N LEU A 36 -1.19 0.30 -2.02
CA LEU A 36 -2.16 0.80 -0.99
C LEU A 36 -1.47 1.79 -0.05
N PHE A 37 -2.21 2.73 0.47
CA PHE A 37 -1.59 3.72 1.41
C PHE A 37 -2.44 3.88 2.67
N GLU A 38 -1.95 3.41 3.79
CA GLU A 38 -2.72 3.52 5.05
C GLU A 38 -2.46 4.89 5.70
N GLY A 39 -3.49 5.64 5.99
CA GLY A 39 -3.30 6.98 6.61
C GLY A 39 -2.77 7.97 5.57
N PRO A 40 -3.37 7.95 4.40
CA PRO A 40 -2.94 8.88 3.32
C PRO A 40 -3.50 10.30 3.55
N GLY A 41 -3.65 10.72 4.77
CA GLY A 41 -4.19 12.08 5.02
C GLY A 41 -3.37 13.11 4.26
N THR A 42 -2.09 13.20 4.54
CA THR A 42 -1.24 14.21 3.85
C THR A 42 -0.86 13.74 2.44
N TYR A 43 -1.49 12.72 1.93
CA TYR A 43 -1.14 12.26 0.55
C TYR A 43 -1.69 13.24 -0.49
N ILE A 44 -0.86 13.66 -1.41
CA ILE A 44 -1.34 14.62 -2.46
C ILE A 44 -1.20 13.98 -3.84
N PRO A 45 -2.16 14.27 -4.68
CA PRO A 45 -2.16 13.72 -6.06
C PRO A 45 -1.08 14.40 -6.91
N ARG A 46 -0.02 13.70 -7.20
CA ARG A 46 1.07 14.31 -8.02
C ARG A 46 1.19 13.58 -9.36
N LYS A 47 1.59 14.28 -10.38
CA LYS A 47 1.73 13.64 -11.72
C LYS A 47 2.34 12.24 -11.60
N GLU A 48 3.39 12.11 -10.83
CA GLU A 48 4.05 10.78 -10.67
C GLU A 48 3.01 9.67 -10.51
N VAL A 49 1.93 9.93 -9.80
CA VAL A 49 0.90 8.87 -9.61
C VAL A 49 -0.50 9.50 -9.55
N GLU A 50 -1.52 8.69 -9.50
CA GLU A 50 -2.91 9.25 -9.44
C GLU A 50 -3.77 8.42 -8.47
N VAL A 51 -4.59 9.07 -7.68
CA VAL A 51 -5.45 8.31 -6.73
C VAL A 51 -6.28 7.26 -7.47
N VAL A 52 -6.28 6.05 -6.99
CA VAL A 52 -7.06 4.98 -7.67
C VAL A 52 -8.35 4.68 -6.89
N GLU A 53 -8.22 4.29 -5.65
CA GLU A 53 -9.44 3.97 -4.85
C GLU A 53 -9.26 4.42 -3.40
N ILE A 54 -10.30 4.37 -2.62
CA ILE A 54 -10.19 4.76 -1.19
C ILE A 54 -10.87 3.68 -0.34
N ILE A 55 -10.27 3.27 0.74
CA ILE A 55 -10.89 2.20 1.57
C ILE A 55 -10.97 2.59 3.05
N GLN A 56 -12.02 2.19 3.71
CA GLN A 56 -12.16 2.50 5.15
C GLN A 56 -11.58 1.36 5.98
N ALA A 57 -11.24 1.62 7.21
CA ALA A 57 -10.66 0.54 8.06
C ALA A 57 -11.71 0.01 9.03
N THR A 58 -11.85 -1.29 9.15
CA THR A 58 -12.87 -1.84 10.08
C THR A 58 -12.90 -3.38 10.05
N ILE A 59 -11.79 -4.03 10.27
CA ILE A 59 -11.83 -5.52 10.24
C ILE A 59 -10.66 -6.14 11.04
N ILE A 60 -9.45 -5.73 10.78
CA ILE A 60 -8.31 -6.32 11.53
C ILE A 60 -8.33 -5.86 13.00
N ARG A 61 -7.70 -6.60 13.87
CA ARG A 61 -7.67 -6.22 15.31
C ARG A 61 -6.45 -5.34 15.59
N GLN A 62 -6.28 -4.90 16.81
CA GLN A 62 -5.11 -4.05 17.14
C GLN A 62 -3.88 -4.91 17.42
N ASN A 63 -4.06 -6.12 17.86
CA ASN A 63 -2.90 -6.99 18.16
C ASN A 63 -2.57 -7.88 16.95
N GLN A 64 -3.57 -8.31 16.23
CA GLN A 64 -3.31 -9.18 15.06
C GLN A 64 -2.39 -8.50 14.05
N ALA A 65 -1.35 -9.16 13.63
CA ALA A 65 -0.43 -8.58 12.63
C ALA A 65 -0.62 -9.30 11.30
N LEU A 66 -0.53 -8.60 10.20
CA LEU A 66 -0.73 -9.27 8.88
C LEU A 66 0.45 -8.99 7.96
N ARG A 67 1.12 -10.01 7.52
CA ARG A 67 2.29 -9.81 6.60
C ARG A 67 1.80 -9.81 5.15
N LEU A 68 2.35 -8.98 4.32
CA LEU A 68 1.89 -8.93 2.90
C LEU A 68 3.06 -9.13 1.94
N ARG A 69 2.96 -10.08 1.05
CA ARG A 69 4.05 -10.32 0.06
C ARG A 69 3.63 -9.81 -1.32
N ALA A 70 4.57 -9.54 -2.18
CA ALA A 70 4.19 -9.04 -3.55
C ALA A 70 3.50 -10.13 -4.36
N ARG A 71 2.65 -9.73 -5.27
CA ARG A 71 1.93 -10.72 -6.13
C ARG A 71 2.34 -10.53 -7.58
N LYS A 72 2.67 -9.32 -7.96
CA LYS A 72 3.08 -9.07 -9.37
C LYS A 72 4.08 -7.89 -9.42
N GLU A 73 5.18 -8.08 -10.09
CA GLU A 73 6.19 -6.98 -10.17
C GLU A 73 5.54 -5.71 -10.73
N CYS A 74 5.01 -4.89 -9.89
CA CYS A 74 4.36 -3.63 -10.38
C CYS A 74 3.89 -2.78 -9.20
N TRP A 75 3.55 -3.39 -8.09
CA TRP A 75 3.08 -2.61 -6.91
C TRP A 75 4.27 -1.90 -6.25
N ASP A 76 4.22 -0.59 -6.17
CA ASP A 76 5.34 0.16 -5.53
C ASP A 76 5.20 0.11 -4.01
N ARG A 77 6.12 -0.53 -3.35
CA ARG A 77 6.05 -0.62 -1.86
C ARG A 77 5.96 0.78 -1.24
N ASP A 78 6.90 1.63 -1.56
CA ASP A 78 6.89 3.01 -1.00
C ASP A 78 6.66 4.04 -2.11
N GLY A 79 6.80 3.64 -3.34
CA GLY A 79 6.61 4.60 -4.47
C GLY A 79 7.61 4.27 -5.57
N LYS A 80 8.68 3.61 -5.23
CA LYS A 80 9.71 3.25 -6.24
C LYS A 80 9.32 1.93 -6.92
N GLU A 81 9.81 1.69 -8.10
CA GLU A 81 9.45 0.42 -8.80
C GLU A 81 10.09 -0.78 -8.09
N ARG A 82 9.30 -1.75 -7.74
CA ARG A 82 9.85 -2.94 -7.03
C ARG A 82 9.55 -4.22 -7.81
N VAL A 83 10.06 -5.33 -7.36
CA VAL A 83 9.81 -6.63 -8.06
C VAL A 83 9.09 -7.61 -7.15
N THR A 84 8.65 -8.73 -7.67
CA THR A 84 7.96 -9.72 -6.80
C THR A 84 8.88 -10.07 -5.63
N GLY A 85 8.55 -11.06 -4.85
CA GLY A 85 9.42 -11.41 -3.70
C GLY A 85 9.29 -10.32 -2.63
N GLU A 86 9.56 -9.08 -2.99
CA GLU A 86 9.43 -7.98 -1.99
C GLU A 86 8.14 -8.15 -1.19
N GLU A 87 8.06 -7.62 -0.01
CA GLU A 87 6.81 -7.80 0.78
C GLU A 87 6.65 -6.67 1.80
N TRP A 88 5.43 -6.27 2.04
CA TRP A 88 5.17 -5.19 3.03
C TRP A 88 4.42 -5.79 4.24
N LEU A 89 4.45 -5.12 5.36
CA LEU A 89 3.76 -5.68 6.57
C LEU A 89 2.58 -4.80 7.00
N VAL A 90 1.42 -5.38 7.15
CA VAL A 90 0.23 -4.59 7.59
C VAL A 90 0.10 -4.65 9.12
N THR A 91 0.38 -3.57 9.80
CA THR A 91 0.29 -3.58 11.28
C THR A 91 -0.57 -2.41 11.78
N THR A 92 -1.70 -2.19 11.17
CA THR A 92 -2.57 -1.07 11.63
C THR A 92 -3.81 -1.62 12.35
N VAL A 93 -4.12 -1.09 13.50
CA VAL A 93 -5.30 -1.58 14.27
C VAL A 93 -6.59 -1.24 13.52
N GLY A 94 -7.61 -2.05 13.67
CA GLY A 94 -8.91 -1.77 12.98
C GLY A 94 -8.63 -1.30 11.56
N ALA A 95 -8.39 -2.21 10.66
CA ALA A 95 -8.12 -1.80 9.25
C ALA A 95 -8.37 -2.97 8.30
N TYR A 96 -8.83 -2.69 7.10
CA TYR A 96 -9.10 -3.80 6.14
C TYR A 96 -8.52 -3.50 4.76
N LEU A 97 -7.23 -3.30 4.68
CA LEU A 97 -6.62 -3.03 3.33
C LEU A 97 -5.63 -4.14 2.98
N PRO A 98 -6.08 -5.05 2.16
CA PRO A 98 -5.25 -6.20 1.73
C PRO A 98 -4.23 -5.79 0.66
N ALA A 99 -3.95 -4.53 0.51
CA ALA A 99 -2.96 -4.10 -0.52
C ALA A 99 -3.53 -4.29 -1.92
N VAL A 100 -2.77 -3.98 -2.93
CA VAL A 100 -3.26 -4.15 -4.33
C VAL A 100 -2.66 -5.41 -4.94
N PHE A 101 -1.36 -5.47 -5.07
CA PHE A 101 -0.70 -6.67 -5.65
C PHE A 101 0.01 -7.46 -4.56
N GLU A 102 -0.63 -7.71 -3.45
CA GLU A 102 0.06 -8.45 -2.37
C GLU A 102 -0.87 -9.48 -1.71
N GLU A 103 -0.28 -10.46 -1.08
CA GLU A 103 -1.10 -11.51 -0.39
C GLU A 103 -0.56 -11.74 1.03
N VAL A 104 -1.30 -12.42 1.85
CA VAL A 104 -0.80 -12.66 3.24
C VAL A 104 0.00 -13.96 3.31
N LEU A 105 1.01 -14.00 4.15
CA LEU A 105 1.81 -15.24 4.26
C LEU A 105 1.40 -15.99 5.53
N ASP A 106 0.62 -15.38 6.38
CA ASP A 106 0.17 -16.05 7.64
C ASP A 106 -0.35 -15.00 8.63
N LEU A 107 -1.53 -15.18 9.15
CA LEU A 107 -2.08 -14.21 10.12
C LEU A 107 -1.42 -14.43 11.49
N VAL A 108 -0.78 -13.42 12.02
CA VAL A 108 -0.12 -13.59 13.35
C VAL A 108 -0.83 -12.78 14.42
N ASP A 109 -0.75 -13.19 15.66
CA ASP A 109 -1.42 -12.43 16.75
C ASP A 109 -0.36 -11.76 17.64
N ALA A 110 -0.39 -10.46 17.75
CA ALA A 110 0.62 -9.76 18.60
C ALA A 110 0.68 -10.41 19.98
N VAL A 111 -0.22 -10.05 20.85
CA VAL A 111 -0.22 -10.64 22.21
C VAL A 111 -1.57 -10.40 22.89
N ILE A 112 -2.11 -11.41 23.53
CA ILE A 112 -3.43 -11.24 24.20
C ILE A 112 -3.35 -11.78 25.64
N LEU A 113 -4.37 -12.43 26.10
CA LEU A 113 -4.34 -12.96 27.50
C LEU A 113 -3.75 -11.93 28.46
N GLY A 1 -10.97 19.01 2.63
CA GLY A 1 -12.34 19.00 2.06
C GLY A 1 -12.26 19.13 0.53
N SER A 2 -11.89 20.28 0.05
CA SER A 2 -11.78 20.47 -1.43
C SER A 2 -10.50 19.83 -1.96
N HIS A 3 -9.42 19.99 -1.24
CA HIS A 3 -8.13 19.39 -1.70
C HIS A 3 -7.25 19.06 -0.49
N MET A 4 -6.24 18.26 -0.68
CA MET A 4 -5.34 17.91 0.45
C MET A 4 -6.15 17.28 1.59
N GLN A 5 -5.96 16.01 1.84
CA GLN A 5 -6.72 15.34 2.94
C GLN A 5 -5.89 15.33 4.23
N VAL A 6 -6.54 15.43 5.36
CA VAL A 6 -5.79 15.43 6.65
C VAL A 6 -5.36 14.01 7.02
N VAL A 7 -4.33 13.87 7.80
CA VAL A 7 -3.86 12.51 8.20
C VAL A 7 -5.06 11.64 8.59
N LEU A 8 -5.42 10.70 7.76
CA LEU A 8 -6.57 9.82 8.09
C LEU A 8 -6.41 9.24 9.50
N PRO A 9 -7.48 8.70 10.01
CA PRO A 9 -7.47 8.11 11.37
C PRO A 9 -6.73 6.77 11.36
N ASN A 10 -7.17 5.85 10.55
CA ASN A 10 -6.50 4.53 10.49
C ASN A 10 -6.91 3.78 9.22
N THR A 11 -7.19 4.50 8.16
CA THR A 11 -7.60 3.85 6.89
C THR A 11 -6.52 4.05 5.81
N ALA A 12 -6.66 3.39 4.70
CA ALA A 12 -5.64 3.54 3.61
C ALA A 12 -6.34 3.65 2.25
N LEU A 13 -5.64 4.07 1.24
CA LEU A 13 -6.27 4.21 -0.11
C LEU A 13 -5.39 3.60 -1.21
N HIS A 14 -5.98 3.19 -2.31
CA HIS A 14 -5.18 2.59 -3.42
C HIS A 14 -4.91 3.64 -4.50
N LEU A 15 -3.68 3.74 -4.95
CA LEU A 15 -3.37 4.73 -6.03
C LEU A 15 -2.45 4.10 -7.07
N LYS A 16 -2.45 4.62 -8.27
CA LYS A 16 -1.59 4.04 -9.33
C LYS A 16 -0.41 4.97 -9.64
N ALA A 17 0.80 4.48 -9.53
CA ALA A 17 1.98 5.33 -9.82
C ALA A 17 2.24 5.38 -11.32
N LEU A 18 2.19 6.56 -11.89
CA LEU A 18 2.44 6.69 -13.35
C LEU A 18 3.86 7.18 -13.60
N LEU A 19 4.76 6.31 -13.95
CA LEU A 19 6.16 6.73 -14.20
C LEU A 19 6.90 5.69 -15.03
N ASP A 20 7.82 6.12 -15.86
CA ASP A 20 8.59 5.16 -16.69
C ASP A 20 9.83 4.73 -15.89
N PHE A 21 9.89 3.48 -15.49
CA PHE A 21 11.05 3.03 -14.68
C PHE A 21 11.68 1.75 -15.24
N GLU A 22 12.98 1.64 -15.19
CA GLU A 22 13.65 0.41 -15.69
C GLU A 22 14.05 -0.49 -14.51
N ASP A 23 13.61 -1.72 -14.50
CA ASP A 23 13.96 -2.62 -13.36
C ASP A 23 15.26 -3.36 -13.65
N LYS A 24 15.86 -3.94 -12.64
CA LYS A 24 17.14 -4.69 -12.85
C LYS A 24 16.85 -6.04 -13.50
N ASP A 25 15.73 -6.63 -13.20
CA ASP A 25 15.38 -7.94 -13.80
C ASP A 25 15.19 -7.82 -15.31
N GLY A 26 14.79 -6.66 -15.76
CA GLY A 26 14.59 -6.46 -17.22
C GLY A 26 13.09 -6.32 -17.52
N ASP A 27 12.33 -5.88 -16.56
CA ASP A 27 10.86 -5.72 -16.79
C ASP A 27 10.51 -4.25 -17.01
N LYS A 28 11.08 -3.38 -16.22
CA LYS A 28 10.81 -1.92 -16.37
C LYS A 28 9.31 -1.62 -16.23
N VAL A 29 8.96 -0.62 -15.46
CA VAL A 29 7.52 -0.27 -15.29
C VAL A 29 7.15 0.83 -16.28
N VAL A 30 5.94 0.86 -16.77
CA VAL A 30 5.56 1.92 -17.74
C VAL A 30 4.24 2.58 -17.34
N ALA A 31 4.30 3.57 -16.49
CA ALA A 31 3.04 4.26 -16.07
C ALA A 31 1.92 3.24 -15.82
N GLY A 32 2.04 2.45 -14.80
CA GLY A 32 0.98 1.44 -14.51
C GLY A 32 1.19 0.80 -13.14
N ASP A 33 1.88 1.47 -12.25
CA ASP A 33 2.10 0.87 -10.90
C ASP A 33 0.92 1.20 -9.99
N GLU A 34 0.66 0.40 -9.00
CA GLU A 34 -0.49 0.68 -8.09
C GLU A 34 -0.26 0.01 -6.74
N TRP A 35 -0.58 0.70 -5.67
CA TRP A 35 -0.40 0.10 -4.32
C TRP A 35 -1.30 0.78 -3.30
N LEU A 36 -1.27 0.31 -2.09
CA LEU A 36 -2.15 0.92 -1.04
C LEU A 36 -1.43 2.05 -0.32
N PHE A 37 -2.15 2.84 0.41
CA PHE A 37 -1.53 3.97 1.16
C PHE A 37 -2.11 4.03 2.57
N GLU A 38 -1.32 3.71 3.57
CA GLU A 38 -1.84 3.74 4.97
C GLU A 38 -1.71 5.14 5.55
N GLY A 39 -2.77 5.66 6.15
CA GLY A 39 -2.69 7.02 6.74
C GLY A 39 -2.22 8.02 5.67
N PRO A 40 -2.82 7.90 4.51
CA PRO A 40 -2.46 8.80 3.38
C PRO A 40 -2.86 10.24 3.69
N GLY A 41 -4.13 10.48 3.90
CA GLY A 41 -4.60 11.86 4.23
C GLY A 41 -3.82 12.91 3.41
N THR A 42 -2.69 13.33 3.94
CA THR A 42 -1.86 14.35 3.23
C THR A 42 -1.52 13.91 1.79
N TYR A 43 -1.83 12.70 1.41
CA TYR A 43 -1.51 12.26 0.02
C TYR A 43 -2.36 13.05 -0.99
N ILE A 44 -1.72 13.59 -1.99
CA ILE A 44 -2.46 14.38 -3.02
C ILE A 44 -2.26 13.73 -4.40
N PRO A 45 -3.27 13.83 -5.22
CA PRO A 45 -3.20 13.24 -6.58
C PRO A 45 -2.19 14.00 -7.44
N ARG A 46 -0.94 13.61 -7.40
CA ARG A 46 0.10 14.30 -8.20
C ARG A 46 0.33 13.56 -9.52
N LYS A 47 0.84 14.22 -10.51
CA LYS A 47 1.09 13.54 -11.81
C LYS A 47 1.92 12.27 -11.60
N GLU A 48 2.62 12.20 -10.49
CA GLU A 48 3.44 10.98 -10.22
C GLU A 48 2.55 9.75 -10.13
N VAL A 49 1.37 9.90 -9.57
CA VAL A 49 0.44 8.74 -9.45
C VAL A 49 -1.01 9.25 -9.49
N GLU A 50 -1.96 8.35 -9.51
CA GLU A 50 -3.39 8.80 -9.56
C GLU A 50 -4.21 8.07 -8.49
N VAL A 51 -4.89 8.79 -7.65
CA VAL A 51 -5.72 8.13 -6.61
C VAL A 51 -6.67 7.13 -7.29
N VAL A 52 -6.64 5.89 -6.88
CA VAL A 52 -7.53 4.88 -7.52
C VAL A 52 -8.71 4.54 -6.62
N GLU A 53 -8.45 4.00 -5.46
CA GLU A 53 -9.57 3.63 -4.55
C GLU A 53 -9.28 4.08 -3.12
N ILE A 54 -10.23 3.93 -2.23
CA ILE A 54 -10.02 4.33 -0.82
C ILE A 54 -10.57 3.23 0.10
N ILE A 55 -9.80 2.82 1.07
CA ILE A 55 -10.27 1.72 1.97
C ILE A 55 -10.31 2.18 3.43
N GLN A 56 -11.35 1.83 4.13
CA GLN A 56 -11.47 2.23 5.57
C GLN A 56 -10.96 1.11 6.49
N ALA A 57 -10.80 1.40 7.75
CA ALA A 57 -10.29 0.38 8.70
C ALA A 57 -11.47 -0.29 9.43
N THR A 58 -11.63 -1.58 9.28
CA THR A 58 -12.76 -2.27 9.97
C THR A 58 -12.72 -3.78 9.71
N ILE A 59 -11.86 -4.50 10.39
CA ILE A 59 -11.80 -5.97 10.17
C ILE A 59 -10.75 -6.63 11.08
N ILE A 60 -9.49 -6.25 10.98
CA ILE A 60 -8.47 -6.89 11.87
C ILE A 60 -8.29 -6.05 13.15
N ARG A 61 -7.09 -5.87 13.61
CA ARG A 61 -6.87 -5.07 14.84
C ARG A 61 -5.45 -4.50 14.86
N GLN A 62 -4.98 -4.09 16.01
CA GLN A 62 -3.60 -3.52 16.09
C GLN A 62 -2.56 -4.62 16.21
N ASN A 63 -2.48 -5.26 17.35
CA ASN A 63 -1.47 -6.34 17.54
C ASN A 63 -1.43 -7.29 16.35
N GLN A 64 -2.56 -7.64 15.80
CA GLN A 64 -2.57 -8.57 14.64
C GLN A 64 -1.69 -8.05 13.50
N ALA A 65 -0.92 -8.90 12.89
CA ALA A 65 -0.05 -8.49 11.76
C ALA A 65 -0.39 -9.32 10.52
N LEU A 66 -0.37 -8.73 9.36
CA LEU A 66 -0.72 -9.51 8.12
C LEU A 66 0.40 -9.39 7.08
N ARG A 67 1.08 -10.48 6.80
CA ARG A 67 2.18 -10.41 5.79
C ARG A 67 1.65 -10.74 4.40
N LEU A 68 1.89 -9.88 3.45
CA LEU A 68 1.39 -10.12 2.06
C LEU A 68 2.55 -10.13 1.06
N ARG A 69 2.53 -11.05 0.13
CA ARG A 69 3.62 -11.11 -0.89
C ARG A 69 3.16 -10.44 -2.19
N ALA A 70 4.08 -9.94 -2.97
CA ALA A 70 3.70 -9.25 -4.24
C ALA A 70 3.12 -10.23 -5.26
N ARG A 71 2.10 -9.80 -5.96
CA ARG A 71 1.48 -10.68 -7.00
C ARG A 71 1.93 -10.18 -8.38
N LYS A 72 2.01 -8.89 -8.54
CA LYS A 72 2.45 -8.31 -9.84
C LYS A 72 3.80 -7.61 -9.64
N GLU A 73 4.57 -7.46 -10.68
CA GLU A 73 5.89 -6.78 -10.53
C GLU A 73 5.73 -5.26 -10.68
N CYS A 74 4.57 -4.74 -10.36
CA CYS A 74 4.35 -3.27 -10.49
C CYS A 74 3.84 -2.68 -9.17
N TRP A 75 3.28 -3.49 -8.31
CA TRP A 75 2.76 -2.98 -7.01
C TRP A 75 3.91 -2.66 -6.07
N ASP A 76 4.18 -1.39 -5.86
CA ASP A 76 5.29 -1.01 -4.93
C ASP A 76 4.73 -0.34 -3.68
N ARG A 77 5.03 -0.87 -2.52
CA ARG A 77 4.51 -0.25 -1.26
C ARG A 77 5.47 0.83 -0.76
N ASP A 78 6.71 0.78 -1.20
CA ASP A 78 7.69 1.82 -0.75
C ASP A 78 7.78 2.94 -1.79
N GLY A 79 6.93 2.91 -2.78
CA GLY A 79 6.97 3.97 -3.84
C GLY A 79 8.14 3.71 -4.79
N LYS A 80 8.77 2.58 -4.68
CA LYS A 80 9.91 2.27 -5.58
C LYS A 80 9.61 1.04 -6.45
N GLU A 81 9.90 1.11 -7.72
CA GLU A 81 9.63 -0.05 -8.61
C GLU A 81 10.12 -1.35 -7.95
N ARG A 82 9.26 -2.33 -7.83
CA ARG A 82 9.68 -3.61 -7.20
C ARG A 82 9.11 -4.79 -7.99
N VAL A 83 9.86 -5.86 -8.11
CA VAL A 83 9.36 -7.04 -8.87
C VAL A 83 8.38 -7.84 -8.01
N THR A 84 7.72 -8.80 -8.60
CA THR A 84 6.76 -9.64 -7.83
C THR A 84 7.44 -10.26 -6.61
N GLY A 85 8.74 -10.30 -6.61
CA GLY A 85 9.49 -10.91 -5.47
C GLY A 85 9.42 -9.99 -4.25
N GLU A 86 8.98 -8.78 -4.41
CA GLU A 86 8.91 -7.87 -3.24
C GLU A 86 7.83 -8.36 -2.26
N GLU A 87 7.76 -7.78 -1.09
CA GLU A 87 6.73 -8.22 -0.11
C GLU A 87 6.49 -7.13 0.93
N TRP A 88 5.27 -7.00 1.40
CA TRP A 88 4.97 -5.95 2.41
C TRP A 88 4.16 -6.56 3.58
N LEU A 89 4.55 -6.25 4.79
CA LEU A 89 3.81 -6.80 5.97
C LEU A 89 2.98 -5.69 6.63
N VAL A 90 1.79 -6.00 7.03
CA VAL A 90 0.93 -4.97 7.68
C VAL A 90 1.08 -5.06 9.20
N THR A 91 1.85 -4.17 9.77
CA THR A 91 2.04 -4.17 11.24
C THR A 91 1.56 -2.85 11.84
N THR A 92 1.08 -1.97 11.00
CA THR A 92 0.60 -0.65 11.50
C THR A 92 -0.88 -0.75 11.91
N VAL A 93 -1.16 -0.59 13.17
CA VAL A 93 -2.58 -0.65 13.62
C VAL A 93 -3.49 0.07 12.63
N GLY A 94 -4.49 -0.58 12.12
CA GLY A 94 -5.39 0.09 11.14
C GLY A 94 -6.55 -0.84 10.77
N ALA A 95 -7.01 -1.62 11.72
CA ALA A 95 -8.15 -2.55 11.47
C ALA A 95 -7.97 -3.31 10.14
N TYR A 96 -8.30 -2.71 9.02
CA TYR A 96 -8.14 -3.43 7.73
C TYR A 96 -7.26 -2.60 6.78
N LEU A 97 -6.69 -3.23 5.79
CA LEU A 97 -5.83 -2.47 4.83
C LEU A 97 -5.41 -3.37 3.67
N PRO A 98 -6.37 -3.70 2.83
CA PRO A 98 -6.09 -4.55 1.66
C PRO A 98 -5.36 -3.74 0.58
N ALA A 99 -4.47 -4.35 -0.15
CA ALA A 99 -3.72 -3.58 -1.20
C ALA A 99 -4.24 -3.92 -2.60
N VAL A 100 -3.37 -4.01 -3.56
CA VAL A 100 -3.82 -4.32 -4.96
C VAL A 100 -3.17 -5.61 -5.51
N PHE A 101 -1.86 -5.69 -5.57
CA PHE A 101 -1.24 -6.94 -6.11
C PHE A 101 -0.50 -7.72 -5.03
N GLU A 102 -1.16 -8.06 -3.95
CA GLU A 102 -0.44 -8.83 -2.89
C GLU A 102 -1.35 -9.89 -2.29
N GLU A 103 -0.80 -11.03 -1.95
CA GLU A 103 -1.63 -12.12 -1.34
C GLU A 103 -1.13 -12.44 0.06
N VAL A 104 -2.01 -12.45 1.03
CA VAL A 104 -1.57 -12.77 2.41
C VAL A 104 -1.07 -14.21 2.51
N LEU A 105 -0.13 -14.46 3.38
CA LEU A 105 0.40 -15.84 3.53
C LEU A 105 -0.14 -16.47 4.81
N ASP A 106 -0.12 -15.75 5.90
CA ASP A 106 -0.63 -16.31 7.18
C ASP A 106 -0.81 -15.17 8.19
N LEU A 107 -1.93 -15.14 8.86
CA LEU A 107 -2.17 -14.06 9.86
C LEU A 107 -1.38 -14.31 11.16
N VAL A 108 -0.87 -13.27 11.75
CA VAL A 108 -0.09 -13.44 13.01
C VAL A 108 -0.64 -12.51 14.08
N ASP A 109 -0.54 -12.88 15.33
CA ASP A 109 -1.07 -12.00 16.40
C ASP A 109 0.08 -11.42 17.25
N ALA A 110 0.23 -10.12 17.29
CA ALA A 110 1.32 -9.53 18.10
C ALA A 110 0.91 -9.45 19.57
N VAL A 111 1.71 -8.84 20.41
CA VAL A 111 1.35 -8.74 21.85
C VAL A 111 0.25 -7.71 22.06
N ILE A 112 0.60 -6.47 22.28
CA ILE A 112 -0.44 -5.42 22.49
C ILE A 112 -0.31 -4.33 21.42
N LEU A 113 0.86 -4.18 20.86
CA LEU A 113 1.06 -3.13 19.81
C LEU A 113 1.46 -3.79 18.49
N GLY A 1 -11.45 18.64 1.11
CA GLY A 1 -12.44 19.58 0.51
C GLY A 1 -11.74 20.48 -0.52
N SER A 2 -10.89 21.35 -0.07
CA SER A 2 -10.18 22.25 -1.03
C SER A 2 -9.29 21.42 -1.96
N HIS A 3 -8.49 20.54 -1.41
CA HIS A 3 -7.61 19.70 -2.27
C HIS A 3 -6.68 18.84 -1.41
N MET A 4 -6.27 19.33 -0.27
CA MET A 4 -5.36 18.54 0.60
C MET A 4 -6.16 17.85 1.71
N GLN A 5 -5.86 16.62 2.00
CA GLN A 5 -6.60 15.90 3.08
C GLN A 5 -5.81 15.95 4.38
N VAL A 6 -6.26 15.26 5.39
CA VAL A 6 -5.53 15.26 6.69
C VAL A 6 -5.18 13.83 7.09
N VAL A 7 -4.21 13.66 7.96
CA VAL A 7 -3.83 12.29 8.39
C VAL A 7 -5.02 11.53 8.96
N LEU A 8 -5.84 10.98 8.12
CA LEU A 8 -7.03 10.20 8.59
C LEU A 8 -6.62 9.26 9.72
N PRO A 9 -7.61 8.66 10.35
CA PRO A 9 -7.33 7.74 11.49
C PRO A 9 -6.77 6.40 11.03
N ASN A 10 -7.59 5.38 10.94
CA ASN A 10 -7.07 4.05 10.52
C ASN A 10 -7.62 3.65 9.16
N THR A 11 -7.01 4.11 8.10
CA THR A 11 -7.50 3.75 6.74
C THR A 11 -6.36 3.87 5.72
N ALA A 12 -6.57 3.39 4.51
CA ALA A 12 -5.51 3.50 3.47
C ALA A 12 -6.17 3.69 2.11
N LEU A 13 -5.43 4.06 1.11
CA LEU A 13 -6.08 4.24 -0.23
C LEU A 13 -5.25 3.59 -1.34
N HIS A 14 -5.88 3.20 -2.41
CA HIS A 14 -5.13 2.58 -3.54
C HIS A 14 -4.86 3.64 -4.61
N LEU A 15 -3.67 3.68 -5.12
CA LEU A 15 -3.35 4.69 -6.18
C LEU A 15 -2.50 4.07 -7.27
N LYS A 16 -2.38 4.73 -8.39
CA LYS A 16 -1.58 4.15 -9.51
C LYS A 16 -0.34 5.02 -9.80
N ALA A 17 0.81 4.44 -9.70
CA ALA A 17 2.06 5.22 -9.98
C ALA A 17 2.30 5.27 -11.49
N LEU A 18 2.19 6.43 -12.08
CA LEU A 18 2.40 6.55 -13.54
C LEU A 18 3.80 7.10 -13.82
N LEU A 19 4.73 6.25 -14.19
CA LEU A 19 6.11 6.73 -14.47
C LEU A 19 6.87 5.68 -15.29
N ASP A 20 7.63 6.11 -16.24
CA ASP A 20 8.41 5.14 -17.06
C ASP A 20 9.66 4.70 -16.30
N PHE A 21 9.62 3.53 -15.72
CA PHE A 21 10.80 3.05 -14.94
C PHE A 21 11.31 1.73 -15.51
N GLU A 22 12.41 1.76 -16.21
CA GLU A 22 12.97 0.50 -16.80
C GLU A 22 14.37 0.26 -16.25
N ASP A 23 14.55 -0.80 -15.51
CA ASP A 23 15.90 -1.10 -14.94
C ASP A 23 16.86 -1.58 -16.04
N LYS A 24 18.10 -1.76 -15.71
CA LYS A 24 19.09 -2.23 -16.73
C LYS A 24 18.73 -3.63 -17.21
N ASP A 25 17.85 -4.30 -16.52
CA ASP A 25 17.46 -5.68 -16.94
C ASP A 25 16.76 -5.62 -18.31
N GLY A 26 16.15 -4.52 -18.63
CA GLY A 26 15.45 -4.40 -19.93
C GLY A 26 14.16 -3.60 -19.75
N ASP A 27 13.22 -4.13 -19.02
CA ASP A 27 11.94 -3.39 -18.81
C ASP A 27 11.37 -3.72 -17.43
N LYS A 28 10.93 -2.73 -16.70
CA LYS A 28 10.36 -3.00 -15.34
C LYS A 28 8.95 -2.40 -15.24
N VAL A 29 8.83 -1.16 -14.80
CA VAL A 29 7.47 -0.56 -14.70
C VAL A 29 7.28 0.47 -15.82
N VAL A 30 6.10 0.57 -16.36
CA VAL A 30 5.88 1.55 -17.47
C VAL A 30 4.52 2.25 -17.30
N ALA A 31 4.50 3.33 -16.57
CA ALA A 31 3.22 4.07 -16.37
C ALA A 31 2.07 3.10 -16.13
N GLY A 32 2.10 2.37 -15.04
CA GLY A 32 1.00 1.41 -14.76
C GLY A 32 1.19 0.77 -13.38
N ASP A 33 1.86 1.44 -12.47
CA ASP A 33 2.05 0.84 -11.11
C ASP A 33 0.85 1.18 -10.23
N GLU A 34 0.58 0.38 -9.23
CA GLU A 34 -0.58 0.66 -8.34
C GLU A 34 -0.34 0.05 -6.96
N TRP A 35 -0.53 0.80 -5.91
CA TRP A 35 -0.31 0.24 -4.55
C TRP A 35 -1.19 0.93 -3.51
N LEU A 36 -1.32 0.35 -2.35
CA LEU A 36 -2.18 0.96 -1.29
C LEU A 36 -1.34 1.88 -0.41
N PHE A 37 -1.98 2.75 0.32
CA PHE A 37 -1.24 3.68 1.21
C PHE A 37 -1.93 3.79 2.56
N GLU A 38 -1.30 3.28 3.59
CA GLU A 38 -1.91 3.35 4.94
C GLU A 38 -1.58 4.70 5.59
N GLY A 39 -2.52 5.28 6.29
CA GLY A 39 -2.27 6.59 6.94
C GLY A 39 -1.90 7.64 5.88
N PRO A 40 -2.57 7.61 4.76
CA PRO A 40 -2.29 8.60 3.68
C PRO A 40 -2.86 9.95 4.06
N GLY A 41 -4.12 9.97 4.43
CA GLY A 41 -4.76 11.25 4.83
C GLY A 41 -4.34 12.39 3.90
N THR A 42 -3.33 13.11 4.27
CA THR A 42 -2.88 14.25 3.43
C THR A 42 -2.04 13.79 2.22
N TYR A 43 -2.16 12.55 1.84
CA TYR A 43 -1.37 12.09 0.64
C TYR A 43 -1.92 12.78 -0.61
N ILE A 44 -1.16 13.66 -1.19
CA ILE A 44 -1.64 14.38 -2.40
C ILE A 44 -1.25 13.61 -3.67
N PRO A 45 -2.15 13.62 -4.62
CA PRO A 45 -1.91 12.92 -5.90
C PRO A 45 -0.91 13.72 -6.77
N ARG A 46 0.28 13.25 -6.88
CA ARG A 46 1.29 13.97 -7.71
C ARG A 46 1.14 13.56 -9.18
N LYS A 47 1.41 14.44 -10.09
CA LYS A 47 1.30 14.09 -11.54
C LYS A 47 1.90 12.71 -11.79
N GLU A 48 2.83 12.29 -10.97
CA GLU A 48 3.46 10.96 -11.15
C GLU A 48 2.41 9.85 -11.02
N VAL A 49 1.58 9.91 -10.01
CA VAL A 49 0.55 8.84 -9.83
C VAL A 49 -0.85 9.46 -9.76
N GLU A 50 -1.87 8.65 -9.75
CA GLU A 50 -3.26 9.18 -9.68
C GLU A 50 -4.08 8.40 -8.66
N VAL A 51 -4.86 9.07 -7.86
CA VAL A 51 -5.69 8.35 -6.85
C VAL A 51 -6.58 7.34 -7.57
N VAL A 52 -6.72 6.15 -7.03
CA VAL A 52 -7.56 5.13 -7.70
C VAL A 52 -8.70 4.67 -6.79
N GLU A 53 -8.40 4.28 -5.57
CA GLU A 53 -9.48 3.82 -4.64
C GLU A 53 -9.15 4.23 -3.21
N ILE A 54 -10.10 4.13 -2.32
CA ILE A 54 -9.84 4.49 -0.90
C ILE A 54 -10.43 3.41 0.02
N ILE A 55 -9.67 2.93 0.96
CA ILE A 55 -10.20 1.86 1.86
C ILE A 55 -10.26 2.34 3.31
N GLN A 56 -11.25 1.88 4.04
CA GLN A 56 -11.38 2.29 5.47
C GLN A 56 -10.97 1.11 6.38
N ALA A 57 -11.04 1.31 7.67
CA ALA A 57 -10.64 0.21 8.59
C ALA A 57 -11.86 -0.59 9.08
N THR A 58 -11.77 -1.89 9.10
CA THR A 58 -12.92 -2.72 9.57
C THR A 58 -12.62 -4.22 9.42
N ILE A 59 -11.57 -4.72 10.03
CA ILE A 59 -11.28 -6.19 9.89
C ILE A 59 -10.11 -6.63 10.77
N ILE A 60 -9.00 -5.95 10.75
CA ILE A 60 -7.84 -6.39 11.59
C ILE A 60 -8.08 -6.03 13.05
N ARG A 61 -7.24 -6.49 13.94
CA ARG A 61 -7.44 -6.16 15.39
C ARG A 61 -6.25 -5.34 15.91
N GLN A 62 -6.22 -5.09 17.19
CA GLN A 62 -5.10 -4.29 17.76
C GLN A 62 -3.85 -5.15 17.95
N ASN A 63 -4.01 -6.42 18.20
CA ASN A 63 -2.82 -7.30 18.40
C ASN A 63 -2.60 -8.19 17.17
N GLN A 64 -3.62 -8.41 16.39
CA GLN A 64 -3.45 -9.27 15.19
C GLN A 64 -2.36 -8.72 14.27
N ALA A 65 -1.50 -9.58 13.79
CA ALA A 65 -0.42 -9.11 12.87
C ALA A 65 -0.65 -9.70 11.48
N LEU A 66 -0.52 -8.91 10.45
CA LEU A 66 -0.75 -9.44 9.08
C LEU A 66 0.46 -9.20 8.18
N ARG A 67 1.08 -10.26 7.70
CA ARG A 67 2.25 -10.10 6.80
C ARG A 67 1.77 -10.21 5.35
N LEU A 68 2.08 -9.24 4.53
CA LEU A 68 1.62 -9.29 3.11
C LEU A 68 2.81 -9.31 2.16
N ARG A 69 2.81 -10.18 1.19
CA ARG A 69 3.94 -10.24 0.23
C ARG A 69 3.46 -9.86 -1.18
N ALA A 70 4.32 -9.31 -1.98
CA ALA A 70 3.93 -8.90 -3.36
C ALA A 70 3.69 -10.14 -4.23
N ARG A 71 2.52 -10.26 -4.80
CA ARG A 71 2.25 -11.43 -5.68
C ARG A 71 2.82 -11.14 -7.07
N LYS A 72 2.70 -9.92 -7.53
CA LYS A 72 3.25 -9.55 -8.86
C LYS A 72 3.96 -8.19 -8.76
N GLU A 73 5.05 -8.02 -9.46
CA GLU A 73 5.80 -6.73 -9.38
C GLU A 73 4.87 -5.55 -9.70
N CYS A 74 5.43 -4.41 -10.04
CA CYS A 74 4.61 -3.20 -10.37
C CYS A 74 4.11 -2.53 -9.08
N TRP A 75 3.70 -3.29 -8.10
CA TRP A 75 3.21 -2.66 -6.85
C TRP A 75 4.39 -2.12 -6.03
N ASP A 76 4.57 -0.83 -6.04
CA ASP A 76 5.70 -0.23 -5.28
C ASP A 76 5.31 -0.04 -3.81
N ARG A 77 5.93 -0.75 -2.92
CA ARG A 77 5.57 -0.61 -1.48
C ARG A 77 6.40 0.52 -0.84
N ASP A 78 7.36 1.04 -1.54
CA ASP A 78 8.19 2.14 -0.97
C ASP A 78 8.14 3.37 -1.88
N GLY A 79 7.36 3.31 -2.92
CA GLY A 79 7.26 4.49 -3.84
C GLY A 79 8.22 4.30 -5.01
N LYS A 80 8.98 3.24 -5.01
CA LYS A 80 9.94 3.01 -6.13
C LYS A 80 9.63 1.68 -6.82
N GLU A 81 9.79 1.62 -8.11
CA GLU A 81 9.50 0.35 -8.84
C GLU A 81 10.12 -0.84 -8.10
N ARG A 82 9.30 -1.68 -7.52
CA ARG A 82 9.84 -2.86 -6.80
C ARG A 82 9.39 -4.15 -7.50
N VAL A 83 9.79 -5.28 -6.99
CA VAL A 83 9.38 -6.57 -7.64
C VAL A 83 8.52 -7.40 -6.69
N THR A 84 7.98 -8.49 -7.17
CA THR A 84 7.12 -9.34 -6.30
C THR A 84 7.92 -9.79 -5.07
N GLY A 85 9.22 -9.67 -5.13
CA GLY A 85 10.06 -10.09 -3.97
C GLY A 85 9.86 -9.09 -2.82
N GLU A 86 9.28 -7.97 -3.10
CA GLU A 86 9.07 -6.95 -2.04
C GLU A 86 7.90 -7.38 -1.15
N GLU A 87 7.94 -7.05 0.12
CA GLU A 87 6.85 -7.44 1.04
C GLU A 87 6.82 -6.51 2.26
N TRP A 88 5.73 -6.49 2.97
CA TRP A 88 5.64 -5.60 4.17
C TRP A 88 4.65 -6.18 5.19
N LEU A 89 4.95 -6.06 6.45
CA LEU A 89 4.05 -6.60 7.51
C LEU A 89 3.22 -5.46 8.11
N VAL A 90 1.91 -5.54 8.00
CA VAL A 90 1.05 -4.46 8.56
C VAL A 90 0.51 -4.85 9.94
N THR A 91 0.26 -3.89 10.78
CA THR A 91 -0.28 -4.18 12.13
C THR A 91 -1.17 -3.03 12.61
N THR A 92 -2.12 -2.63 11.80
CA THR A 92 -3.03 -1.52 12.20
C THR A 92 -4.16 -2.03 13.09
N VAL A 93 -4.52 -1.30 14.10
CA VAL A 93 -5.62 -1.75 15.00
C VAL A 93 -6.97 -1.55 14.31
N GLY A 94 -7.79 -2.56 14.28
CA GLY A 94 -9.12 -2.41 13.63
C GLY A 94 -8.94 -1.76 12.25
N ALA A 95 -8.65 -2.54 11.25
CA ALA A 95 -8.47 -1.94 9.89
C ALA A 95 -8.18 -3.02 8.85
N TYR A 96 -8.54 -2.79 7.62
CA TYR A 96 -8.29 -3.81 6.56
C TYR A 96 -7.34 -3.26 5.50
N LEU A 97 -6.15 -3.79 5.41
CA LEU A 97 -5.17 -3.28 4.40
C LEU A 97 -4.69 -4.44 3.52
N PRO A 98 -5.52 -4.84 2.61
CA PRO A 98 -5.18 -5.95 1.69
C PRO A 98 -4.22 -5.47 0.58
N ALA A 99 -3.74 -4.26 0.67
CA ALA A 99 -2.81 -3.76 -0.39
C ALA A 99 -3.43 -3.96 -1.77
N VAL A 100 -2.63 -3.93 -2.80
CA VAL A 100 -3.19 -4.11 -4.17
C VAL A 100 -2.65 -5.40 -4.82
N PHE A 101 -1.36 -5.51 -5.03
CA PHE A 101 -0.83 -6.75 -5.66
C PHE A 101 -0.39 -7.77 -4.61
N GLU A 102 0.03 -7.33 -3.46
CA GLU A 102 0.48 -8.29 -2.42
C GLU A 102 -0.71 -8.89 -1.68
N GLU A 103 -0.50 -10.01 -1.03
CA GLU A 103 -1.61 -10.66 -0.27
C GLU A 103 -1.13 -11.12 1.10
N VAL A 104 -2.03 -11.42 2.00
CA VAL A 104 -1.61 -11.86 3.35
C VAL A 104 -1.13 -13.31 3.31
N LEU A 105 -0.09 -13.63 4.03
CA LEU A 105 0.42 -15.03 4.04
C LEU A 105 -0.20 -15.77 5.23
N ASP A 106 -0.85 -15.05 6.11
CA ASP A 106 -1.49 -15.69 7.29
C ASP A 106 -1.88 -14.64 8.32
N LEU A 107 -2.35 -15.05 9.47
CA LEU A 107 -2.75 -14.06 10.52
C LEU A 107 -2.19 -14.49 11.87
N VAL A 108 -1.49 -13.61 12.54
CA VAL A 108 -0.91 -14.00 13.86
C VAL A 108 -1.36 -13.03 14.96
N ASP A 109 -2.14 -13.51 15.90
CA ASP A 109 -2.59 -12.61 17.01
C ASP A 109 -1.42 -12.27 17.92
N ALA A 110 -1.28 -11.03 18.30
CA ALA A 110 -0.15 -10.63 19.17
C ALA A 110 -0.54 -10.77 20.65
N VAL A 111 -1.02 -11.92 21.04
CA VAL A 111 -1.42 -12.13 22.46
C VAL A 111 -1.30 -13.60 22.84
N ILE A 112 -0.49 -13.91 23.83
CA ILE A 112 -0.34 -15.33 24.23
C ILE A 112 -0.78 -15.50 25.69
N LEU A 113 -1.43 -16.59 25.99
CA LEU A 113 -1.89 -16.83 27.39
C LEU A 113 -2.01 -18.33 27.67
N GLY A 1 -9.94 14.87 -2.19
CA GLY A 1 -11.14 15.74 -2.26
C GLY A 1 -10.75 17.19 -1.97
N SER A 2 -10.53 17.52 -0.72
CA SER A 2 -10.15 18.92 -0.37
C SER A 2 -8.63 19.08 -0.46
N HIS A 3 -8.17 20.19 -0.98
CA HIS A 3 -6.70 20.41 -1.09
C HIS A 3 -5.99 19.99 0.21
N MET A 4 -4.94 19.23 0.11
CA MET A 4 -4.22 18.79 1.32
C MET A 4 -5.15 18.03 2.26
N GLN A 5 -4.84 16.79 2.55
CA GLN A 5 -5.72 15.99 3.45
C GLN A 5 -4.96 15.59 4.72
N VAL A 6 -5.65 15.09 5.72
CA VAL A 6 -4.95 14.68 6.98
C VAL A 6 -5.15 13.17 7.21
N VAL A 7 -4.12 12.50 7.66
CA VAL A 7 -4.24 11.02 7.89
C VAL A 7 -5.60 10.66 8.47
N LEU A 8 -6.33 9.83 7.77
CA LEU A 8 -7.68 9.40 8.24
C LEU A 8 -7.53 8.52 9.48
N PRO A 9 -8.64 8.22 10.11
CA PRO A 9 -8.61 7.36 11.32
C PRO A 9 -8.11 5.96 10.95
N ASN A 10 -6.83 5.84 10.70
CA ASN A 10 -6.23 4.52 10.34
C ASN A 10 -6.78 3.99 9.01
N THR A 11 -7.10 4.86 8.08
CA THR A 11 -7.61 4.37 6.76
C THR A 11 -6.53 4.53 5.70
N ALA A 12 -6.71 3.96 4.54
CA ALA A 12 -5.67 4.09 3.48
C ALA A 12 -6.32 4.08 2.09
N LEU A 13 -5.63 4.59 1.10
CA LEU A 13 -6.22 4.62 -0.28
C LEU A 13 -5.25 4.00 -1.29
N HIS A 14 -5.77 3.54 -2.39
CA HIS A 14 -4.89 2.92 -3.43
C HIS A 14 -4.47 3.96 -4.48
N LEU A 15 -3.18 4.08 -4.73
CA LEU A 15 -2.69 5.07 -5.74
C LEU A 15 -2.06 4.34 -6.92
N LYS A 16 -2.21 4.85 -8.11
CA LYS A 16 -1.57 4.17 -9.28
C LYS A 16 -0.40 5.02 -9.77
N ALA A 17 0.79 4.49 -9.68
CA ALA A 17 1.98 5.26 -10.14
C ALA A 17 2.08 5.21 -11.66
N LEU A 18 2.05 6.36 -12.28
CA LEU A 18 2.14 6.42 -13.77
C LEU A 18 3.52 6.93 -14.17
N LEU A 19 4.41 6.05 -14.57
CA LEU A 19 5.77 6.49 -14.97
C LEU A 19 6.49 5.39 -15.76
N ASP A 20 7.27 5.76 -16.73
CA ASP A 20 8.02 4.75 -17.52
C ASP A 20 9.32 4.39 -16.79
N PHE A 21 9.35 3.26 -16.15
CA PHE A 21 10.59 2.88 -15.40
C PHE A 21 11.22 1.62 -16.02
N GLU A 22 12.37 1.76 -16.63
CA GLU A 22 13.05 0.58 -17.25
C GLU A 22 14.01 -0.07 -16.25
N ASP A 23 13.87 -1.35 -16.02
CA ASP A 23 14.77 -2.04 -15.06
C ASP A 23 15.75 -2.95 -15.81
N LYS A 24 16.94 -3.08 -15.31
CA LYS A 24 17.94 -3.96 -16.00
C LYS A 24 17.68 -5.43 -15.66
N ASP A 25 16.65 -5.71 -14.92
CA ASP A 25 16.35 -7.13 -14.54
C ASP A 25 15.27 -7.70 -15.47
N GLY A 26 14.81 -6.93 -16.42
CA GLY A 26 13.76 -7.43 -17.35
C GLY A 26 12.38 -7.09 -16.79
N ASP A 27 12.31 -6.78 -15.52
CA ASP A 27 10.99 -6.42 -14.91
C ASP A 27 10.87 -4.90 -14.79
N LYS A 28 10.35 -4.26 -15.79
CA LYS A 28 10.22 -2.77 -15.72
C LYS A 28 8.76 -2.37 -15.53
N VAL A 29 8.51 -1.15 -15.15
CA VAL A 29 7.11 -0.70 -14.96
C VAL A 29 6.74 0.32 -16.05
N VAL A 30 5.54 0.27 -16.55
CA VAL A 30 5.15 1.22 -17.64
C VAL A 30 3.82 1.89 -17.32
N ALA A 31 3.84 3.01 -16.64
CA ALA A 31 2.57 3.72 -16.32
C ALA A 31 1.48 2.71 -15.92
N GLY A 32 1.71 1.92 -14.91
CA GLY A 32 0.68 0.93 -14.49
C GLY A 32 0.98 0.41 -13.09
N ASP A 33 1.64 1.19 -12.28
CA ASP A 33 1.95 0.72 -10.90
C ASP A 33 0.85 1.14 -9.93
N GLU A 34 0.59 0.35 -8.91
CA GLU A 34 -0.49 0.73 -7.94
C GLU A 34 -0.13 0.24 -6.54
N TRP A 35 -0.25 1.10 -5.55
CA TRP A 35 0.07 0.67 -4.15
C TRP A 35 -0.94 1.28 -3.17
N LEU A 36 -0.88 0.90 -1.93
CA LEU A 36 -1.83 1.45 -0.93
C LEU A 36 -1.13 2.45 0.00
N PHE A 37 -1.88 3.34 0.60
CA PHE A 37 -1.23 4.33 1.51
C PHE A 37 -2.14 4.63 2.72
N GLU A 38 -1.68 4.28 3.89
CA GLU A 38 -2.48 4.55 5.13
C GLU A 38 -2.22 5.98 5.60
N GLY A 39 -3.22 6.67 6.09
CA GLY A 39 -2.98 8.08 6.54
C GLY A 39 -2.56 8.91 5.32
N PRO A 40 -3.30 8.76 4.26
CA PRO A 40 -3.00 9.47 2.98
C PRO A 40 -3.24 10.98 3.10
N GLY A 41 -3.52 11.49 4.27
CA GLY A 41 -3.76 12.95 4.39
C GLY A 41 -2.61 13.71 3.72
N THR A 42 -1.41 13.46 4.13
CA THR A 42 -0.26 14.19 3.53
C THR A 42 0.01 13.69 2.10
N TYR A 43 -0.70 12.68 1.66
CA TYR A 43 -0.47 12.17 0.27
C TYR A 43 -1.24 13.04 -0.73
N ILE A 44 -0.54 13.79 -1.53
CA ILE A 44 -1.23 14.65 -2.53
C ILE A 44 -1.15 14.00 -3.92
N PRO A 45 -2.20 14.17 -4.68
CA PRO A 45 -2.27 13.58 -6.04
C PRO A 45 -1.26 14.24 -6.99
N ARG A 46 -0.12 13.64 -7.16
CA ARG A 46 0.90 14.22 -8.08
C ARG A 46 0.77 13.57 -9.46
N LYS A 47 1.05 14.29 -10.50
CA LYS A 47 0.93 13.70 -11.87
C LYS A 47 1.69 12.36 -11.94
N GLU A 48 2.73 12.21 -11.19
CA GLU A 48 3.51 10.94 -11.21
C GLU A 48 2.59 9.74 -10.99
N VAL A 49 1.47 9.95 -10.33
CA VAL A 49 0.53 8.82 -10.08
C VAL A 49 -0.90 9.36 -10.02
N GLU A 50 -1.89 8.50 -9.94
CA GLU A 50 -3.30 8.98 -9.89
C GLU A 50 -4.07 8.28 -8.77
N VAL A 51 -4.82 9.01 -7.99
CA VAL A 51 -5.60 8.37 -6.89
C VAL A 51 -6.47 7.26 -7.48
N VAL A 52 -6.44 6.09 -6.90
CA VAL A 52 -7.27 4.99 -7.46
C VAL A 52 -8.50 4.75 -6.59
N GLU A 53 -8.29 4.38 -5.35
CA GLU A 53 -9.46 4.14 -4.46
C GLU A 53 -9.12 4.52 -3.02
N ILE A 54 -10.10 4.47 -2.16
CA ILE A 54 -9.85 4.82 -0.72
C ILE A 54 -10.52 3.74 0.14
N ILE A 55 -9.94 3.41 1.26
CA ILE A 55 -10.55 2.35 2.11
C ILE A 55 -10.53 2.76 3.59
N GLN A 56 -11.60 2.48 4.29
CA GLN A 56 -11.66 2.84 5.74
C GLN A 56 -11.11 1.69 6.59
N ALA A 57 -10.71 1.98 7.79
CA ALA A 57 -10.15 0.90 8.67
C ALA A 57 -11.25 0.32 9.57
N THR A 58 -11.28 -0.97 9.74
CA THR A 58 -12.34 -1.57 10.61
C THR A 58 -12.24 -3.10 10.66
N ILE A 59 -11.13 -3.65 11.08
CA ILE A 59 -11.04 -5.14 11.16
C ILE A 59 -9.82 -5.58 11.99
N ILE A 60 -8.65 -5.10 11.69
CA ILE A 60 -7.45 -5.52 12.48
C ILE A 60 -7.63 -5.06 13.94
N ARG A 61 -6.90 -5.64 14.85
CA ARG A 61 -7.04 -5.23 16.28
C ARG A 61 -5.97 -4.19 16.66
N GLN A 62 -5.83 -3.93 17.93
CA GLN A 62 -4.82 -2.92 18.38
C GLN A 62 -3.46 -3.57 18.63
N ASN A 63 -3.43 -4.86 18.77
CA ASN A 63 -2.13 -5.54 19.02
C ASN A 63 -1.79 -6.47 17.85
N GLN A 64 -2.78 -7.11 17.29
CA GLN A 64 -2.52 -8.04 16.15
C GLN A 64 -1.77 -7.33 15.02
N ALA A 65 -0.72 -7.95 14.52
CA ALA A 65 0.05 -7.35 13.40
C ALA A 65 -0.18 -8.16 12.13
N LEU A 66 -0.13 -7.54 10.98
CA LEU A 66 -0.35 -8.30 9.71
C LEU A 66 0.87 -8.24 8.81
N ARG A 67 1.39 -9.38 8.43
CA ARG A 67 2.58 -9.39 7.54
C ARG A 67 2.12 -9.45 6.08
N LEU A 68 2.48 -8.47 5.29
CA LEU A 68 2.04 -8.47 3.87
C LEU A 68 3.21 -8.67 2.92
N ARG A 69 3.03 -9.49 1.91
CA ARG A 69 4.12 -9.74 0.92
C ARG A 69 3.58 -9.51 -0.49
N ALA A 70 4.42 -9.10 -1.40
CA ALA A 70 3.95 -8.87 -2.79
C ALA A 70 3.42 -10.17 -3.42
N ARG A 71 2.31 -10.11 -4.11
CA ARG A 71 1.76 -11.34 -4.75
C ARG A 71 1.95 -11.27 -6.27
N LYS A 72 2.02 -10.09 -6.81
CA LYS A 72 2.20 -9.96 -8.28
C LYS A 72 3.10 -8.76 -8.61
N GLU A 73 4.08 -8.49 -7.77
CA GLU A 73 4.99 -7.34 -8.01
C GLU A 73 4.21 -6.14 -8.57
N CYS A 74 4.90 -5.20 -9.16
CA CYS A 74 4.22 -3.99 -9.74
C CYS A 74 3.84 -2.99 -8.64
N TRP A 75 3.47 -3.46 -7.48
CA TRP A 75 3.09 -2.53 -6.38
C TRP A 75 4.35 -1.88 -5.80
N ASP A 76 4.49 -0.59 -5.99
CA ASP A 76 5.70 0.12 -5.46
C ASP A 76 5.57 0.37 -3.96
N ARG A 77 6.35 -0.32 -3.16
CA ARG A 77 6.28 -0.12 -1.68
C ARG A 77 7.24 1.01 -1.28
N ASP A 78 8.41 1.02 -1.85
CA ASP A 78 9.39 2.09 -1.49
C ASP A 78 9.46 3.14 -2.60
N GLY A 79 8.81 2.88 -3.71
CA GLY A 79 8.84 3.87 -4.83
C GLY A 79 9.79 3.40 -5.92
N LYS A 80 10.50 2.31 -5.68
CA LYS A 80 11.44 1.80 -6.71
C LYS A 80 10.84 0.59 -7.43
N GLU A 81 9.64 0.22 -7.09
CA GLU A 81 9.00 -0.95 -7.74
C GLU A 81 9.88 -2.19 -7.56
N ARG A 82 9.41 -3.13 -6.78
CA ARG A 82 10.22 -4.37 -6.53
C ARG A 82 9.51 -5.58 -7.13
N VAL A 83 10.10 -6.74 -6.99
CA VAL A 83 9.48 -7.98 -7.54
C VAL A 83 8.51 -8.60 -6.54
N THR A 84 7.74 -9.57 -6.96
CA THR A 84 6.78 -10.22 -6.02
C THR A 84 7.48 -10.60 -4.72
N GLY A 85 8.78 -10.76 -4.76
CA GLY A 85 9.53 -11.13 -3.52
C GLY A 85 9.42 -10.00 -2.49
N GLU A 86 9.38 -8.77 -2.93
CA GLU A 86 9.27 -7.64 -1.96
C GLU A 86 8.12 -7.90 -0.98
N GLU A 87 8.10 -7.22 0.13
CA GLU A 87 7.01 -7.45 1.12
C GLU A 87 6.87 -6.23 2.05
N TRP A 88 5.68 -6.00 2.56
CA TRP A 88 5.47 -4.85 3.48
C TRP A 88 4.67 -5.33 4.69
N LEU A 89 4.90 -4.74 5.83
CA LEU A 89 4.14 -5.16 7.05
C LEU A 89 3.14 -4.08 7.46
N VAL A 90 2.18 -4.43 8.26
CA VAL A 90 1.17 -3.40 8.69
C VAL A 90 0.88 -3.55 10.19
N THR A 91 1.18 -2.53 10.95
CA THR A 91 0.91 -2.58 12.42
C THR A 91 -0.11 -1.50 12.81
N THR A 92 -1.08 -1.28 11.98
CA THR A 92 -2.11 -0.23 12.29
C THR A 92 -3.25 -0.83 13.10
N VAL A 93 -3.66 -0.15 14.15
CA VAL A 93 -4.78 -0.67 14.99
C VAL A 93 -6.10 -0.43 14.27
N GLY A 94 -7.06 -1.30 14.46
CA GLY A 94 -8.38 -1.11 13.79
C GLY A 94 -8.14 -0.71 12.33
N ALA A 95 -7.90 -1.67 11.48
CA ALA A 95 -7.66 -1.34 10.04
C ALA A 95 -7.77 -2.59 9.19
N TYR A 96 -8.25 -2.45 7.99
CA TYR A 96 -8.40 -3.64 7.09
C TYR A 96 -7.67 -3.41 5.77
N LEU A 97 -7.29 -2.20 5.47
CA LEU A 97 -6.58 -1.93 4.18
C LEU A 97 -5.57 -3.04 3.88
N PRO A 98 -6.00 -3.95 3.04
CA PRO A 98 -5.16 -5.10 2.67
C PRO A 98 -4.24 -4.76 1.48
N ALA A 99 -4.15 -3.50 1.13
CA ALA A 99 -3.27 -3.11 -0.01
C ALA A 99 -3.86 -3.63 -1.33
N VAL A 100 -3.05 -3.75 -2.34
CA VAL A 100 -3.58 -4.27 -3.64
C VAL A 100 -2.79 -5.50 -4.11
N PHE A 101 -1.49 -5.40 -4.23
CA PHE A 101 -0.69 -6.58 -4.68
C PHE A 101 -0.06 -7.28 -3.48
N GLU A 102 -0.24 -6.73 -2.30
CA GLU A 102 0.35 -7.36 -1.08
C GLU A 102 -0.64 -8.34 -0.45
N GLU A 103 -0.26 -9.58 -0.32
CA GLU A 103 -1.17 -10.59 0.30
C GLU A 103 -0.75 -10.85 1.74
N VAL A 104 -1.68 -11.05 2.63
CA VAL A 104 -1.31 -11.32 4.05
C VAL A 104 -0.69 -12.71 4.20
N LEU A 105 0.39 -12.80 4.90
CA LEU A 105 1.04 -14.13 5.09
C LEU A 105 0.37 -14.85 6.27
N ASP A 106 -0.36 -14.11 7.08
CA ASP A 106 -1.05 -14.70 8.26
C ASP A 106 -1.42 -13.60 9.25
N LEU A 107 -1.76 -13.95 10.45
CA LEU A 107 -2.10 -12.92 11.47
C LEU A 107 -1.19 -13.08 12.69
N VAL A 108 -0.29 -12.16 12.89
CA VAL A 108 0.64 -12.27 14.05
C VAL A 108 0.13 -11.43 15.23
N ASP A 109 0.60 -11.70 16.40
CA ASP A 109 0.15 -10.92 17.59
C ASP A 109 1.25 -9.93 18.00
N ALA A 110 0.89 -8.69 18.22
CA ALA A 110 1.91 -7.67 18.62
C ALA A 110 2.93 -8.27 19.60
N VAL A 111 4.14 -7.80 19.55
CA VAL A 111 5.19 -8.33 20.48
C VAL A 111 5.91 -7.17 21.17
N ILE A 112 5.32 -6.61 22.19
CA ILE A 112 5.99 -5.48 22.90
C ILE A 112 7.33 -5.95 23.47
N LEU A 113 8.18 -5.02 23.82
CA LEU A 113 9.51 -5.41 24.39
C LEU A 113 10.01 -4.32 25.35
N GLY A 1 -12.16 22.82 2.40
CA GLY A 1 -13.04 22.38 1.28
C GLY A 1 -12.60 21.00 0.80
N SER A 2 -11.71 20.96 -0.17
CA SER A 2 -11.24 19.65 -0.69
C SER A 2 -9.72 19.69 -0.93
N HIS A 3 -9.21 18.76 -1.68
CA HIS A 3 -7.73 18.75 -1.94
C HIS A 3 -6.96 18.64 -0.62
N MET A 4 -5.82 18.03 -0.64
CA MET A 4 -5.02 17.88 0.61
C MET A 4 -5.87 17.24 1.70
N GLN A 5 -5.60 16.00 2.03
CA GLN A 5 -6.40 15.31 3.08
C GLN A 5 -5.66 15.32 4.43
N VAL A 6 -6.36 15.05 5.49
CA VAL A 6 -5.71 15.03 6.83
C VAL A 6 -5.34 13.59 7.20
N VAL A 7 -4.39 13.42 8.09
CA VAL A 7 -3.98 12.04 8.50
C VAL A 7 -5.19 11.11 8.58
N LEU A 8 -5.38 10.27 7.60
CA LEU A 8 -6.54 9.34 7.62
C LEU A 8 -6.64 8.65 8.98
N PRO A 9 -7.85 8.55 9.46
CA PRO A 9 -8.09 7.90 10.77
C PRO A 9 -7.95 6.38 10.65
N ASN A 10 -6.75 5.88 10.77
CA ASN A 10 -6.55 4.40 10.67
C ASN A 10 -7.09 3.87 9.34
N THR A 11 -6.76 4.49 8.24
CA THR A 11 -7.27 4.01 6.93
C THR A 11 -6.21 4.18 5.84
N ALA A 12 -6.45 3.63 4.67
CA ALA A 12 -5.47 3.77 3.56
C ALA A 12 -6.20 3.84 2.22
N LEU A 13 -5.56 4.36 1.20
CA LEU A 13 -6.23 4.43 -0.13
C LEU A 13 -5.26 3.93 -1.22
N HIS A 14 -5.80 3.42 -2.30
CA HIS A 14 -4.93 2.88 -3.38
C HIS A 14 -4.62 3.94 -4.45
N LEU A 15 -3.38 4.06 -4.84
CA LEU A 15 -3.01 5.06 -5.89
C LEU A 15 -2.30 4.34 -7.04
N LYS A 16 -2.35 4.87 -8.22
CA LYS A 16 -1.64 4.22 -9.36
C LYS A 16 -0.42 5.06 -9.73
N ALA A 17 0.75 4.51 -9.58
CA ALA A 17 1.98 5.27 -9.93
C ALA A 17 2.18 5.29 -11.44
N LEU A 18 2.01 6.43 -12.04
CA LEU A 18 2.19 6.54 -13.51
C LEU A 18 3.58 7.09 -13.82
N LEU A 19 4.50 6.25 -14.20
CA LEU A 19 5.87 6.72 -14.50
C LEU A 19 6.64 5.64 -15.29
N ASP A 20 7.35 6.03 -16.31
CA ASP A 20 8.12 5.02 -17.09
C ASP A 20 9.40 4.66 -16.35
N PHE A 21 9.43 3.50 -15.74
CA PHE A 21 10.65 3.09 -14.99
C PHE A 21 11.12 1.71 -15.44
N GLU A 22 12.37 1.60 -15.83
CA GLU A 22 12.89 0.28 -16.28
C GLU A 22 14.07 -0.15 -15.40
N ASP A 23 14.02 -1.32 -14.84
CA ASP A 23 15.13 -1.78 -13.96
C ASP A 23 16.39 -2.00 -14.78
N LYS A 24 17.52 -2.16 -14.12
CA LYS A 24 18.79 -2.37 -14.86
C LYS A 24 18.66 -3.55 -15.81
N ASP A 25 17.77 -4.46 -15.53
CA ASP A 25 17.60 -5.63 -16.42
C ASP A 25 17.16 -5.18 -17.82
N GLY A 26 16.50 -4.06 -17.92
CA GLY A 26 16.06 -3.56 -19.25
C GLY A 26 14.73 -2.83 -19.11
N ASP A 27 13.75 -3.47 -18.54
CA ASP A 27 12.41 -2.80 -18.38
C ASP A 27 11.65 -3.42 -17.21
N LYS A 28 10.83 -2.65 -16.53
CA LYS A 28 10.06 -3.21 -15.39
C LYS A 28 8.70 -2.51 -15.28
N VAL A 29 8.70 -1.29 -14.82
CA VAL A 29 7.39 -0.56 -14.68
C VAL A 29 7.24 0.45 -15.82
N VAL A 30 6.06 0.57 -16.36
CA VAL A 30 5.85 1.55 -17.48
C VAL A 30 4.49 2.22 -17.36
N ALA A 31 4.42 3.27 -16.59
CA ALA A 31 3.11 3.98 -16.42
C ALA A 31 1.99 2.99 -16.13
N GLY A 32 2.02 2.34 -14.99
CA GLY A 32 0.93 1.37 -14.68
C GLY A 32 1.16 0.75 -13.29
N ASP A 33 1.83 1.43 -12.41
CA ASP A 33 2.05 0.87 -11.05
C ASP A 33 0.89 1.22 -10.12
N GLU A 34 0.60 0.39 -9.16
CA GLU A 34 -0.52 0.68 -8.22
C GLU A 34 -0.17 0.17 -6.81
N TRP A 35 -0.34 0.99 -5.81
CA TRP A 35 -0.02 0.52 -4.42
C TRP A 35 -1.01 1.10 -3.42
N LEU A 36 -1.04 0.58 -2.22
CA LEU A 36 -1.98 1.08 -1.19
C LEU A 36 -1.33 2.21 -0.39
N PHE A 37 -2.10 3.10 0.16
CA PHE A 37 -1.49 4.22 0.95
C PHE A 37 -1.99 4.19 2.38
N GLU A 38 -1.14 3.84 3.31
CA GLU A 38 -1.57 3.79 4.74
C GLU A 38 -1.31 5.14 5.40
N GLY A 39 -2.32 5.71 6.03
CA GLY A 39 -2.10 7.03 6.70
C GLY A 39 -1.62 8.05 5.66
N PRO A 40 -2.29 8.07 4.55
CA PRO A 40 -1.91 9.01 3.45
C PRO A 40 -2.07 10.45 3.91
N GLY A 41 -2.87 10.66 4.92
CA GLY A 41 -3.09 12.03 5.48
C GLY A 41 -2.95 13.10 4.40
N THR A 42 -1.77 13.63 4.23
CA THR A 42 -1.57 14.71 3.21
C THR A 42 -1.28 14.13 1.83
N TYR A 43 -1.87 13.02 1.49
CA TYR A 43 -1.61 12.44 0.13
C TYR A 43 -2.25 13.33 -0.94
N ILE A 44 -1.45 14.00 -1.72
CA ILE A 44 -2.02 14.88 -2.79
C ILE A 44 -1.89 14.18 -4.15
N PRO A 45 -2.89 14.37 -4.96
CA PRO A 45 -2.91 13.76 -6.32
C PRO A 45 -1.88 14.43 -7.23
N ARG A 46 -0.83 13.75 -7.56
CA ARG A 46 0.21 14.35 -8.46
C ARG A 46 0.21 13.62 -9.80
N LYS A 47 0.44 14.34 -10.88
CA LYS A 47 0.45 13.69 -12.22
C LYS A 47 1.22 12.36 -12.15
N GLU A 48 2.30 12.33 -11.40
CA GLU A 48 3.09 11.08 -11.30
C GLU A 48 2.16 9.89 -11.10
N VAL A 49 1.18 10.02 -10.25
CA VAL A 49 0.24 8.89 -10.00
C VAL A 49 -1.21 9.41 -9.95
N GLU A 50 -2.18 8.54 -9.87
CA GLU A 50 -3.59 9.00 -9.81
C GLU A 50 -4.37 8.22 -8.74
N VAL A 51 -5.22 8.88 -8.00
CA VAL A 51 -6.01 8.17 -6.96
C VAL A 51 -6.77 7.00 -7.60
N VAL A 52 -6.67 5.83 -7.02
CA VAL A 52 -7.37 4.66 -7.59
C VAL A 52 -8.54 4.24 -6.70
N GLU A 53 -8.26 3.84 -5.49
CA GLU A 53 -9.36 3.42 -4.57
C GLU A 53 -9.09 3.96 -3.17
N ILE A 54 -10.03 3.78 -2.29
CA ILE A 54 -9.84 4.26 -0.88
C ILE A 54 -10.23 3.14 0.07
N ILE A 55 -9.64 3.07 1.22
CA ILE A 55 -9.99 1.97 2.16
C ILE A 55 -9.98 2.46 3.62
N GLN A 56 -10.86 1.94 4.42
CA GLN A 56 -10.91 2.34 5.86
C GLN A 56 -10.57 1.16 6.76
N ALA A 57 -10.38 1.38 8.03
CA ALA A 57 -10.04 0.25 8.94
C ALA A 57 -11.33 -0.36 9.50
N THR A 58 -11.39 -1.66 9.60
CA THR A 58 -12.63 -2.31 10.13
C THR A 58 -12.38 -3.80 10.37
N ILE A 59 -11.32 -4.13 11.08
CA ILE A 59 -11.03 -5.56 11.33
C ILE A 59 -10.39 -5.76 12.71
N ILE A 60 -9.10 -5.55 12.83
CA ILE A 60 -8.44 -5.71 14.17
C ILE A 60 -7.97 -4.37 14.71
N ARG A 61 -6.70 -4.08 14.63
CA ARG A 61 -6.19 -2.78 15.16
C ARG A 61 -4.70 -2.60 14.87
N GLN A 62 -3.99 -2.00 15.78
CA GLN A 62 -2.53 -1.77 15.56
C GLN A 62 -1.71 -2.98 16.06
N ASN A 63 -1.72 -3.20 17.35
CA ASN A 63 -0.95 -4.35 17.94
C ASN A 63 -0.88 -5.52 16.94
N GLN A 64 -2.00 -6.03 16.54
CA GLN A 64 -1.99 -7.16 15.56
C GLN A 64 -1.28 -6.72 14.28
N ALA A 65 -0.34 -7.49 13.80
CA ALA A 65 0.38 -7.10 12.55
C ALA A 65 -0.04 -8.02 11.40
N LEU A 66 -0.10 -7.51 10.20
CA LEU A 66 -0.49 -8.36 9.04
C LEU A 66 0.63 -8.37 7.99
N ARG A 67 1.21 -9.51 7.74
CA ARG A 67 2.30 -9.56 6.74
C ARG A 67 1.73 -9.86 5.35
N LEU A 68 2.14 -9.11 4.37
CA LEU A 68 1.60 -9.32 2.99
C LEU A 68 2.72 -9.58 1.98
N ARG A 69 2.46 -10.45 1.04
CA ARG A 69 3.49 -10.76 -0.01
C ARG A 69 2.94 -10.37 -1.39
N ALA A 70 3.76 -9.79 -2.22
CA ALA A 70 3.28 -9.38 -3.57
C ALA A 70 2.75 -10.59 -4.34
N ARG A 71 1.84 -10.38 -5.26
CA ARG A 71 1.29 -11.53 -6.01
C ARG A 71 1.00 -11.17 -7.49
N LYS A 72 1.03 -9.91 -7.83
CA LYS A 72 0.74 -9.54 -9.25
C LYS A 72 1.98 -8.94 -9.93
N GLU A 73 3.05 -8.75 -9.20
CA GLU A 73 4.26 -8.16 -9.82
C GLU A 73 3.91 -6.84 -10.51
N CYS A 74 3.60 -5.83 -9.73
CA CYS A 74 3.24 -4.51 -10.34
C CYS A 74 3.09 -3.46 -9.23
N TRP A 75 2.67 -3.85 -8.07
CA TRP A 75 2.51 -2.86 -6.96
C TRP A 75 3.88 -2.45 -6.40
N ASP A 76 4.14 -1.18 -6.35
CA ASP A 76 5.45 -0.71 -5.82
C ASP A 76 5.29 -0.24 -4.37
N ARG A 77 5.83 -0.97 -3.43
CA ARG A 77 5.71 -0.58 -2.01
C ARG A 77 6.73 0.51 -1.66
N ASP A 78 7.91 0.41 -2.22
CA ASP A 78 8.95 1.45 -1.94
C ASP A 78 9.14 2.35 -3.16
N GLY A 79 8.13 2.45 -3.99
CA GLY A 79 8.26 3.32 -5.20
C GLY A 79 8.93 2.53 -6.32
N LYS A 80 9.10 1.24 -6.13
CA LYS A 80 9.75 0.41 -7.19
C LYS A 80 8.90 -0.83 -7.48
N GLU A 81 7.96 -0.71 -8.38
CA GLU A 81 7.10 -1.89 -8.71
C GLU A 81 7.96 -3.15 -8.82
N ARG A 82 7.70 -4.12 -7.98
CA ARG A 82 8.52 -5.37 -8.02
C ARG A 82 7.64 -6.57 -8.37
N VAL A 83 8.23 -7.74 -8.44
CA VAL A 83 7.45 -8.97 -8.79
C VAL A 83 6.74 -9.53 -7.54
N THR A 84 5.90 -10.51 -7.72
CA THR A 84 5.19 -11.11 -6.55
C THR A 84 6.20 -11.51 -5.47
N GLY A 85 7.41 -11.79 -5.86
CA GLY A 85 8.44 -12.19 -4.86
C GLY A 85 8.54 -11.09 -3.80
N GLU A 86 8.56 -9.86 -4.23
CA GLU A 86 8.65 -8.73 -3.25
C GLU A 86 7.51 -8.83 -2.25
N GLU A 87 7.69 -8.32 -1.06
CA GLU A 87 6.60 -8.40 -0.05
C GLU A 87 6.79 -7.34 1.03
N TRP A 88 5.74 -6.96 1.70
CA TRP A 88 5.85 -5.93 2.77
C TRP A 88 4.91 -6.29 3.92
N LEU A 89 5.25 -5.89 5.12
CA LEU A 89 4.38 -6.21 6.29
C LEU A 89 3.58 -4.96 6.69
N VAL A 90 2.44 -5.15 7.30
CA VAL A 90 1.62 -3.97 7.71
C VAL A 90 1.53 -3.89 9.23
N THR A 91 2.20 -2.93 9.82
CA THR A 91 2.16 -2.79 11.31
C THR A 91 1.62 -1.40 11.69
N THR A 92 0.84 -0.82 10.82
CA THR A 92 0.28 0.54 11.12
C THR A 92 -0.87 0.44 12.13
N VAL A 93 -1.34 1.55 12.62
CA VAL A 93 -2.47 1.51 13.58
C VAL A 93 -3.81 1.63 12.84
N GLY A 94 -4.24 0.58 12.22
CA GLY A 94 -5.53 0.64 11.47
C GLY A 94 -6.44 -0.52 11.90
N ALA A 95 -6.28 -1.66 11.28
CA ALA A 95 -7.11 -2.83 11.65
C ALA A 95 -6.69 -4.05 10.84
N TYR A 96 -6.35 -3.85 9.58
CA TYR A 96 -5.90 -4.97 8.72
C TYR A 96 -5.58 -4.45 7.32
N LEU A 97 -4.94 -3.32 7.23
CA LEU A 97 -4.60 -2.76 5.88
C LEU A 97 -4.11 -3.87 4.96
N PRO A 98 -4.97 -4.27 4.06
CA PRO A 98 -4.62 -5.34 3.10
C PRO A 98 -3.61 -4.83 2.06
N ALA A 99 -4.07 -4.46 0.89
CA ALA A 99 -3.11 -3.95 -0.15
C ALA A 99 -3.83 -3.83 -1.49
N VAL A 100 -3.08 -3.87 -2.57
CA VAL A 100 -3.73 -3.75 -3.91
C VAL A 100 -3.29 -4.91 -4.83
N PHE A 101 -2.07 -5.40 -4.68
CA PHE A 101 -1.62 -6.52 -5.56
C PHE A 101 -1.01 -7.66 -4.72
N GLU A 102 -0.84 -7.45 -3.45
CA GLU A 102 -0.24 -8.52 -2.59
C GLU A 102 -1.28 -9.10 -1.63
N GLU A 103 -1.06 -10.30 -1.17
CA GLU A 103 -2.03 -10.93 -0.23
C GLU A 103 -1.35 -11.23 1.10
N VAL A 104 -2.10 -11.52 2.13
CA VAL A 104 -1.49 -11.82 3.45
C VAL A 104 -1.32 -13.33 3.64
N LEU A 105 -0.35 -13.73 4.42
CA LEU A 105 -0.14 -15.19 4.66
C LEU A 105 -0.70 -15.56 6.03
N ASP A 106 -0.60 -14.69 6.98
CA ASP A 106 -1.13 -14.97 8.34
C ASP A 106 -1.22 -13.67 9.15
N LEU A 107 -1.36 -13.77 10.45
CA LEU A 107 -1.46 -12.53 11.27
C LEU A 107 -0.60 -12.65 12.52
N VAL A 108 -0.32 -11.55 13.16
CA VAL A 108 0.51 -11.59 14.40
C VAL A 108 -0.06 -10.64 15.45
N ASP A 109 0.12 -10.93 16.71
CA ASP A 109 -0.39 -10.01 17.74
C ASP A 109 0.78 -9.34 18.48
N ALA A 110 0.92 -8.04 18.35
CA ALA A 110 2.06 -7.35 19.03
C ALA A 110 1.76 -7.16 20.52
N VAL A 111 2.68 -6.61 21.25
CA VAL A 111 2.47 -6.40 22.71
C VAL A 111 2.57 -4.91 23.04
N ILE A 112 2.03 -4.50 24.16
CA ILE A 112 2.09 -3.05 24.53
C ILE A 112 3.52 -2.67 24.94
N LEU A 113 3.97 -1.53 24.50
CA LEU A 113 5.35 -1.10 24.86
C LEU A 113 5.41 -0.66 26.34
N GLY A 1 -12.87 11.99 1.71
CA GLY A 1 -12.71 13.19 0.82
C GLY A 1 -12.23 12.74 -0.56
N SER A 2 -11.55 13.60 -1.27
CA SER A 2 -11.07 13.23 -2.63
C SER A 2 -9.69 13.85 -2.89
N HIS A 3 -9.64 15.14 -3.02
CA HIS A 3 -8.33 15.81 -3.28
C HIS A 3 -7.69 16.25 -1.96
N MET A 4 -6.48 15.84 -1.70
CA MET A 4 -5.82 16.24 -0.43
C MET A 4 -6.66 15.79 0.77
N GLN A 5 -6.11 15.86 1.95
CA GLN A 5 -6.88 15.44 3.15
C GLN A 5 -6.00 15.52 4.41
N VAL A 6 -6.51 15.07 5.53
CA VAL A 6 -5.70 15.12 6.79
C VAL A 6 -5.37 13.69 7.24
N VAL A 7 -4.36 13.54 8.07
CA VAL A 7 -3.97 12.18 8.54
C VAL A 7 -5.20 11.29 8.74
N LEU A 8 -5.49 10.45 7.77
CA LEU A 8 -6.68 9.56 7.87
C LEU A 8 -6.73 8.88 9.25
N PRO A 9 -7.94 8.66 9.71
CA PRO A 9 -8.15 8.00 11.01
C PRO A 9 -7.91 6.50 10.91
N ASN A 10 -6.68 6.09 10.71
CA ASN A 10 -6.38 4.64 10.61
C ASN A 10 -6.99 4.04 9.33
N THR A 11 -6.78 4.68 8.21
CA THR A 11 -7.33 4.14 6.93
C THR A 11 -6.28 4.24 5.82
N ALA A 12 -6.53 3.66 4.67
CA ALA A 12 -5.52 3.74 3.57
C ALA A 12 -6.21 3.85 2.21
N LEU A 13 -5.50 4.27 1.21
CA LEU A 13 -6.13 4.39 -0.16
C LEU A 13 -5.19 3.79 -1.23
N HIS A 14 -5.75 3.30 -2.31
CA HIS A 14 -4.89 2.70 -3.38
C HIS A 14 -4.43 3.77 -4.38
N LEU A 15 -3.15 3.85 -4.63
CA LEU A 15 -2.62 4.85 -5.59
C LEU A 15 -2.00 4.17 -6.81
N LYS A 16 -2.07 4.79 -7.96
CA LYS A 16 -1.42 4.17 -9.15
C LYS A 16 -0.28 5.07 -9.61
N ALA A 17 0.93 4.59 -9.57
CA ALA A 17 2.07 5.44 -10.00
C ALA A 17 2.18 5.45 -11.52
N LEU A 18 2.10 6.60 -12.11
CA LEU A 18 2.19 6.69 -13.59
C LEU A 18 3.62 7.07 -14.00
N LEU A 19 4.40 6.11 -14.40
CA LEU A 19 5.81 6.40 -14.80
C LEU A 19 6.39 5.18 -15.52
N ASP A 20 6.98 5.38 -16.67
CA ASP A 20 7.56 4.22 -17.41
C ASP A 20 8.82 3.73 -16.70
N PHE A 21 8.71 2.66 -15.95
CA PHE A 21 9.90 2.13 -15.22
C PHE A 21 10.07 0.63 -15.50
N GLU A 22 10.46 0.28 -16.70
CA GLU A 22 10.62 -1.17 -17.03
C GLU A 22 12.11 -1.54 -17.01
N ASP A 23 12.49 -2.40 -16.11
CA ASP A 23 13.93 -2.82 -16.05
C ASP A 23 14.20 -3.91 -17.08
N LYS A 24 15.42 -4.35 -17.19
CA LYS A 24 15.74 -5.42 -18.18
C LYS A 24 15.30 -6.77 -17.66
N ASP A 25 14.66 -6.81 -16.51
CA ASP A 25 14.20 -8.11 -15.96
C ASP A 25 13.18 -8.76 -16.90
N GLY A 26 12.50 -7.97 -17.68
CA GLY A 26 11.49 -8.54 -18.62
C GLY A 26 10.21 -7.71 -18.56
N ASP A 27 9.84 -7.25 -17.40
CA ASP A 27 8.60 -6.42 -17.28
C ASP A 27 8.42 -5.92 -15.84
N LYS A 28 8.83 -4.72 -15.57
CA LYS A 28 8.68 -4.17 -14.19
C LYS A 28 7.45 -3.26 -14.12
N VAL A 29 7.64 -1.96 -14.02
CA VAL A 29 6.47 -1.04 -13.95
C VAL A 29 6.41 -0.21 -15.24
N VAL A 30 5.25 -0.04 -15.81
CA VAL A 30 5.15 0.76 -17.06
C VAL A 30 3.92 1.66 -17.02
N ALA A 31 4.07 2.86 -16.53
CA ALA A 31 2.90 3.78 -16.47
C ALA A 31 1.67 3.06 -15.92
N GLY A 32 1.79 2.42 -14.78
CA GLY A 32 0.61 1.71 -14.21
C GLY A 32 0.94 1.08 -12.86
N ASP A 33 1.91 1.61 -12.14
CA ASP A 33 2.21 1.01 -10.80
C ASP A 33 1.03 1.26 -9.87
N GLU A 34 0.81 0.37 -8.93
CA GLU A 34 -0.34 0.56 -7.99
C GLU A 34 -0.02 -0.01 -6.61
N TRP A 35 -0.38 0.68 -5.57
CA TRP A 35 -0.11 0.17 -4.19
C TRP A 35 -1.06 0.85 -3.19
N LEU A 36 -1.17 0.31 -2.01
CA LEU A 36 -2.08 0.95 -1.01
C LEU A 36 -1.30 1.96 -0.17
N PHE A 37 -1.97 2.92 0.40
CA PHE A 37 -1.25 3.94 1.21
C PHE A 37 -1.87 4.02 2.61
N GLU A 38 -1.12 3.65 3.61
CA GLU A 38 -1.64 3.71 5.00
C GLU A 38 -1.44 5.11 5.59
N GLY A 39 -2.47 5.69 6.13
CA GLY A 39 -2.35 7.06 6.70
C GLY A 39 -2.03 8.06 5.58
N PRO A 40 -2.74 7.94 4.48
CA PRO A 40 -2.53 8.85 3.34
C PRO A 40 -3.21 10.21 3.60
N GLY A 41 -3.52 10.52 4.82
CA GLY A 41 -4.19 11.82 5.12
C GLY A 41 -3.43 12.97 4.46
N THR A 42 -2.13 12.94 4.50
CA THR A 42 -1.34 14.06 3.88
C THR A 42 -0.95 13.70 2.44
N TYR A 43 -1.62 12.77 1.83
CA TYR A 43 -1.28 12.40 0.43
C TYR A 43 -1.99 13.33 -0.55
N ILE A 44 -1.28 13.84 -1.52
CA ILE A 44 -1.92 14.73 -2.52
C ILE A 44 -1.79 14.11 -3.91
N PRO A 45 -2.78 14.31 -4.72
CA PRO A 45 -2.77 13.75 -6.10
C PRO A 45 -1.68 14.41 -6.94
N ARG A 46 -0.64 13.68 -7.26
CA ARG A 46 0.47 14.25 -8.08
C ARG A 46 0.50 13.60 -9.46
N LYS A 47 0.93 14.32 -10.46
CA LYS A 47 0.98 13.73 -11.82
C LYS A 47 1.76 12.41 -11.82
N GLU A 48 2.70 12.28 -10.91
CA GLU A 48 3.51 11.02 -10.85
C GLU A 48 2.60 9.81 -10.60
N VAL A 49 1.43 10.03 -10.06
CA VAL A 49 0.49 8.91 -9.79
C VAL A 49 -0.96 9.38 -9.87
N GLU A 50 -1.89 8.46 -9.84
CA GLU A 50 -3.34 8.86 -9.89
C GLU A 50 -4.12 8.15 -8.80
N VAL A 51 -5.01 8.85 -8.14
CA VAL A 51 -5.81 8.20 -7.07
C VAL A 51 -6.59 7.01 -7.64
N VAL A 52 -6.44 5.85 -7.07
CA VAL A 52 -7.17 4.67 -7.60
C VAL A 52 -8.37 4.35 -6.72
N GLU A 53 -8.14 4.01 -5.47
CA GLU A 53 -9.29 3.69 -4.57
C GLU A 53 -9.01 4.18 -3.15
N ILE A 54 -10.00 4.21 -2.31
CA ILE A 54 -9.79 4.66 -0.91
C ILE A 54 -10.39 3.60 0.02
N ILE A 55 -9.83 3.42 1.19
CA ILE A 55 -10.39 2.38 2.09
C ILE A 55 -10.37 2.83 3.56
N GLN A 56 -11.49 2.70 4.23
CA GLN A 56 -11.55 3.11 5.67
C GLN A 56 -11.29 1.89 6.56
N ALA A 57 -11.24 2.08 7.85
CA ALA A 57 -10.98 0.93 8.77
C ALA A 57 -12.28 0.47 9.43
N THR A 58 -12.43 -0.81 9.66
CA THR A 58 -13.68 -1.30 10.32
C THR A 58 -13.79 -2.83 10.29
N ILE A 59 -12.86 -3.55 10.87
CA ILE A 59 -13.00 -5.03 10.86
C ILE A 59 -11.94 -5.73 11.72
N ILE A 60 -10.67 -5.58 11.44
CA ILE A 60 -9.64 -6.28 12.27
C ILE A 60 -9.37 -5.52 13.56
N ARG A 61 -8.65 -6.11 14.47
CA ARG A 61 -8.35 -5.43 15.76
C ARG A 61 -6.86 -5.06 15.82
N GLN A 62 -6.35 -4.83 17.00
CA GLN A 62 -4.91 -4.45 17.13
C GLN A 62 -4.05 -5.69 17.31
N ASN A 63 -4.18 -6.34 18.43
CA ASN A 63 -3.37 -7.57 18.71
C ASN A 63 -3.22 -8.41 17.44
N GLN A 64 -4.30 -8.71 16.77
CA GLN A 64 -4.21 -9.53 15.53
C GLN A 64 -3.33 -8.85 14.48
N ALA A 65 -2.49 -9.60 13.81
CA ALA A 65 -1.60 -9.01 12.77
C ALA A 65 -1.74 -9.79 11.46
N LEU A 66 -1.57 -9.13 10.34
CA LEU A 66 -1.70 -9.83 9.04
C LEU A 66 -0.45 -9.58 8.19
N ARG A 67 0.28 -10.60 7.84
CA ARG A 67 1.50 -10.39 7.01
C ARG A 67 1.15 -10.53 5.53
N LEU A 68 1.52 -9.57 4.74
CA LEU A 68 1.19 -9.64 3.28
C LEU A 68 2.46 -9.61 2.43
N ARG A 69 2.50 -10.40 1.40
CA ARG A 69 3.69 -10.41 0.51
C ARG A 69 3.29 -10.02 -0.92
N ALA A 70 4.21 -9.55 -1.71
CA ALA A 70 3.88 -9.14 -3.11
C ALA A 70 3.53 -10.36 -3.97
N ARG A 71 2.37 -10.35 -4.58
CA ARG A 71 1.99 -11.48 -5.47
C ARG A 71 2.59 -11.24 -6.85
N LYS A 72 2.87 -10.00 -7.15
CA LYS A 72 3.47 -9.65 -8.47
C LYS A 72 4.20 -8.30 -8.34
N GLU A 73 5.28 -8.14 -9.07
CA GLU A 73 6.04 -6.85 -8.97
C GLU A 73 5.13 -5.67 -9.30
N CYS A 74 5.70 -4.56 -9.70
CA CYS A 74 4.89 -3.35 -10.05
C CYS A 74 4.43 -2.62 -8.77
N TRP A 75 3.98 -3.33 -7.78
CA TRP A 75 3.52 -2.66 -6.53
C TRP A 75 4.72 -2.16 -5.72
N ASP A 76 4.90 -0.87 -5.63
CA ASP A 76 6.05 -0.31 -4.86
C ASP A 76 5.62 -0.06 -3.41
N ARG A 77 6.35 -0.58 -2.46
CA ARG A 77 5.98 -0.35 -1.03
C ARG A 77 6.58 0.96 -0.54
N ASP A 78 7.79 1.25 -0.90
CA ASP A 78 8.44 2.51 -0.45
C ASP A 78 8.06 3.66 -1.38
N GLY A 79 7.78 3.38 -2.62
CA GLY A 79 7.40 4.46 -3.58
C GLY A 79 8.06 4.21 -4.92
N LYS A 80 9.35 4.01 -4.95
CA LYS A 80 10.05 3.76 -6.24
C LYS A 80 9.49 2.48 -6.88
N GLU A 81 10.34 1.60 -7.31
CA GLU A 81 9.84 0.34 -7.94
C GLU A 81 10.63 -0.86 -7.44
N ARG A 82 9.96 -1.82 -6.85
CA ARG A 82 10.67 -3.02 -6.34
C ARG A 82 10.05 -4.29 -6.95
N VAL A 83 10.63 -5.42 -6.71
CA VAL A 83 10.08 -6.68 -7.29
C VAL A 83 9.05 -7.30 -6.34
N THR A 84 8.38 -8.32 -6.77
CA THR A 84 7.37 -8.98 -5.90
C THR A 84 8.05 -9.65 -4.71
N GLY A 85 9.34 -9.78 -4.75
CA GLY A 85 10.08 -10.42 -3.63
C GLY A 85 9.91 -9.58 -2.37
N GLU A 86 9.47 -8.36 -2.53
CA GLU A 86 9.26 -7.48 -1.35
C GLU A 86 7.95 -7.85 -0.64
N GLU A 87 7.74 -7.38 0.56
CA GLU A 87 6.47 -7.72 1.26
C GLU A 87 6.15 -6.70 2.35
N TRP A 88 4.90 -6.53 2.68
CA TRP A 88 4.51 -5.54 3.73
C TRP A 88 3.62 -6.23 4.79
N LEU A 89 3.76 -5.86 6.03
CA LEU A 89 2.92 -6.49 7.09
C LEU A 89 1.84 -5.51 7.56
N VAL A 90 0.79 -6.01 8.14
CA VAL A 90 -0.31 -5.11 8.61
C VAL A 90 -0.54 -5.30 10.12
N THR A 91 -0.71 -4.22 10.83
CA THR A 91 -0.95 -4.32 12.30
C THR A 91 -1.69 -3.07 12.78
N THR A 92 -2.86 -2.83 12.27
CA THR A 92 -3.63 -1.62 12.68
C THR A 92 -4.45 -1.91 13.95
N VAL A 93 -4.98 -0.90 14.56
CA VAL A 93 -5.80 -1.11 15.80
C VAL A 93 -7.28 -0.87 15.48
N GLY A 94 -7.87 -1.71 14.69
CA GLY A 94 -9.31 -1.53 14.34
C GLY A 94 -9.42 -1.11 12.88
N ALA A 95 -9.01 -1.95 11.98
CA ALA A 95 -9.08 -1.60 10.53
C ALA A 95 -8.66 -2.79 9.66
N TYR A 96 -8.16 -2.51 8.49
CA TYR A 96 -7.69 -3.60 7.57
C TYR A 96 -7.24 -2.97 6.24
N LEU A 97 -6.00 -3.15 5.89
CA LEU A 97 -5.50 -2.54 4.62
C LEU A 97 -5.31 -3.60 3.53
N PRO A 98 -6.30 -3.74 2.70
CA PRO A 98 -6.22 -4.71 1.58
C PRO A 98 -5.31 -4.13 0.50
N ALA A 99 -4.03 -4.36 0.60
CA ALA A 99 -3.08 -3.81 -0.40
C ALA A 99 -3.54 -4.12 -1.82
N VAL A 100 -2.71 -3.82 -2.79
CA VAL A 100 -3.09 -4.08 -4.21
C VAL A 100 -2.45 -5.38 -4.71
N PHE A 101 -1.14 -5.43 -4.82
CA PHE A 101 -0.49 -6.67 -5.30
C PHE A 101 0.08 -7.48 -4.13
N GLU A 102 -0.44 -7.27 -2.94
CA GLU A 102 0.08 -8.03 -1.77
C GLU A 102 -0.99 -9.01 -1.26
N GLU A 103 -0.67 -10.27 -1.25
CA GLU A 103 -1.66 -11.28 -0.77
C GLU A 103 -1.33 -11.69 0.67
N VAL A 104 -2.30 -12.17 1.40
CA VAL A 104 -2.03 -12.59 2.81
C VAL A 104 -1.43 -13.99 2.84
N LEU A 105 -0.45 -14.20 3.66
CA LEU A 105 0.18 -15.54 3.75
C LEU A 105 -0.44 -16.30 4.93
N ASP A 106 -1.22 -15.62 5.74
CA ASP A 106 -1.87 -16.26 6.92
C ASP A 106 -2.28 -15.19 7.94
N LEU A 107 -2.50 -15.58 9.16
CA LEU A 107 -2.87 -14.57 10.20
C LEU A 107 -2.14 -14.86 11.51
N VAL A 108 -1.86 -13.85 12.28
CA VAL A 108 -1.16 -14.07 13.58
C VAL A 108 -1.84 -13.29 14.70
N ASP A 109 -1.95 -13.86 15.86
CA ASP A 109 -2.61 -13.13 16.99
C ASP A 109 -1.55 -12.64 17.98
N ALA A 110 -1.44 -11.35 18.16
CA ALA A 110 -0.42 -10.82 19.12
C ALA A 110 -0.61 -11.46 20.49
N VAL A 111 -1.58 -11.02 21.24
CA VAL A 111 -1.82 -11.61 22.58
C VAL A 111 -3.33 -11.70 22.86
N ILE A 112 -3.74 -12.69 23.59
CA ILE A 112 -5.19 -12.84 23.90
C ILE A 112 -5.41 -12.62 25.41
N LEU A 113 -6.64 -12.53 25.84
CA LEU A 113 -6.91 -12.33 27.29
C LEU A 113 -7.09 -13.67 27.98
N GLY A 1 -4.59 17.54 -10.10
CA GLY A 1 -5.47 17.25 -8.93
C GLY A 1 -5.28 18.34 -7.88
N SER A 2 -6.33 19.06 -7.56
CA SER A 2 -6.21 20.14 -6.54
C SER A 2 -7.07 19.81 -5.32
N HIS A 3 -6.55 19.03 -4.42
CA HIS A 3 -7.33 18.66 -3.20
C HIS A 3 -6.41 18.07 -2.13
N MET A 4 -6.48 18.59 -0.94
CA MET A 4 -5.60 18.05 0.15
C MET A 4 -6.45 17.35 1.22
N GLN A 5 -5.88 16.40 1.91
CA GLN A 5 -6.66 15.68 2.95
C GLN A 5 -5.96 15.82 4.32
N VAL A 6 -6.41 15.08 5.30
CA VAL A 6 -5.77 15.17 6.65
C VAL A 6 -5.37 13.77 7.13
N VAL A 7 -4.30 13.67 7.87
CA VAL A 7 -3.86 12.33 8.36
C VAL A 7 -5.06 11.50 8.81
N LEU A 8 -5.43 10.52 8.05
CA LEU A 8 -6.60 9.67 8.42
C LEU A 8 -6.31 8.94 9.73
N PRO A 9 -7.35 8.44 10.33
CA PRO A 9 -7.22 7.71 11.62
C PRO A 9 -6.58 6.33 11.38
N ASN A 10 -7.18 5.53 10.53
CA ASN A 10 -6.62 4.18 10.27
C ASN A 10 -7.11 3.66 8.91
N THR A 11 -7.35 4.54 7.98
CA THR A 11 -7.84 4.11 6.64
C THR A 11 -6.71 4.21 5.61
N ALA A 12 -6.93 3.71 4.42
CA ALA A 12 -5.87 3.79 3.37
C ALA A 12 -6.51 3.93 1.99
N LEU A 13 -5.78 4.36 1.01
CA LEU A 13 -6.37 4.50 -0.36
C LEU A 13 -5.48 3.82 -1.41
N HIS A 14 -6.05 3.44 -2.52
CA HIS A 14 -5.23 2.78 -3.57
C HIS A 14 -4.82 3.82 -4.61
N LEU A 15 -3.57 3.91 -4.94
CA LEU A 15 -3.15 4.91 -5.97
C LEU A 15 -2.37 4.21 -7.07
N LYS A 16 -2.23 4.85 -8.20
CA LYS A 16 -1.50 4.20 -9.33
C LYS A 16 -0.21 4.95 -9.63
N ALA A 17 0.92 4.29 -9.49
CA ALA A 17 2.20 4.96 -9.80
C ALA A 17 2.34 5.09 -11.31
N LEU A 18 2.32 6.29 -11.79
CA LEU A 18 2.42 6.54 -13.25
C LEU A 18 3.79 7.12 -13.60
N LEU A 19 4.63 6.33 -14.21
CA LEU A 19 5.98 6.80 -14.61
C LEU A 19 6.61 5.81 -15.59
N ASP A 20 7.39 6.30 -16.52
CA ASP A 20 8.05 5.37 -17.49
C ASP A 20 9.36 4.85 -16.90
N PHE A 21 9.36 3.61 -16.49
CA PHE A 21 10.60 3.03 -15.89
C PHE A 21 11.00 1.75 -16.62
N GLU A 22 12.15 1.73 -17.23
CA GLU A 22 12.58 0.51 -17.97
C GLU A 22 13.81 -0.12 -17.28
N ASP A 23 13.66 -1.29 -16.74
CA ASP A 23 14.82 -1.94 -16.06
C ASP A 23 15.13 -3.30 -16.70
N LYS A 24 16.38 -3.67 -16.76
CA LYS A 24 16.74 -4.98 -17.38
C LYS A 24 16.50 -6.12 -16.38
N ASP A 25 16.23 -5.79 -15.14
CA ASP A 25 15.99 -6.85 -14.12
C ASP A 25 14.58 -7.42 -14.27
N GLY A 26 13.73 -6.76 -15.02
CA GLY A 26 12.35 -7.28 -15.21
C GLY A 26 11.35 -6.36 -14.48
N ASP A 27 11.84 -5.39 -13.76
CA ASP A 27 10.92 -4.47 -13.03
C ASP A 27 10.56 -3.29 -13.92
N LYS A 28 10.55 -3.49 -15.21
CA LYS A 28 10.20 -2.37 -16.14
C LYS A 28 8.74 -1.96 -15.96
N VAL A 29 8.49 -0.75 -15.52
CA VAL A 29 7.08 -0.30 -15.33
C VAL A 29 6.72 0.74 -16.39
N VAL A 30 5.50 0.76 -16.83
CA VAL A 30 5.10 1.77 -17.87
C VAL A 30 3.81 2.46 -17.45
N ALA A 31 3.90 3.43 -16.60
CA ALA A 31 2.68 4.15 -16.14
C ALA A 31 1.54 3.16 -15.88
N GLY A 32 1.67 2.32 -14.88
CA GLY A 32 0.58 1.34 -14.61
C GLY A 32 0.78 0.65 -13.26
N ASP A 33 1.55 1.22 -12.35
CA ASP A 33 1.70 0.55 -11.03
C ASP A 33 0.61 1.01 -10.09
N GLU A 34 0.20 0.19 -9.16
CA GLU A 34 -0.88 0.61 -8.21
C GLU A 34 -0.73 -0.11 -6.87
N TRP A 35 -0.94 0.59 -5.78
CA TRP A 35 -0.80 -0.07 -4.46
C TRP A 35 -1.66 0.64 -3.40
N LEU A 36 -1.65 0.12 -2.20
CA LEU A 36 -2.49 0.74 -1.12
C LEU A 36 -1.67 1.79 -0.36
N PHE A 37 -2.36 2.71 0.30
CA PHE A 37 -1.64 3.76 1.08
C PHE A 37 -2.40 4.04 2.38
N GLU A 38 -1.84 3.66 3.50
CA GLU A 38 -2.54 3.89 4.80
C GLU A 38 -2.11 5.21 5.44
N GLY A 39 -2.98 5.84 6.17
CA GLY A 39 -2.62 7.13 6.84
C GLY A 39 -2.11 8.14 5.80
N PRO A 40 -2.83 8.23 4.71
CA PRO A 40 -2.45 9.18 3.64
C PRO A 40 -2.70 10.61 4.10
N GLY A 41 -3.92 10.94 4.42
CA GLY A 41 -4.23 12.32 4.89
C GLY A 41 -3.49 13.36 4.07
N THR A 42 -2.30 13.72 4.49
CA THR A 42 -1.50 14.74 3.75
C THR A 42 -1.08 14.23 2.37
N TYR A 43 -1.46 13.04 1.99
CA TYR A 43 -1.05 12.53 0.65
C TYR A 43 -1.76 13.31 -0.46
N ILE A 44 -1.02 13.88 -1.36
CA ILE A 44 -1.65 14.63 -2.48
C ILE A 44 -1.32 13.93 -3.80
N PRO A 45 -2.26 13.97 -4.71
CA PRO A 45 -2.08 13.31 -6.03
C PRO A 45 -0.98 14.03 -6.83
N ARG A 46 0.15 13.39 -7.00
CA ARG A 46 1.25 14.02 -7.78
C ARG A 46 1.32 13.41 -9.18
N LYS A 47 1.65 14.19 -10.16
CA LYS A 47 1.74 13.68 -11.57
C LYS A 47 2.30 12.26 -11.60
N GLU A 48 3.35 12.01 -10.87
CA GLU A 48 3.95 10.64 -10.88
C GLU A 48 2.88 9.57 -10.66
N VAL A 49 2.04 9.73 -9.66
CA VAL A 49 0.99 8.69 -9.44
C VAL A 49 -0.38 9.34 -9.21
N GLU A 50 -1.41 8.73 -9.72
CA GLU A 50 -2.77 9.31 -9.53
C GLU A 50 -3.58 8.44 -8.56
N VAL A 51 -4.30 9.05 -7.66
CA VAL A 51 -5.13 8.26 -6.68
C VAL A 51 -6.03 7.31 -7.45
N VAL A 52 -6.27 6.14 -6.93
CA VAL A 52 -7.15 5.18 -7.65
C VAL A 52 -8.40 4.88 -6.84
N GLU A 53 -8.25 4.37 -5.64
CA GLU A 53 -9.45 4.07 -4.81
C GLU A 53 -9.22 4.54 -3.38
N ILE A 54 -10.23 4.47 -2.56
CA ILE A 54 -10.08 4.90 -1.14
C ILE A 54 -10.76 3.87 -0.24
N ILE A 55 -10.08 3.41 0.78
CA ILE A 55 -10.69 2.38 1.67
C ILE A 55 -10.66 2.83 3.15
N GLN A 56 -11.66 2.49 3.89
CA GLN A 56 -11.71 2.88 5.34
C GLN A 56 -11.27 1.69 6.21
N ALA A 57 -11.14 1.89 7.49
CA ALA A 57 -10.73 0.78 8.39
C ALA A 57 -11.95 0.23 9.13
N THR A 58 -12.21 -1.04 9.05
CA THR A 58 -13.40 -1.60 9.76
C THR A 58 -13.55 -3.11 9.53
N ILE A 59 -12.62 -3.91 9.97
CA ILE A 59 -12.78 -5.38 9.77
C ILE A 59 -11.71 -6.17 10.56
N ILE A 60 -10.52 -5.68 10.65
CA ILE A 60 -9.46 -6.41 11.40
C ILE A 60 -9.65 -6.22 12.91
N ARG A 61 -9.11 -7.11 13.70
CA ARG A 61 -9.25 -6.98 15.19
C ARG A 61 -8.58 -5.69 15.68
N GLN A 62 -8.43 -5.55 16.97
CA GLN A 62 -7.79 -4.32 17.51
C GLN A 62 -6.28 -4.52 17.67
N ASN A 63 -5.82 -5.73 17.72
CA ASN A 63 -4.36 -5.98 17.89
C ASN A 63 -3.83 -6.92 16.81
N GLN A 64 -4.69 -7.67 16.18
CA GLN A 64 -4.23 -8.62 15.12
C GLN A 64 -3.32 -7.94 14.10
N ALA A 65 -2.16 -8.48 13.87
CA ALA A 65 -1.24 -7.90 12.86
C ALA A 65 -1.18 -8.84 11.65
N LEU A 66 -1.11 -8.31 10.45
CA LEU A 66 -1.09 -9.20 9.27
C LEU A 66 0.09 -8.90 8.34
N ARG A 67 1.00 -9.83 8.21
CA ARG A 67 2.16 -9.61 7.29
C ARG A 67 1.79 -10.16 5.91
N LEU A 68 1.79 -9.31 4.91
CA LEU A 68 1.40 -9.78 3.55
C LEU A 68 2.58 -9.73 2.58
N ARG A 69 2.49 -10.44 1.49
CA ARG A 69 3.60 -10.43 0.49
C ARG A 69 3.06 -10.09 -0.89
N ALA A 70 3.92 -9.69 -1.80
CA ALA A 70 3.45 -9.32 -3.18
C ALA A 70 3.29 -10.55 -4.06
N ARG A 71 2.41 -10.49 -5.02
CA ARG A 71 2.20 -11.65 -5.94
C ARG A 71 2.38 -11.18 -7.40
N LYS A 72 2.12 -9.94 -7.68
CA LYS A 72 2.27 -9.42 -9.06
C LYS A 72 3.21 -8.21 -9.06
N GLU A 73 4.31 -8.30 -9.75
CA GLU A 73 5.27 -7.15 -9.77
C GLU A 73 4.57 -5.87 -10.23
N CYS A 74 4.34 -4.96 -9.31
CA CYS A 74 3.66 -3.68 -9.67
C CYS A 74 3.23 -2.93 -8.41
N TRP A 75 2.69 -3.62 -7.45
CA TRP A 75 2.25 -2.95 -6.19
C TRP A 75 3.47 -2.62 -5.32
N ASP A 76 3.86 -1.38 -5.28
CA ASP A 76 5.03 -1.01 -4.44
C ASP A 76 4.56 -0.48 -3.07
N ARG A 77 4.99 -1.09 -2.01
CA ARG A 77 4.57 -0.63 -0.66
C ARG A 77 5.49 0.50 -0.18
N ASP A 78 6.46 0.88 -0.96
CA ASP A 78 7.38 1.96 -0.54
C ASP A 78 7.39 3.09 -1.58
N GLY A 79 6.71 2.90 -2.68
CA GLY A 79 6.69 3.96 -3.72
C GLY A 79 7.66 3.58 -4.85
N LYS A 80 8.86 3.18 -4.51
CA LYS A 80 9.84 2.80 -5.55
C LYS A 80 9.41 1.49 -6.22
N GLU A 81 8.79 1.58 -7.37
CA GLU A 81 8.34 0.35 -8.09
C GLU A 81 9.32 -0.81 -7.87
N ARG A 82 8.81 -1.98 -7.58
CA ARG A 82 9.70 -3.15 -7.34
C ARG A 82 9.04 -4.45 -7.83
N VAL A 83 9.72 -5.55 -7.68
CA VAL A 83 9.15 -6.85 -8.13
C VAL A 83 8.11 -7.36 -7.12
N THR A 84 7.44 -8.43 -7.44
CA THR A 84 6.43 -8.99 -6.50
C THR A 84 7.13 -9.69 -5.32
N GLY A 85 8.43 -9.75 -5.35
CA GLY A 85 9.17 -10.42 -4.25
C GLY A 85 9.12 -9.52 -3.01
N GLU A 86 8.74 -8.28 -3.18
CA GLU A 86 8.66 -7.35 -2.02
C GLU A 86 7.51 -7.76 -1.09
N GLU A 87 7.41 -7.14 0.05
CA GLU A 87 6.29 -7.49 0.99
C GLU A 87 6.05 -6.35 1.98
N TRP A 88 5.02 -6.45 2.76
CA TRP A 88 4.72 -5.38 3.75
C TRP A 88 3.88 -5.95 4.90
N LEU A 89 3.96 -5.35 6.06
CA LEU A 89 3.16 -5.86 7.21
C LEU A 89 2.26 -4.76 7.75
N VAL A 90 0.98 -5.02 7.83
CA VAL A 90 0.04 -3.97 8.34
C VAL A 90 -0.42 -4.33 9.76
N THR A 91 -0.50 -3.35 10.62
CA THR A 91 -0.94 -3.63 12.02
C THR A 91 -1.83 -2.50 12.54
N THR A 92 -2.82 -2.11 11.79
CA THR A 92 -3.72 -1.01 12.23
C THR A 92 -4.92 -1.59 13.00
N VAL A 93 -5.31 -0.96 14.07
CA VAL A 93 -6.46 -1.46 14.87
C VAL A 93 -7.76 -1.25 14.10
N GLY A 94 -8.67 -2.19 14.14
CA GLY A 94 -9.96 -2.03 13.42
C GLY A 94 -9.68 -1.45 12.03
N ALA A 95 -9.28 -2.27 11.10
CA ALA A 95 -8.97 -1.76 9.73
C ALA A 95 -9.10 -2.88 8.70
N TYR A 96 -9.39 -2.52 7.47
CA TYR A 96 -9.52 -3.55 6.40
C TYR A 96 -8.46 -3.33 5.31
N LEU A 97 -7.36 -2.72 5.68
CA LEU A 97 -6.26 -2.46 4.69
C LEU A 97 -6.15 -3.57 3.66
N PRO A 98 -6.85 -3.40 2.56
CA PRO A 98 -6.82 -4.40 1.48
C PRO A 98 -5.73 -4.07 0.47
N ALA A 99 -4.75 -4.92 0.34
CA ALA A 99 -3.64 -4.66 -0.63
C ALA A 99 -4.16 -4.78 -2.07
N VAL A 100 -3.35 -4.41 -3.02
CA VAL A 100 -3.78 -4.51 -4.45
C VAL A 100 -3.20 -5.79 -5.07
N PHE A 101 -1.90 -5.94 -5.07
CA PHE A 101 -1.27 -7.18 -5.64
C PHE A 101 -0.52 -7.91 -4.54
N GLU A 102 -1.05 -7.94 -3.36
CA GLU A 102 -0.34 -8.62 -2.24
C GLU A 102 -1.28 -9.56 -1.48
N GLU A 103 -0.83 -10.76 -1.21
CA GLU A 103 -1.69 -11.74 -0.47
C GLU A 103 -1.21 -11.88 0.98
N VAL A 104 -1.96 -12.56 1.80
CA VAL A 104 -1.55 -12.73 3.21
C VAL A 104 -0.94 -14.12 3.43
N LEU A 105 0.05 -14.23 4.28
CA LEU A 105 0.68 -15.55 4.52
C LEU A 105 0.20 -16.12 5.86
N ASP A 106 0.07 -15.30 6.85
CA ASP A 106 -0.40 -15.79 8.18
C ASP A 106 -0.90 -14.61 9.03
N LEU A 107 -1.50 -14.89 10.16
CA LEU A 107 -2.01 -13.78 11.01
C LEU A 107 -1.38 -13.84 12.40
N VAL A 108 -1.08 -12.72 12.98
CA VAL A 108 -0.47 -12.70 14.34
C VAL A 108 -1.31 -11.82 15.27
N ASP A 109 -1.21 -12.02 16.56
CA ASP A 109 -2.03 -11.19 17.50
C ASP A 109 -1.15 -10.24 18.29
N ALA A 110 -1.37 -8.96 18.18
CA ALA A 110 -0.55 -7.98 18.95
C ALA A 110 -0.96 -7.99 20.42
N VAL A 111 -0.24 -7.30 21.27
CA VAL A 111 -0.61 -7.28 22.71
C VAL A 111 -0.65 -5.85 23.24
N ILE A 112 0.12 -4.96 22.69
CA ILE A 112 0.10 -3.56 23.19
C ILE A 112 0.32 -2.57 22.02
N LEU A 113 -0.05 -2.95 20.84
CA LEU A 113 0.14 -2.04 19.67
C LEU A 113 -1.19 -1.42 19.25
N GLY A 1 -10.75 11.99 -3.80
CA GLY A 1 -10.47 12.77 -2.57
C GLY A 1 -9.89 14.14 -2.95
N SER A 2 -8.64 14.17 -3.35
CA SER A 2 -8.02 15.47 -3.73
C SER A 2 -8.35 16.56 -2.71
N HIS A 3 -8.13 17.79 -3.05
CA HIS A 3 -8.43 18.90 -2.09
C HIS A 3 -7.60 18.73 -0.81
N MET A 4 -6.61 17.88 -0.85
CA MET A 4 -5.76 17.67 0.35
C MET A 4 -6.57 17.00 1.47
N GLN A 5 -6.05 15.94 2.02
CA GLN A 5 -6.79 15.23 3.11
C GLN A 5 -5.82 14.92 4.27
N VAL A 6 -5.64 15.84 5.16
CA VAL A 6 -4.70 15.61 6.32
C VAL A 6 -4.77 14.17 6.84
N VAL A 7 -3.80 13.79 7.64
CA VAL A 7 -3.74 12.41 8.21
C VAL A 7 -5.15 11.82 8.41
N LEU A 8 -5.26 10.52 8.33
CA LEU A 8 -6.58 9.87 8.54
C LEU A 8 -6.61 9.17 9.90
N PRO A 9 -7.76 8.70 10.28
CA PRO A 9 -7.92 8.01 11.58
C PRO A 9 -7.25 6.63 11.54
N ASN A 10 -7.38 5.95 10.43
CA ASN A 10 -6.74 4.60 10.31
C ASN A 10 -7.19 3.93 9.01
N THR A 11 -7.34 4.69 7.96
CA THR A 11 -7.79 4.13 6.66
C THR A 11 -6.69 4.22 5.60
N ALA A 12 -6.81 3.47 4.54
CA ALA A 12 -5.78 3.51 3.46
C ALA A 12 -6.46 3.56 2.10
N LEU A 13 -5.76 3.97 1.07
CA LEU A 13 -6.38 4.02 -0.28
C LEU A 13 -5.44 3.41 -1.32
N HIS A 14 -5.99 2.91 -2.39
CA HIS A 14 -5.12 2.30 -3.45
C HIS A 14 -4.86 3.33 -4.54
N LEU A 15 -3.65 3.43 -5.01
CA LEU A 15 -3.35 4.42 -6.09
C LEU A 15 -2.47 3.79 -7.17
N LYS A 16 -2.34 4.44 -8.29
CA LYS A 16 -1.50 3.88 -9.38
C LYS A 16 -0.34 4.82 -9.70
N ALA A 17 0.87 4.38 -9.51
CA ALA A 17 2.04 5.25 -9.79
C ALA A 17 2.25 5.34 -11.31
N LEU A 18 2.13 6.51 -11.85
CA LEU A 18 2.32 6.71 -13.31
C LEU A 18 3.63 7.46 -13.57
N LEU A 19 4.66 6.76 -13.96
CA LEU A 19 5.95 7.43 -14.22
C LEU A 19 6.88 6.51 -15.02
N ASP A 20 7.66 7.07 -15.90
CA ASP A 20 8.60 6.24 -16.71
C ASP A 20 9.88 6.02 -15.91
N PHE A 21 10.13 4.82 -15.46
CA PHE A 21 11.36 4.58 -14.66
C PHE A 21 12.15 3.39 -15.23
N GLU A 22 13.31 3.65 -15.75
CA GLU A 22 14.14 2.54 -16.31
C GLU A 22 15.12 2.08 -15.23
N ASP A 23 14.98 0.87 -14.77
CA ASP A 23 15.89 0.37 -13.71
C ASP A 23 16.58 -0.92 -14.17
N LYS A 24 17.64 -1.30 -13.51
CA LYS A 24 18.36 -2.54 -13.91
C LYS A 24 17.77 -3.76 -13.19
N ASP A 25 17.28 -3.56 -12.00
CA ASP A 25 16.68 -4.71 -11.24
C ASP A 25 15.19 -4.45 -10.98
N GLY A 26 14.74 -3.26 -11.22
CA GLY A 26 13.29 -2.95 -10.99
C GLY A 26 12.48 -3.30 -12.24
N ASP A 27 13.11 -3.89 -13.22
CA ASP A 27 12.38 -4.26 -14.47
C ASP A 27 11.90 -3.01 -15.20
N LYS A 28 12.36 -1.85 -14.80
CA LYS A 28 11.94 -0.60 -15.47
C LYS A 28 10.41 -0.47 -15.46
N VAL A 29 9.89 0.48 -14.74
CA VAL A 29 8.40 0.65 -14.70
C VAL A 29 7.95 1.60 -15.81
N VAL A 30 6.76 1.42 -16.32
CA VAL A 30 6.28 2.32 -17.41
C VAL A 30 4.85 2.79 -17.11
N ALA A 31 4.71 3.78 -16.28
CA ALA A 31 3.36 4.29 -15.96
C ALA A 31 2.39 3.12 -15.75
N GLY A 32 2.59 2.36 -14.72
CA GLY A 32 1.67 1.20 -14.48
C GLY A 32 1.87 0.62 -13.08
N ASP A 33 2.45 1.36 -12.16
CA ASP A 33 2.62 0.80 -10.79
C ASP A 33 1.38 1.11 -9.95
N GLU A 34 1.07 0.30 -8.98
CA GLU A 34 -0.15 0.57 -8.15
C GLU A 34 0.00 -0.06 -6.77
N TRP A 35 -0.45 0.62 -5.75
CA TRP A 35 -0.33 0.03 -4.38
C TRP A 35 -1.24 0.74 -3.38
N LEU A 36 -1.32 0.21 -2.19
CA LEU A 36 -2.20 0.81 -1.14
C LEU A 36 -1.44 1.84 -0.31
N PHE A 37 -2.14 2.73 0.35
CA PHE A 37 -1.46 3.75 1.19
C PHE A 37 -2.17 3.88 2.54
N GLU A 38 -1.50 3.53 3.60
CA GLU A 38 -2.12 3.63 4.96
C GLU A 38 -1.92 5.03 5.54
N GLY A 39 -2.95 5.59 6.10
CA GLY A 39 -2.81 6.95 6.68
C GLY A 39 -2.27 7.91 5.62
N PRO A 40 -2.79 7.82 4.43
CA PRO A 40 -2.33 8.70 3.33
C PRO A 40 -2.91 10.11 3.48
N GLY A 41 -2.93 10.65 4.66
CA GLY A 41 -3.50 12.01 4.82
C GLY A 41 -2.63 13.02 4.08
N THR A 42 -1.39 12.72 3.88
CA THR A 42 -0.51 13.66 3.15
C THR A 42 -0.33 13.20 1.70
N TYR A 43 -1.14 12.26 1.27
CA TYR A 43 -1.02 11.79 -0.13
C TYR A 43 -1.87 12.68 -1.05
N ILE A 44 -1.27 13.26 -2.04
CA ILE A 44 -2.04 14.13 -2.97
C ILE A 44 -2.00 13.53 -4.37
N PRO A 45 -3.08 13.68 -5.08
CA PRO A 45 -3.17 13.15 -6.46
C PRO A 45 -2.25 13.94 -7.39
N ARG A 46 -0.99 13.61 -7.43
CA ARG A 46 -0.03 14.34 -8.31
C ARG A 46 0.14 13.62 -9.65
N LYS A 47 0.47 14.34 -10.68
CA LYS A 47 0.65 13.71 -12.01
C LYS A 47 1.42 12.39 -11.89
N GLU A 48 2.44 12.36 -11.08
CA GLU A 48 3.23 11.10 -10.91
C GLU A 48 2.30 9.90 -10.81
N VAL A 49 1.28 9.98 -9.99
CA VAL A 49 0.34 8.83 -9.84
C VAL A 49 -1.11 9.33 -9.82
N GLU A 50 -2.05 8.43 -9.82
CA GLU A 50 -3.48 8.84 -9.81
C GLU A 50 -4.25 8.04 -8.77
N VAL A 51 -5.18 8.67 -8.09
CA VAL A 51 -5.97 7.93 -7.06
C VAL A 51 -6.77 6.81 -7.72
N VAL A 52 -6.69 5.62 -7.18
CA VAL A 52 -7.44 4.48 -7.79
C VAL A 52 -8.63 4.09 -6.90
N GLU A 53 -8.37 3.68 -5.69
CA GLU A 53 -9.48 3.27 -4.78
C GLU A 53 -9.22 3.77 -3.35
N ILE A 54 -10.20 3.70 -2.50
CA ILE A 54 -10.00 4.15 -1.09
C ILE A 54 -10.48 3.06 -0.14
N ILE A 55 -9.93 2.99 1.04
CA ILE A 55 -10.36 1.93 2.00
C ILE A 55 -10.23 2.40 3.45
N GLN A 56 -11.04 1.88 4.33
CA GLN A 56 -10.96 2.29 5.77
C GLN A 56 -10.74 1.06 6.65
N ALA A 57 -10.61 1.26 7.94
CA ALA A 57 -10.38 0.10 8.86
C ALA A 57 -11.70 -0.50 9.30
N THR A 58 -11.85 -1.80 9.19
CA THR A 58 -13.13 -2.44 9.62
C THR A 58 -13.11 -3.94 9.34
N ILE A 59 -12.11 -4.66 9.79
CA ILE A 59 -12.11 -6.13 9.53
C ILE A 59 -11.24 -6.89 10.54
N ILE A 60 -9.96 -6.59 10.65
CA ILE A 60 -9.14 -7.35 11.65
C ILE A 60 -9.09 -6.61 13.00
N ARG A 61 -8.32 -7.10 13.93
CA ARG A 61 -8.21 -6.44 15.26
C ARG A 61 -6.92 -5.61 15.34
N GLN A 62 -6.79 -4.80 16.36
CA GLN A 62 -5.57 -3.94 16.49
C GLN A 62 -4.31 -4.77 16.75
N ASN A 63 -4.18 -5.31 17.92
CA ASN A 63 -2.96 -6.11 18.26
C ASN A 63 -2.51 -6.99 17.09
N GLN A 64 -3.39 -7.35 16.19
CA GLN A 64 -2.98 -8.22 15.07
C GLN A 64 -1.82 -7.63 14.25
N ALA A 65 -1.24 -8.43 13.40
CA ALA A 65 -0.12 -7.99 12.52
C ALA A 65 -0.18 -8.81 11.23
N LEU A 66 -0.12 -8.19 10.08
CA LEU A 66 -0.21 -8.99 8.83
C LEU A 66 0.92 -8.68 7.84
N ARG A 67 1.61 -9.71 7.40
CA ARG A 67 2.71 -9.51 6.41
C ARG A 67 2.23 -9.92 5.02
N LEU A 68 2.43 -9.09 4.04
CA LEU A 68 1.98 -9.44 2.67
C LEU A 68 3.16 -9.53 1.70
N ARG A 69 3.05 -10.37 0.70
CA ARG A 69 4.15 -10.50 -0.29
C ARG A 69 3.67 -10.03 -1.67
N ALA A 70 4.51 -9.33 -2.39
CA ALA A 70 4.09 -8.84 -3.74
C ALA A 70 3.73 -10.02 -4.65
N ARG A 71 2.79 -9.83 -5.53
CA ARG A 71 2.39 -10.92 -6.46
C ARG A 71 2.91 -10.64 -7.87
N LYS A 72 2.77 -9.42 -8.32
CA LYS A 72 3.27 -9.08 -9.69
C LYS A 72 4.28 -7.93 -9.59
N GLU A 73 5.38 -8.05 -10.28
CA GLU A 73 6.41 -6.97 -10.22
C GLU A 73 5.81 -5.62 -10.64
N CYS A 74 5.41 -4.82 -9.69
CA CYS A 74 4.82 -3.50 -10.04
C CYS A 74 4.39 -2.75 -8.77
N TRP A 75 3.78 -3.44 -7.84
CA TRP A 75 3.32 -2.77 -6.59
C TRP A 75 4.51 -2.49 -5.67
N ASP A 76 4.74 -1.26 -5.35
CA ASP A 76 5.87 -0.92 -4.43
C ASP A 76 5.31 -0.28 -3.15
N ARG A 77 5.38 -0.97 -2.05
CA ARG A 77 4.84 -0.40 -0.77
C ARG A 77 5.56 0.91 -0.45
N ASP A 78 6.75 1.10 -0.96
CA ASP A 78 7.49 2.35 -0.66
C ASP A 78 7.14 3.43 -1.70
N GLY A 79 6.64 3.02 -2.84
CA GLY A 79 6.28 4.02 -3.88
C GLY A 79 7.40 4.09 -4.92
N LYS A 80 8.26 3.11 -4.95
CA LYS A 80 9.36 3.11 -5.94
C LYS A 80 9.14 2.01 -6.98
N GLU A 81 10.18 1.30 -7.35
CA GLU A 81 10.02 0.22 -8.37
C GLU A 81 10.75 -1.04 -7.92
N ARG A 82 10.04 -2.04 -7.47
CA ARG A 82 10.70 -3.31 -7.02
C ARG A 82 10.10 -4.52 -7.73
N VAL A 83 10.60 -5.69 -7.43
CA VAL A 83 10.07 -6.91 -8.10
C VAL A 83 8.94 -7.54 -7.27
N THR A 84 8.31 -8.56 -7.79
CA THR A 84 7.19 -9.21 -7.04
C THR A 84 7.74 -10.00 -5.85
N GLY A 85 9.04 -10.11 -5.74
CA GLY A 85 9.62 -10.86 -4.60
C GLY A 85 9.63 -9.97 -3.35
N GLU A 86 9.52 -8.69 -3.53
CA GLU A 86 9.51 -7.76 -2.36
C GLU A 86 8.24 -7.99 -1.53
N GLU A 87 8.25 -7.55 -0.29
CA GLU A 87 7.05 -7.74 0.58
C GLU A 87 7.04 -6.67 1.68
N TRP A 88 5.94 -6.53 2.38
CA TRP A 88 5.88 -5.51 3.47
C TRP A 88 4.97 -6.01 4.61
N LEU A 89 5.31 -5.71 5.83
CA LEU A 89 4.45 -6.17 6.97
C LEU A 89 3.85 -4.98 7.69
N VAL A 90 2.55 -4.94 7.80
CA VAL A 90 1.90 -3.79 8.50
C VAL A 90 1.38 -4.23 9.88
N THR A 91 1.68 -3.45 10.89
CA THR A 91 1.21 -3.79 12.26
C THR A 91 0.23 -2.71 12.73
N THR A 92 -0.47 -2.10 11.81
CA THR A 92 -1.43 -1.04 12.21
C THR A 92 -2.68 -1.68 12.83
N VAL A 93 -3.55 -0.89 13.38
CA VAL A 93 -4.77 -1.49 14.01
C VAL A 93 -5.37 -2.52 13.04
N GLY A 94 -6.36 -3.27 13.47
CA GLY A 94 -6.98 -4.28 12.57
C GLY A 94 -7.20 -3.65 11.20
N ALA A 95 -8.32 -3.06 11.00
CA ALA A 95 -8.61 -2.42 9.68
C ALA A 95 -8.58 -3.46 8.57
N TYR A 96 -8.57 -3.03 7.35
CA TYR A 96 -8.53 -3.99 6.21
C TYR A 96 -7.29 -3.75 5.36
N LEU A 97 -7.21 -2.61 4.73
CA LEU A 97 -6.02 -2.29 3.89
C LEU A 97 -5.66 -3.48 2.99
N PRO A 98 -6.50 -3.70 2.01
CA PRO A 98 -6.26 -4.82 1.05
C PRO A 98 -5.19 -4.42 0.03
N ALA A 99 -4.11 -5.15 -0.03
CA ALA A 99 -3.03 -4.82 -1.00
C ALA A 99 -3.46 -5.18 -2.42
N VAL A 100 -3.16 -4.33 -3.37
CA VAL A 100 -3.57 -4.64 -4.78
C VAL A 100 -2.75 -5.82 -5.34
N PHE A 101 -1.44 -5.77 -5.25
CA PHE A 101 -0.64 -6.91 -5.78
C PHE A 101 0.05 -7.66 -4.64
N GLU A 102 -0.49 -7.60 -3.46
CA GLU A 102 0.16 -8.31 -2.32
C GLU A 102 -0.80 -9.34 -1.71
N GLU A 103 -0.29 -10.47 -1.31
CA GLU A 103 -1.16 -11.51 -0.71
C GLU A 103 -0.72 -11.82 0.73
N VAL A 104 -1.63 -12.25 1.55
CA VAL A 104 -1.27 -12.56 2.96
C VAL A 104 -0.95 -14.05 3.10
N LEU A 105 0.13 -14.38 3.76
CA LEU A 105 0.49 -15.82 3.92
C LEU A 105 0.15 -16.29 5.33
N ASP A 106 0.05 -15.37 6.27
CA ASP A 106 -0.28 -15.78 7.67
C ASP A 106 -0.49 -14.54 8.54
N LEU A 107 -1.50 -14.55 9.37
CA LEU A 107 -1.75 -13.37 10.25
C LEU A 107 -1.21 -13.65 11.64
N VAL A 108 -0.84 -12.62 12.38
CA VAL A 108 -0.30 -12.85 13.75
C VAL A 108 -0.99 -11.94 14.76
N ASP A 109 -1.16 -12.40 15.98
CA ASP A 109 -1.82 -11.57 17.01
C ASP A 109 -0.79 -11.06 18.02
N ALA A 110 -0.74 -9.78 18.24
CA ALA A 110 0.26 -9.23 19.20
C ALA A 110 -0.08 -9.67 20.63
N VAL A 111 0.92 -10.02 21.39
CA VAL A 111 0.69 -10.47 22.80
C VAL A 111 1.78 -9.93 23.71
N ILE A 112 1.59 -8.78 24.29
CA ILE A 112 2.63 -8.20 25.18
C ILE A 112 2.03 -7.87 26.55
N LEU A 113 2.77 -8.07 27.61
CA LEU A 113 2.24 -7.78 28.97
C LEU A 113 3.11 -6.71 29.64
#